data_6CMZ
#
_entry.id   6CMZ
#
_cell.length_a   83.565
_cell.length_b   107.246
_cell.length_c   105.427
_cell.angle_alpha   90.00
_cell.angle_beta   106.09
_cell.angle_gamma   90.00
#
_symmetry.space_group_name_H-M   'P 1 21 1'
#
loop_
_entity.id
_entity.type
_entity.pdbx_description
1 polymer 'Dihydrolipoyl dehydrogenase'
2 non-polymer 'CHLORIDE ION'
3 non-polymer 'FLAVIN-ADENINE DINUCLEOTIDE'
4 non-polymer NICOTINAMIDE-ADENINE-DINUCLEOTIDE
5 non-polymer 'FLAVIN MONONUCLEOTIDE'
6 non-polymer "ADENOSINE-5'-DIPHOSPHATE"
7 non-polymer D-MALATE
8 water water
#
_entity_poly.entity_id   1
_entity_poly.type   'polypeptide(L)'
_entity_poly.pdbx_seq_one_letter_code
;SNAMKNEHTTLLVIGGGPGGYVAAIRAGQLGIPTVLVERDRLGGTCLNIGCIPSKALIHVADAFEQACGHAGEGALGIRV
RAPEIDIAKSVAWKDGIVDRLTRGVGALLKKSGVRVLHGEARVIDGKTVEVVSAGHAVRIGCEHLLLATGSEPVELPSMP
FGGHVVSSTDALSPATLPKRLVVVGAGYIGLELGIVYRKLGVDVSVVEAAERVLPAYDAELVRPVADSLARLGVRLWLGH
KVLGLDKHGAVRVQAADGAEQTLPADRVLVAVGRRPRVDGFGLETLMLDRNGRALRIDDTCRTSMRNVWAIGDVAGEPML
AHRAMAQGEMVAELIAGRRRQFMPAAIPAVCFTDPEIVTAGWSPDDAHAAGVDCLSASFPFAANGRAMTLQATDGFVRVV
ARRDNHLIVGWQAVGRGVSELAAAFSQSLEMGARLEDIGGTIHAHPTLGEALQEAALRALGHALHV
;
_entity_poly.pdbx_strand_id   A,B,C,D
#
loop_
_chem_comp.id
_chem_comp.type
_chem_comp.name
_chem_comp.formula
ADP non-polymer ADENOSINE-5'-DIPHOSPHATE 'C10 H15 N5 O10 P2'
CL non-polymer 'CHLORIDE ION' 'Cl -1'
FAD non-polymer 'FLAVIN-ADENINE DINUCLEOTIDE' 'C27 H33 N9 O15 P2'
FMN non-polymer 'FLAVIN MONONUCLEOTIDE' 'C17 H21 N4 O9 P'
MLT non-polymer D-MALATE 'C4 H6 O5'
NAD non-polymer NICOTINAMIDE-ADENINE-DINUCLEOTIDE 'C21 H27 N7 O14 P2'
#
# COMPACT_ATOMS: atom_id res chain seq x y z
N LYS A 5 -3.54 43.82 6.68
CA LYS A 5 -3.93 42.39 6.87
C LYS A 5 -3.03 41.74 7.92
N ASN A 6 -3.19 42.18 9.18
CA ASN A 6 -2.36 41.69 10.29
C ASN A 6 -2.98 40.43 10.94
N GLU A 7 -2.13 39.42 11.17
CA GLU A 7 -2.53 38.14 11.77
C GLU A 7 -1.63 37.80 12.96
N HIS A 8 -2.06 36.85 13.81
CA HIS A 8 -1.30 36.52 15.02
C HIS A 8 -1.28 35.04 15.46
N THR A 9 -0.13 34.61 15.98
CA THR A 9 0.08 33.28 16.56
C THR A 9 1.13 33.38 17.64
N THR A 10 1.37 32.25 18.31
CA THR A 10 2.35 32.18 19.37
C THR A 10 3.71 31.86 18.77
N LEU A 11 3.80 30.75 18.04
CA LEU A 11 5.04 30.29 17.41
C LEU A 11 5.00 30.40 15.91
N LEU A 12 5.95 31.15 15.34
CA LEU A 12 6.06 31.32 13.90
C LEU A 12 7.38 30.67 13.47
N VAL A 13 7.27 29.61 12.67
CA VAL A 13 8.43 28.85 12.20
C VAL A 13 8.83 29.23 10.78
N ILE A 14 10.07 29.69 10.60
CA ILE A 14 10.57 30.04 9.27
C ILE A 14 11.40 28.85 8.79
N GLY A 15 10.84 28.12 7.82
CA GLY A 15 11.50 26.95 7.22
C GLY A 15 10.69 25.70 7.46
N GLY A 16 10.44 24.96 6.38
CA GLY A 16 9.68 23.71 6.44
C GLY A 16 10.56 22.48 6.20
N GLY A 17 11.81 22.57 6.66
CA GLY A 17 12.73 21.44 6.54
C GLY A 17 12.54 20.55 7.75
N PRO A 18 13.37 19.51 7.90
CA PRO A 18 13.27 18.59 9.04
C PRO A 18 13.16 19.30 10.39
N GLY A 19 13.90 20.37 10.59
CA GLY A 19 13.83 21.08 11.87
C GLY A 19 12.50 21.79 12.01
N GLY A 20 12.20 22.63 11.04
CA GLY A 20 10.97 23.40 11.04
C GLY A 20 9.67 22.61 11.14
N TYR A 21 9.51 21.59 10.29
CA TYR A 21 8.25 20.82 10.30
C TYR A 21 8.06 19.95 11.53
N VAL A 22 9.14 19.36 12.04
CA VAL A 22 9.08 18.54 13.26
C VAL A 22 8.73 19.46 14.45
N ALA A 23 9.27 20.67 14.45
CA ALA A 23 9.00 21.63 15.52
C ALA A 23 7.55 22.07 15.50
N ALA A 24 7.05 22.40 14.30
CA ALA A 24 5.65 22.83 14.13
C ALA A 24 4.68 21.71 14.47
N ILE A 25 5.00 20.49 14.05
CA ILE A 25 4.15 19.34 14.37
C ILE A 25 4.07 19.14 15.89
N ARG A 26 5.22 19.12 16.54
CA ARG A 26 5.27 18.91 17.99
C ARG A 26 4.47 20.00 18.70
N ALA A 27 4.77 21.25 18.37
CA ALA A 27 4.11 22.42 18.96
C ALA A 27 2.59 22.35 18.77
N GLY A 28 2.17 21.99 17.56
CA GLY A 28 0.75 21.85 17.23
C GLY A 28 0.11 20.78 18.08
N GLN A 29 0.78 19.63 18.22
CA GLN A 29 0.31 18.53 19.07
C GLN A 29 0.18 18.95 20.54
N LEU A 30 1.04 19.87 20.96
CA LEU A 30 1.00 20.36 22.34
C LEU A 30 0.03 21.52 22.56
N GLY A 31 -0.78 21.86 21.54
CA GLY A 31 -1.79 22.90 21.65
C GLY A 31 -1.31 24.34 21.48
N ILE A 32 -0.10 24.52 20.95
CA ILE A 32 0.46 25.86 20.74
C ILE A 32 0.04 26.36 19.35
N PRO A 33 -0.68 27.51 19.28
CA PRO A 33 -1.02 28.02 17.94
C PRO A 33 0.29 28.25 17.18
N THR A 34 0.43 27.63 16.00
CA THR A 34 1.66 27.69 15.22
C THR A 34 1.46 27.99 13.76
N VAL A 35 2.37 28.78 13.20
CA VAL A 35 2.37 29.09 11.77
C VAL A 35 3.75 28.70 11.25
N LEU A 36 3.80 27.88 10.20
CA LEU A 36 5.07 27.49 9.58
C LEU A 36 5.09 28.11 8.19
N VAL A 37 6.23 28.70 7.79
CA VAL A 37 6.34 29.33 6.47
C VAL A 37 7.42 28.65 5.64
N GLU A 38 7.08 28.30 4.40
CA GLU A 38 8.01 27.64 3.46
C GLU A 38 7.93 28.31 2.11
N ARG A 39 9.08 28.79 1.62
CA ARG A 39 9.15 29.49 0.32
C ARG A 39 9.13 28.54 -0.88
N ASP A 40 9.55 27.29 -0.67
CA ASP A 40 9.70 26.35 -1.75
C ASP A 40 8.86 25.08 -1.55
N ARG A 41 9.47 24.03 -1.00
CA ARG A 41 8.77 22.76 -0.83
C ARG A 41 8.98 22.24 0.59
N LEU A 42 7.91 21.68 1.16
CA LEU A 42 8.00 21.13 2.51
C LEU A 42 8.98 19.96 2.45
N GLY A 43 9.71 19.77 3.54
CA GLY A 43 10.72 18.71 3.64
C GLY A 43 12.13 19.27 3.52
N GLY A 44 12.23 20.50 3.02
CA GLY A 44 13.50 21.18 2.86
C GLY A 44 14.52 20.42 2.03
N THR A 45 15.78 20.61 2.41
CA THR A 45 16.92 20.00 1.76
C THR A 45 16.91 18.50 1.90
N CYS A 46 16.69 18.03 3.12
CA CYS A 46 16.70 16.60 3.38
C CYS A 46 15.86 15.74 2.45
N LEU A 47 14.60 16.12 2.24
N LEU A 47 14.61 16.14 2.24
CA LEU A 47 13.69 15.34 1.40
CA LEU A 47 13.69 15.36 1.41
C LEU A 47 13.77 15.65 -0.09
C LEU A 47 13.77 15.65 -0.08
N ASN A 48 13.83 16.93 -0.44
CA ASN A 48 13.83 17.36 -1.85
C ASN A 48 15.14 17.31 -2.64
N ILE A 49 16.25 17.64 -1.99
CA ILE A 49 17.56 17.69 -2.67
C ILE A 49 18.73 17.24 -1.80
N GLY A 50 18.50 16.31 -0.87
CA GLY A 50 19.58 15.88 0.04
C GLY A 50 19.56 14.44 0.51
N CYS A 51 19.05 14.21 1.73
CA CYS A 51 19.05 12.86 2.34
C CYS A 51 18.41 11.80 1.46
N ILE A 52 17.12 11.96 1.20
CA ILE A 52 16.35 10.96 0.47
C ILE A 52 16.78 10.73 -0.97
N PRO A 53 16.93 11.82 -1.74
CA PRO A 53 17.36 11.63 -3.12
C PRO A 53 18.69 10.89 -3.22
N SER A 54 19.65 11.27 -2.37
CA SER A 54 20.98 10.62 -2.40
C SER A 54 20.84 9.13 -2.06
N LYS A 55 20.13 8.79 -1.00
CA LYS A 55 19.94 7.37 -0.67
C LYS A 55 19.17 6.62 -1.77
N ALA A 56 18.22 7.29 -2.41
CA ALA A 56 17.47 6.66 -3.51
C ALA A 56 18.42 6.34 -4.66
N LEU A 57 19.20 7.32 -5.11
CA LEU A 57 20.15 7.09 -6.20
C LEU A 57 21.20 6.04 -5.84
N ILE A 58 21.60 6.02 -4.58
CA ILE A 58 22.53 4.98 -4.10
C ILE A 58 21.86 3.60 -4.26
N HIS A 59 20.55 3.53 -4.07
CA HIS A 59 19.82 2.26 -4.26
C HIS A 59 19.82 1.84 -5.73
N VAL A 60 19.60 2.81 -6.62
CA VAL A 60 19.57 2.57 -8.06
C VAL A 60 20.94 2.08 -8.52
N ALA A 61 21.99 2.77 -8.08
CA ALA A 61 23.36 2.43 -8.42
C ALA A 61 23.71 1.02 -7.91
N ASP A 62 23.37 0.74 -6.65
CA ASP A 62 23.60 -0.59 -6.09
C ASP A 62 22.85 -1.67 -6.91
N ALA A 63 21.61 -1.36 -7.31
CA ALA A 63 20.82 -2.29 -8.12
C ALA A 63 21.48 -2.56 -9.47
N PHE A 64 22.02 -1.51 -10.06
CA PHE A 64 22.69 -1.59 -11.36
C PHE A 64 24.01 -2.35 -11.24
N GLU A 65 24.80 -2.02 -10.21
CA GLU A 65 26.08 -2.69 -9.96
C GLU A 65 25.87 -4.19 -9.90
N GLN A 66 24.85 -4.57 -9.14
CA GLN A 66 24.48 -5.97 -8.96
C GLN A 66 23.97 -6.60 -10.25
N ALA A 67 23.20 -5.87 -11.04
CA ALA A 67 22.69 -6.38 -12.29
C ALA A 67 23.84 -6.68 -13.27
N CYS A 68 24.89 -5.84 -13.21
CA CYS A 68 26.09 -5.99 -14.06
C CYS A 68 27.10 -7.07 -13.60
N GLY A 69 26.91 -7.59 -12.39
CA GLY A 69 27.82 -8.60 -11.85
C GLY A 69 29.08 -8.00 -11.26
N HIS A 70 29.01 -6.74 -10.82
CA HIS A 70 30.17 -6.06 -10.23
C HIS A 70 30.24 -6.18 -8.69
N ALA A 71 29.32 -6.93 -8.11
CA ALA A 71 29.30 -7.16 -6.66
C ALA A 71 29.42 -8.65 -6.32
N GLY A 72 30.30 -9.35 -7.05
CA GLY A 72 30.56 -10.77 -6.81
C GLY A 72 29.46 -11.77 -7.09
N GLU A 73 28.60 -11.48 -8.07
CA GLU A 73 27.53 -12.41 -8.45
C GLU A 73 28.08 -13.70 -9.06
N GLY A 74 29.23 -13.61 -9.74
CA GLY A 74 29.87 -14.78 -10.36
C GLY A 74 30.27 -15.84 -9.35
N ALA A 75 30.72 -15.41 -8.17
CA ALA A 75 31.14 -16.34 -7.12
C ALA A 75 29.97 -17.18 -6.57
N LEU A 76 28.74 -16.65 -6.69
CA LEU A 76 27.53 -17.33 -6.21
C LEU A 76 26.95 -18.24 -7.29
N GLY A 77 27.68 -18.44 -8.38
CA GLY A 77 27.22 -19.28 -9.49
C GLY A 77 26.26 -18.56 -10.43
N ILE A 78 26.06 -17.26 -10.24
CA ILE A 78 25.16 -16.49 -11.08
C ILE A 78 25.91 -15.83 -12.24
N ARG A 79 25.53 -16.20 -13.45
CA ARG A 79 26.15 -15.68 -14.67
C ARG A 79 25.14 -14.69 -15.26
N VAL A 80 25.57 -13.45 -15.42
CA VAL A 80 24.67 -12.39 -15.91
C VAL A 80 24.97 -11.90 -17.31
N ARG A 81 23.96 -11.21 -17.85
CA ARG A 81 24.03 -10.51 -19.11
C ARG A 81 23.88 -9.05 -18.71
N ALA A 82 24.69 -8.20 -19.32
CA ALA A 82 24.72 -6.77 -19.00
C ALA A 82 23.35 -6.10 -19.17
N PRO A 83 23.00 -5.22 -18.22
CA PRO A 83 21.75 -4.48 -18.28
C PRO A 83 21.97 -3.10 -18.90
N GLU A 84 20.88 -2.38 -19.12
CA GLU A 84 20.93 -1.01 -19.62
C GLU A 84 20.13 -0.21 -18.61
N ILE A 85 20.41 1.10 -18.51
CA ILE A 85 19.71 1.95 -17.58
C ILE A 85 19.25 3.25 -18.21
N ASP A 86 18.02 3.64 -17.90
CA ASP A 86 17.43 4.89 -18.36
C ASP A 86 17.48 5.78 -17.11
N ILE A 87 18.49 6.63 -17.02
CA ILE A 87 18.69 7.46 -15.82
C ILE A 87 17.56 8.47 -15.59
N ALA A 88 16.92 8.93 -16.67
CA ALA A 88 15.81 9.86 -16.55
C ALA A 88 14.69 9.18 -15.77
N LYS A 89 14.49 7.88 -16.05
CA LYS A 89 13.47 7.10 -15.35
C LYS A 89 13.91 6.86 -13.90
N SER A 90 15.23 6.76 -13.65
CA SER A 90 15.73 6.56 -12.27
C SER A 90 15.43 7.82 -11.45
N VAL A 91 15.60 8.97 -12.08
CA VAL A 91 15.34 10.25 -11.44
C VAL A 91 13.84 10.44 -11.20
N ALA A 92 13.03 10.03 -12.17
CA ALA A 92 11.57 10.12 -12.04
C ALA A 92 11.11 9.26 -10.87
N TRP A 93 11.69 8.06 -10.75
CA TRP A 93 11.36 7.17 -9.65
C TRP A 93 11.70 7.85 -8.31
N LYS A 94 12.88 8.47 -8.25
CA LYS A 94 13.33 9.16 -7.04
C LYS A 94 12.44 10.36 -6.69
N ASP A 95 12.07 11.16 -7.70
CA ASP A 95 11.20 12.33 -7.49
C ASP A 95 9.83 11.87 -6.99
N GLY A 96 9.39 10.69 -7.42
CA GLY A 96 8.12 10.13 -6.97
C GLY A 96 8.15 9.84 -5.48
N ILE A 97 9.26 9.25 -4.99
CA ILE A 97 9.46 8.94 -3.57
C ILE A 97 9.41 10.23 -2.77
N VAL A 98 10.20 11.20 -3.24
CA VAL A 98 10.30 12.51 -2.62
C VAL A 98 8.93 13.14 -2.51
N ASP A 99 8.20 13.18 -3.63
CA ASP A 99 6.86 13.76 -3.67
C ASP A 99 5.87 13.09 -2.70
N ARG A 100 5.91 11.76 -2.61
CA ARG A 100 5.04 11.05 -1.68
C ARG A 100 5.31 11.51 -0.26
N LEU A 101 6.59 11.48 0.13
CA LEU A 101 6.99 11.90 1.46
C LEU A 101 6.65 13.35 1.79
N THR A 102 6.77 14.28 0.82
CA THR A 102 6.48 15.70 1.09
C THR A 102 5.00 15.88 1.40
N ARG A 103 4.16 15.18 0.64
CA ARG A 103 2.73 15.22 0.87
C ARG A 103 2.39 14.61 2.24
N GLY A 104 3.23 13.70 2.71
CA GLY A 104 3.03 13.09 4.03
C GLY A 104 3.27 14.13 5.12
N VAL A 105 4.30 14.94 4.92
CA VAL A 105 4.64 16.00 5.87
C VAL A 105 3.55 17.05 5.86
N GLY A 106 3.02 17.33 4.68
CA GLY A 106 1.93 18.28 4.53
C GLY A 106 0.68 17.85 5.29
N ALA A 107 0.29 16.59 5.12
CA ALA A 107 -0.90 16.06 5.79
C ALA A 107 -0.76 16.00 7.31
N LEU A 108 0.45 15.73 7.80
CA LEU A 108 0.72 15.61 9.23
C LEU A 108 0.69 17.01 9.85
N LEU A 109 1.22 18.00 9.13
CA LEU A 109 1.17 19.40 9.59
C LEU A 109 -0.29 19.86 9.77
N LYS A 110 -1.18 19.47 8.84
CA LYS A 110 -2.61 19.82 8.97
C LYS A 110 -3.27 19.09 10.12
N LYS A 111 -2.98 17.80 10.22
CA LYS A 111 -3.54 16.96 11.28
C LYS A 111 -3.08 17.43 12.70
N SER A 112 -1.95 18.14 12.76
CA SER A 112 -1.41 18.67 14.02
C SER A 112 -1.90 20.08 14.37
N GLY A 113 -2.80 20.62 13.55
CA GLY A 113 -3.34 21.95 13.77
C GLY A 113 -2.43 23.09 13.32
N VAL A 114 -1.39 22.80 12.54
CA VAL A 114 -0.48 23.84 12.07
C VAL A 114 -1.01 24.53 10.81
N ARG A 115 -0.84 25.84 10.76
CA ARG A 115 -1.25 26.64 9.62
C ARG A 115 0.02 26.88 8.80
N VAL A 116 0.03 26.33 7.59
CA VAL A 116 1.16 26.41 6.69
C VAL A 116 0.91 27.46 5.61
N LEU A 117 1.83 28.41 5.50
CA LEU A 117 1.78 29.48 4.50
C LEU A 117 2.92 29.26 3.55
N HIS A 118 2.62 29.40 2.26
CA HIS A 118 3.63 29.24 1.25
C HIS A 118 4.09 30.61 0.76
N GLY A 119 5.35 30.93 1.03
CA GLY A 119 5.93 32.19 0.61
C GLY A 119 7.26 32.49 1.23
N GLU A 120 7.87 33.58 0.78
CA GLU A 120 9.14 34.05 1.29
C GLU A 120 8.84 34.82 2.58
N ALA A 121 9.48 34.43 3.68
CA ALA A 121 9.29 35.08 4.97
C ALA A 121 10.40 36.07 5.21
N ARG A 122 10.06 37.27 5.67
CA ARG A 122 11.05 38.30 5.98
C ARG A 122 10.84 38.85 7.39
N VAL A 123 11.93 38.93 8.15
CA VAL A 123 11.90 39.41 9.50
C VAL A 123 11.77 40.94 9.53
N ILE A 124 10.77 41.42 10.26
CA ILE A 124 10.58 42.85 10.44
C ILE A 124 11.29 43.13 11.76
N ASP A 125 11.00 42.29 12.76
CA ASP A 125 11.65 42.36 14.07
C ASP A 125 11.47 40.99 14.78
N GLY A 126 12.00 40.86 16.00
CA GLY A 126 11.92 39.61 16.75
C GLY A 126 10.54 39.05 17.02
N LYS A 127 9.51 39.91 16.91
CA LYS A 127 8.12 39.51 17.15
C LYS A 127 7.23 39.63 15.91
N THR A 128 7.79 40.01 14.76
CA THR A 128 6.97 40.23 13.55
C THR A 128 7.64 39.76 12.25
N VAL A 129 6.84 39.14 11.38
CA VAL A 129 7.31 38.61 10.11
C VAL A 129 6.35 38.98 8.98
N GLU A 130 6.90 38.99 7.77
CA GLU A 130 6.19 39.33 6.56
C GLU A 130 6.30 38.14 5.61
N VAL A 131 5.15 37.61 5.15
CA VAL A 131 5.13 36.44 4.24
C VAL A 131 4.61 36.85 2.88
N VAL A 132 5.52 36.94 1.90
CA VAL A 132 5.17 37.39 0.55
C VAL A 132 5.12 36.26 -0.49
N SER A 133 4.05 36.28 -1.30
CA SER A 133 3.84 35.33 -2.39
C SER A 133 3.54 36.16 -3.63
N ALA A 134 3.13 35.50 -4.72
CA ALA A 134 2.79 36.20 -5.97
C ALA A 134 1.48 37.00 -5.82
N GLY A 135 1.60 38.29 -5.55
CA GLY A 135 0.45 39.17 -5.37
C GLY A 135 -0.28 39.00 -4.05
N HIS A 136 0.45 38.59 -3.03
CA HIS A 136 -0.12 38.38 -1.69
C HIS A 136 0.93 38.68 -0.64
N ALA A 137 0.50 39.29 0.47
CA ALA A 137 1.39 39.60 1.56
C ALA A 137 0.64 39.68 2.87
N VAL A 138 1.29 39.23 3.94
CA VAL A 138 0.71 39.28 5.28
C VAL A 138 1.79 39.58 6.33
N ARG A 139 1.41 40.39 7.32
CA ARG A 139 2.26 40.73 8.45
C ARG A 139 1.76 39.79 9.54
N ILE A 140 2.66 39.00 10.12
CA ILE A 140 2.28 38.06 11.16
C ILE A 140 3.06 38.30 12.44
N GLY A 141 2.34 38.54 13.53
CA GLY A 141 2.93 38.75 14.84
C GLY A 141 3.08 37.41 15.53
N CYS A 142 4.14 37.25 16.31
CA CYS A 142 4.37 36.02 17.06
C CYS A 142 4.98 36.37 18.40
N GLU A 143 4.93 35.42 19.32
CA GLU A 143 5.52 35.60 20.64
C GLU A 143 6.90 34.91 20.65
N HIS A 144 7.04 33.82 19.88
CA HIS A 144 8.30 33.09 19.71
C HIS A 144 8.61 32.95 18.21
N LEU A 145 9.83 33.29 17.81
CA LEU A 145 10.27 33.19 16.42
C LEU A 145 11.27 32.04 16.28
N LEU A 146 10.94 31.06 15.44
CA LEU A 146 11.80 29.93 15.24
C LEU A 146 12.44 30.02 13.87
N LEU A 147 13.76 30.18 13.85
CA LEU A 147 14.52 30.26 12.60
C LEU A 147 15.08 28.88 12.30
N ALA A 148 14.65 28.31 11.16
CA ALA A 148 15.08 26.97 10.73
C ALA A 148 15.26 27.03 9.22
N THR A 149 16.04 28.02 8.77
CA THR A 149 16.24 28.27 7.35
C THR A 149 17.20 27.36 6.59
N GLY A 150 17.91 26.48 7.31
CA GLY A 150 18.78 25.51 6.70
C GLY A 150 20.11 25.98 6.15
N SER A 151 20.55 25.27 5.10
CA SER A 151 21.83 25.49 4.46
C SER A 151 21.75 25.48 2.95
N GLU A 152 22.87 25.86 2.34
N GLU A 152 22.87 25.90 2.33
CA GLU A 152 23.02 25.98 0.90
CA GLU A 152 23.00 26.00 0.89
C GLU A 152 24.42 25.49 0.56
C GLU A 152 24.41 25.49 0.55
N PRO A 153 24.63 25.00 -0.69
CA PRO A 153 25.98 24.56 -1.06
C PRO A 153 27.00 25.72 -1.13
N VAL A 154 28.24 25.45 -0.75
CA VAL A 154 29.29 26.45 -0.84
C VAL A 154 29.72 26.52 -2.29
N GLU A 155 29.69 27.72 -2.87
CA GLU A 155 30.11 27.93 -4.25
C GLU A 155 31.58 28.33 -4.26
N LEU A 156 32.39 27.66 -5.09
CA LEU A 156 33.79 28.07 -5.23
C LEU A 156 33.80 29.32 -6.07
N PRO A 157 34.34 30.43 -5.52
CA PRO A 157 34.35 31.63 -6.37
C PRO A 157 35.22 31.41 -7.61
N SER A 158 36.28 30.60 -7.47
CA SER A 158 37.19 30.29 -8.56
C SER A 158 36.66 29.26 -9.57
N MET A 159 35.42 28.82 -9.40
CA MET A 159 34.77 27.84 -10.27
C MET A 159 33.28 27.84 -9.91
N PRO A 160 32.58 28.92 -10.28
CA PRO A 160 31.17 29.06 -9.92
C PRO A 160 30.25 28.06 -10.61
N PHE A 161 29.08 27.85 -10.01
CA PHE A 161 28.09 26.93 -10.56
C PHE A 161 27.53 27.51 -11.85
N GLY A 162 27.33 26.64 -12.83
CA GLY A 162 26.81 27.05 -14.13
C GLY A 162 27.29 26.10 -15.22
N GLY A 163 26.38 25.75 -16.12
CA GLY A 163 26.70 24.84 -17.22
C GLY A 163 27.20 23.50 -16.67
N HIS A 164 28.43 23.15 -17.01
CA HIS A 164 29.08 21.90 -16.58
C HIS A 164 29.41 21.83 -15.09
N VAL A 165 29.47 22.97 -14.41
CA VAL A 165 29.78 23.01 -12.98
C VAL A 165 28.47 22.95 -12.20
N VAL A 166 28.26 21.83 -11.49
CA VAL A 166 27.03 21.58 -10.73
C VAL A 166 27.26 21.39 -9.23
N SER A 167 26.18 21.55 -8.47
CA SER A 167 26.18 21.33 -7.02
C SER A 167 25.50 19.99 -6.82
N SER A 168 25.38 19.57 -5.56
CA SER A 168 24.72 18.29 -5.27
C SER A 168 23.30 18.22 -5.87
N THR A 169 22.59 19.34 -5.88
CA THR A 169 21.22 19.42 -6.39
C THR A 169 21.04 18.89 -7.82
N ASP A 170 21.80 19.44 -8.76
CA ASP A 170 21.72 18.99 -10.16
C ASP A 170 22.32 17.59 -10.32
N ALA A 171 23.32 17.26 -9.51
CA ALA A 171 23.94 15.94 -9.57
C ALA A 171 22.92 14.86 -9.15
N LEU A 172 21.91 15.27 -8.37
CA LEU A 172 20.84 14.37 -7.93
C LEU A 172 19.65 14.32 -8.90
N SER A 173 19.67 15.14 -9.94
CA SER A 173 18.62 15.13 -10.99
C SER A 173 19.25 15.23 -12.38
N PRO A 174 20.17 14.30 -12.69
CA PRO A 174 20.80 14.34 -14.03
C PRO A 174 19.81 13.99 -15.13
N ALA A 175 19.94 14.63 -16.28
CA ALA A 175 19.14 14.32 -17.45
C ALA A 175 19.90 13.23 -18.22
N THR A 176 21.22 13.27 -18.09
CA THR A 176 22.11 12.32 -18.75
C THR A 176 23.30 12.00 -17.86
N LEU A 177 23.96 10.88 -18.14
CA LEU A 177 25.16 10.50 -17.43
C LEU A 177 26.35 10.99 -18.24
N PRO A 178 27.29 11.69 -17.60
CA PRO A 178 28.46 12.17 -18.33
C PRO A 178 29.46 11.03 -18.54
N LYS A 179 30.36 11.19 -19.50
CA LYS A 179 31.42 10.20 -19.71
C LYS A 179 32.48 10.34 -18.60
N ARG A 180 32.80 11.59 -18.24
CA ARG A 180 33.79 11.89 -17.20
C ARG A 180 33.29 12.94 -16.21
N LEU A 181 33.32 12.58 -14.93
CA LEU A 181 32.89 13.45 -13.84
C LEU A 181 34.05 13.73 -12.92
N VAL A 182 34.23 14.99 -12.56
CA VAL A 182 35.24 15.35 -11.57
C VAL A 182 34.46 15.89 -10.37
N VAL A 183 34.76 15.36 -9.19
CA VAL A 183 34.13 15.77 -7.93
C VAL A 183 35.18 16.50 -7.11
N VAL A 184 34.80 17.67 -6.59
CA VAL A 184 35.66 18.50 -5.77
C VAL A 184 35.22 18.38 -4.33
N GLY A 185 36.08 17.81 -3.51
CA GLY A 185 35.79 17.59 -2.11
C GLY A 185 35.41 16.15 -1.88
N ALA A 186 36.13 15.50 -0.97
CA ALA A 186 35.92 14.09 -0.61
C ALA A 186 35.22 13.96 0.75
N GLY A 187 34.22 14.81 0.97
CA GLY A 187 33.41 14.74 2.18
C GLY A 187 32.40 13.64 1.92
N TYR A 188 31.44 13.44 2.83
CA TYR A 188 30.44 12.38 2.64
C TYR A 188 29.55 12.62 1.38
N ILE A 189 29.23 13.87 1.07
CA ILE A 189 28.37 14.21 -0.09
C ILE A 189 29.10 13.94 -1.41
N GLY A 190 30.36 14.34 -1.47
CA GLY A 190 31.17 14.14 -2.65
C GLY A 190 31.45 12.66 -2.94
N LEU A 191 31.76 11.88 -1.90
CA LEU A 191 32.02 10.46 -2.09
C LEU A 191 30.76 9.65 -2.38
N GLU A 192 29.67 9.93 -1.67
CA GLU A 192 28.40 9.24 -1.92
C GLU A 192 28.00 9.37 -3.37
N LEU A 193 28.01 10.60 -3.87
CA LEU A 193 27.61 10.88 -5.24
C LEU A 193 28.66 10.40 -6.23
N GLY A 194 29.94 10.51 -5.87
CA GLY A 194 31.02 10.02 -6.71
C GLY A 194 30.85 8.53 -6.98
N ILE A 195 30.53 7.79 -5.92
CA ILE A 195 30.32 6.34 -6.00
C ILE A 195 29.09 5.99 -6.85
N VAL A 196 27.97 6.70 -6.66
CA VAL A 196 26.75 6.48 -7.46
C VAL A 196 27.09 6.49 -8.96
N TYR A 197 27.71 7.58 -9.41
CA TYR A 197 28.09 7.78 -10.79
C TYR A 197 29.08 6.72 -11.29
N ARG A 198 30.10 6.41 -10.49
CA ARG A 198 31.08 5.39 -10.85
C ARG A 198 30.41 4.05 -11.06
N LYS A 199 29.57 3.64 -10.14
CA LYS A 199 28.85 2.36 -10.28
C LYS A 199 27.96 2.32 -11.53
N LEU A 200 27.46 3.48 -11.96
CA LEU A 200 26.62 3.59 -13.16
C LEU A 200 27.41 3.61 -14.49
N GLY A 201 28.73 3.45 -14.43
CA GLY A 201 29.58 3.42 -15.63
C GLY A 201 30.35 4.69 -15.99
N VAL A 202 30.25 5.71 -15.15
CA VAL A 202 30.94 6.98 -15.40
C VAL A 202 32.38 6.93 -14.88
N ASP A 203 33.30 7.56 -15.60
CA ASP A 203 34.68 7.63 -15.13
C ASP A 203 34.70 8.76 -14.09
N VAL A 204 35.05 8.44 -12.86
CA VAL A 204 35.02 9.46 -11.79
C VAL A 204 36.36 9.72 -11.15
N SER A 205 36.66 11.00 -10.99
CA SER A 205 37.88 11.46 -10.35
C SER A 205 37.44 12.35 -9.18
N VAL A 206 38.09 12.20 -8.02
CA VAL A 206 37.77 13.00 -6.83
C VAL A 206 39.02 13.78 -6.48
N VAL A 207 38.87 15.08 -6.24
CA VAL A 207 39.98 15.94 -5.87
C VAL A 207 39.70 16.39 -4.44
N GLU A 208 40.69 16.23 -3.56
CA GLU A 208 40.55 16.60 -2.14
C GLU A 208 41.82 17.25 -1.63
N ALA A 209 41.65 18.36 -0.92
CA ALA A 209 42.76 19.14 -0.35
C ALA A 209 43.45 18.45 0.83
N ALA A 210 42.66 17.72 1.62
CA ALA A 210 43.20 16.99 2.76
C ALA A 210 44.02 15.80 2.28
N GLU A 211 44.86 15.26 3.16
CA GLU A 211 45.76 14.15 2.82
C GLU A 211 45.05 12.85 2.43
N ARG A 212 43.84 12.64 2.95
CA ARG A 212 43.06 11.43 2.65
C ARG A 212 41.58 11.78 2.47
N VAL A 213 40.76 10.77 2.15
CA VAL A 213 39.33 10.99 1.94
C VAL A 213 38.62 11.01 3.28
N LEU A 214 37.42 11.60 3.29
CA LEU A 214 36.62 11.73 4.51
C LEU A 214 37.52 12.19 5.67
N PRO A 215 38.20 13.33 5.51
CA PRO A 215 39.14 13.82 6.53
C PRO A 215 38.58 13.98 7.96
N ALA A 216 37.25 14.02 8.09
CA ALA A 216 36.61 14.15 9.39
C ALA A 216 36.57 12.85 10.19
N TYR A 217 36.90 11.72 9.57
CA TYR A 217 36.92 10.42 10.27
C TYR A 217 38.35 9.95 10.41
N ASP A 218 38.63 9.10 11.40
CA ASP A 218 40.01 8.59 11.61
C ASP A 218 40.45 7.66 10.48
N ALA A 219 41.75 7.60 10.26
CA ALA A 219 42.36 6.80 9.17
C ALA A 219 41.94 5.33 9.06
N GLU A 220 42.02 4.64 10.19
N GLU A 220 42.03 4.59 10.16
CA GLU A 220 41.65 3.23 10.33
CA GLU A 220 41.68 3.17 10.11
C GLU A 220 40.20 2.95 9.88
C GLU A 220 40.19 2.94 9.80
N LEU A 221 39.33 3.88 10.20
CA LEU A 221 37.91 3.77 9.88
C LEU A 221 37.62 4.00 8.39
N VAL A 222 38.39 4.87 7.74
CA VAL A 222 38.19 5.17 6.32
C VAL A 222 39.02 4.33 5.34
N ARG A 223 39.99 3.57 5.85
CA ARG A 223 40.88 2.74 5.03
C ARG A 223 40.08 1.82 4.09
N PRO A 224 39.05 1.13 4.62
CA PRO A 224 38.24 0.29 3.73
C PRO A 224 37.43 1.07 2.68
N VAL A 225 37.11 2.33 2.96
CA VAL A 225 36.41 3.17 1.98
C VAL A 225 37.42 3.54 0.86
N ALA A 226 38.67 3.84 1.22
CA ALA A 226 39.69 4.16 0.19
C ALA A 226 39.98 2.92 -0.66
N ASP A 227 40.03 1.75 -0.04
CA ASP A 227 40.27 0.49 -0.75
C ASP A 227 39.13 0.21 -1.73
N SER A 228 37.89 0.48 -1.29
CA SER A 228 36.73 0.26 -2.13
C SER A 228 36.71 1.23 -3.30
N LEU A 229 37.14 2.46 -3.05
CA LEU A 229 37.23 3.49 -4.10
C LEU A 229 38.20 3.01 -5.17
N ALA A 230 39.31 2.36 -4.75
CA ALA A 230 40.29 1.83 -5.71
C ALA A 230 39.68 0.67 -6.50
N ARG A 231 38.99 -0.23 -5.79
CA ARG A 231 38.35 -1.38 -6.44
C ARG A 231 37.32 -0.89 -7.47
N LEU A 232 36.47 0.07 -7.09
CA LEU A 232 35.45 0.64 -7.98
C LEU A 232 36.00 1.36 -9.21
N GLY A 233 37.24 1.84 -9.13
CA GLY A 233 37.89 2.56 -10.24
C GLY A 233 37.93 4.09 -10.07
N VAL A 234 37.50 4.60 -8.92
CA VAL A 234 37.50 6.05 -8.68
C VAL A 234 38.94 6.55 -8.53
N ARG A 235 39.30 7.55 -9.34
CA ARG A 235 40.64 8.12 -9.31
C ARG A 235 40.68 9.18 -8.22
N LEU A 236 41.64 9.09 -7.32
CA LEU A 236 41.77 10.04 -6.21
C LEU A 236 42.96 10.96 -6.36
N TRP A 237 42.70 12.26 -6.24
CA TRP A 237 43.73 13.29 -6.30
C TRP A 237 43.76 13.90 -4.90
N LEU A 238 44.54 13.29 -4.03
CA LEU A 238 44.65 13.74 -2.63
C LEU A 238 45.77 14.75 -2.48
N GLY A 239 45.58 15.71 -1.57
CA GLY A 239 46.54 16.77 -1.33
C GLY A 239 46.59 17.71 -2.54
N HIS A 240 45.43 17.90 -3.14
CA HIS A 240 45.29 18.76 -4.33
C HIS A 240 44.19 19.79 -4.15
N LYS A 241 44.46 21.00 -4.64
CA LYS A 241 43.52 22.10 -4.58
C LYS A 241 43.02 22.37 -6.00
N VAL A 242 41.73 22.65 -6.14
CA VAL A 242 41.14 22.97 -7.43
C VAL A 242 41.30 24.46 -7.65
N LEU A 243 42.00 24.84 -8.72
CA LEU A 243 42.22 26.24 -9.04
C LEU A 243 41.02 26.77 -9.82
N GLY A 244 40.70 26.12 -10.94
CA GLY A 244 39.56 26.52 -11.76
C GLY A 244 39.42 25.66 -13.00
N LEU A 245 38.70 26.19 -14.01
CA LEU A 245 38.51 25.50 -15.29
C LEU A 245 39.25 26.19 -16.41
N ASP A 246 39.96 25.41 -17.25
CA ASP A 246 40.67 25.96 -18.40
C ASP A 246 39.66 26.04 -19.57
N LYS A 247 40.07 26.57 -20.72
CA LYS A 247 39.15 26.73 -21.87
C LYS A 247 38.50 25.40 -22.36
N HIS A 248 39.18 24.28 -22.19
CA HIS A 248 38.66 22.96 -22.62
C HIS A 248 37.60 22.37 -21.67
N GLY A 249 37.32 23.06 -20.56
CA GLY A 249 36.35 22.60 -19.56
C GLY A 249 36.94 21.65 -18.53
N ALA A 250 38.27 21.45 -18.58
CA ALA A 250 38.95 20.57 -17.62
C ALA A 250 39.18 21.29 -16.32
N VAL A 251 39.46 20.51 -15.29
CA VAL A 251 39.70 21.03 -13.96
C VAL A 251 41.18 21.19 -13.74
N ARG A 252 41.60 22.40 -13.42
CA ARG A 252 43.00 22.70 -13.12
C ARG A 252 43.24 22.42 -11.64
N VAL A 253 44.14 21.48 -11.33
CA VAL A 253 44.43 21.12 -9.94
C VAL A 253 45.87 21.45 -9.59
N GLN A 254 46.11 21.86 -8.35
CA GLN A 254 47.43 22.21 -7.87
C GLN A 254 47.81 21.36 -6.66
N ALA A 255 48.89 20.58 -6.80
CA ALA A 255 49.38 19.74 -5.70
C ALA A 255 50.05 20.63 -4.65
N ALA A 256 50.51 20.02 -3.56
CA ALA A 256 51.18 20.76 -2.47
C ALA A 256 52.49 21.46 -2.90
N ASP A 257 53.34 20.77 -3.66
CA ASP A 257 54.63 21.34 -4.09
C ASP A 257 54.52 22.45 -5.16
N GLY A 258 53.36 22.59 -5.78
CA GLY A 258 53.14 23.61 -6.81
C GLY A 258 52.80 23.07 -8.19
N ALA A 259 53.27 21.85 -8.50
CA ALA A 259 53.00 21.20 -9.80
C ALA A 259 51.50 21.15 -10.09
N GLU A 260 51.12 21.14 -11.37
CA GLU A 260 49.69 21.09 -11.70
C GLU A 260 49.28 20.39 -13.00
N GLN A 261 48.26 19.53 -12.86
CA GLN A 261 47.65 18.79 -13.96
C GLN A 261 46.25 19.31 -14.23
N THR A 262 45.67 18.82 -15.32
CA THR A 262 44.30 19.14 -15.68
C THR A 262 43.56 17.84 -15.81
N LEU A 263 42.37 17.77 -15.22
CA LEU A 263 41.52 16.56 -15.28
C LEU A 263 40.40 16.80 -16.29
N PRO A 264 40.44 16.08 -17.43
CA PRO A 264 39.38 16.28 -18.43
C PRO A 264 38.03 15.94 -17.83
N ALA A 265 37.05 16.79 -18.04
CA ALA A 265 35.72 16.57 -17.49
C ALA A 265 34.63 17.18 -18.35
N ASP A 266 33.48 16.51 -18.39
CA ASP A 266 32.31 17.05 -19.08
C ASP A 266 31.17 17.26 -18.08
N ARG A 267 31.52 17.24 -16.79
CA ARG A 267 30.60 17.42 -15.69
C ARG A 267 31.47 17.58 -14.44
N VAL A 268 31.25 18.63 -13.65
CA VAL A 268 32.05 18.85 -12.44
C VAL A 268 31.16 19.12 -11.24
N LEU A 269 31.23 18.25 -10.24
CA LEU A 269 30.47 18.39 -8.99
C LEU A 269 31.32 19.08 -7.90
N VAL A 270 30.87 20.24 -7.45
CA VAL A 270 31.56 20.99 -6.40
C VAL A 270 30.87 20.76 -5.06
N ALA A 271 31.50 19.94 -4.23
CA ALA A 271 30.96 19.61 -2.91
C ALA A 271 32.02 19.95 -1.86
N VAL A 272 32.38 21.22 -1.80
CA VAL A 272 33.41 21.70 -0.89
C VAL A 272 32.86 22.08 0.48
N GLY A 273 31.55 21.95 0.65
CA GLY A 273 30.93 22.25 1.94
C GLY A 273 29.54 22.83 1.83
N ARG A 274 28.95 23.13 2.98
CA ARG A 274 27.64 23.72 3.03
C ARG A 274 27.67 24.93 3.94
N ARG A 275 26.82 25.90 3.63
CA ARG A 275 26.75 27.18 4.31
C ARG A 275 25.36 27.46 4.85
N PRO A 276 25.27 27.98 6.09
CA PRO A 276 23.95 28.28 6.65
C PRO A 276 23.23 29.43 5.95
N ARG A 277 21.91 29.32 5.76
CA ARG A 277 21.13 30.40 5.12
C ARG A 277 20.70 31.49 6.10
N VAL A 278 21.50 32.55 6.16
CA VAL A 278 21.25 33.66 7.08
C VAL A 278 21.10 35.04 6.39
N ASP A 279 21.30 35.09 5.08
CA ASP A 279 21.25 36.35 4.33
C ASP A 279 19.98 36.52 3.49
N GLY A 280 19.67 37.77 3.17
CA GLY A 280 18.53 38.11 2.32
C GLY A 280 17.09 37.96 2.81
N PHE A 281 16.88 37.86 4.13
CA PHE A 281 15.49 37.77 4.65
C PHE A 281 15.24 38.52 5.97
N GLY A 282 15.98 39.61 6.18
CA GLY A 282 15.78 40.47 7.37
C GLY A 282 16.47 40.16 8.68
N LEU A 283 17.35 39.16 8.73
CA LEU A 283 18.08 38.83 9.97
C LEU A 283 19.08 39.87 10.42
N GLU A 284 19.64 40.61 9.47
CA GLU A 284 20.64 41.62 9.77
C GLU A 284 20.17 42.59 10.86
N THR A 285 18.90 42.99 10.80
CA THR A 285 18.32 43.93 11.80
C THR A 285 18.51 43.42 13.22
N LEU A 286 18.23 42.13 13.42
CA LEU A 286 18.40 41.50 14.72
C LEU A 286 19.89 41.28 14.88
N MET A 287 20.53 41.93 15.84
CA MET A 287 21.96 41.74 16.05
C MET A 287 22.20 40.43 16.80
N LEU A 288 21.95 39.32 16.11
CA LEU A 288 22.15 38.00 16.72
C LEU A 288 23.61 37.62 16.66
N ASP A 289 24.17 37.20 17.79
CA ASP A 289 25.55 36.75 17.83
C ASP A 289 25.71 35.62 16.84
N ARG A 290 26.92 35.44 16.32
CA ARG A 290 27.20 34.43 15.31
C ARG A 290 28.33 33.50 15.73
N ASN A 291 28.22 32.25 15.31
CA ASN A 291 29.21 31.21 15.55
C ASN A 291 29.74 30.97 14.14
N GLY A 292 30.72 31.76 13.75
CA GLY A 292 31.25 31.68 12.41
C GLY A 292 30.13 32.15 11.50
N ARG A 293 29.82 31.38 10.46
CA ARG A 293 28.77 31.75 9.51
C ARG A 293 27.37 31.52 10.08
N ALA A 294 27.26 30.61 11.05
CA ALA A 294 25.99 30.22 11.64
C ALA A 294 25.50 31.11 12.78
N LEU A 295 24.27 30.84 13.21
CA LEU A 295 23.66 31.55 14.33
C LEU A 295 24.14 30.90 15.62
N ARG A 296 24.57 31.71 16.59
CA ARG A 296 25.02 31.19 17.88
C ARG A 296 23.84 30.80 18.73
N ILE A 297 23.88 29.59 19.28
CA ILE A 297 22.82 29.09 20.15
C ILE A 297 23.40 28.38 21.37
N ASP A 298 22.61 28.34 22.45
CA ASP A 298 23.01 27.60 23.66
C ASP A 298 22.49 26.17 23.48
N ASP A 299 22.72 25.28 24.46
CA ASP A 299 22.25 23.87 24.33
C ASP A 299 20.72 23.71 24.19
N THR A 300 19.97 24.79 24.44
CA THR A 300 18.49 24.79 24.31
C THR A 300 17.99 25.49 23.02
N CYS A 301 18.92 25.79 22.10
CA CYS A 301 18.62 26.43 20.82
C CYS A 301 18.12 27.89 20.89
N ARG A 302 18.53 28.61 21.94
CA ARG A 302 18.17 30.03 22.06
C ARG A 302 19.28 30.90 21.50
N THR A 303 18.91 31.92 20.71
CA THR A 303 19.89 32.86 20.16
C THR A 303 20.13 33.92 21.25
N SER A 304 20.92 34.93 20.93
CA SER A 304 21.21 36.00 21.89
C SER A 304 20.01 36.94 22.10
N MET A 305 18.96 36.81 21.27
CA MET A 305 17.75 37.62 21.41
C MET A 305 16.65 36.76 22.06
N ARG A 306 15.88 37.40 22.94
CA ARG A 306 14.80 36.74 23.69
C ARG A 306 13.69 36.25 22.77
N ASN A 307 13.24 35.02 23.01
CA ASN A 307 12.18 34.37 22.21
C ASN A 307 12.48 34.21 20.71
N VAL A 308 13.76 34.22 20.37
CA VAL A 308 14.21 33.99 19.00
C VAL A 308 15.05 32.73 19.09
N TRP A 309 14.57 31.66 18.47
CA TRP A 309 15.25 30.37 18.52
C TRP A 309 15.81 30.05 17.14
N ALA A 310 16.80 29.17 17.10
CA ALA A 310 17.43 28.75 15.85
C ALA A 310 17.85 27.28 15.96
N ILE A 311 17.51 26.49 14.94
CA ILE A 311 17.80 25.06 14.93
C ILE A 311 18.29 24.58 13.56
N GLY A 312 18.86 23.38 13.54
CA GLY A 312 19.32 22.78 12.31
C GLY A 312 20.53 23.45 11.71
N ASP A 313 20.74 23.22 10.41
CA ASP A 313 21.91 23.76 9.72
C ASP A 313 22.16 25.26 9.90
N VAL A 314 21.10 26.06 10.06
CA VAL A 314 21.30 27.52 10.21
C VAL A 314 22.06 27.80 11.51
N ALA A 315 22.06 26.82 12.42
CA ALA A 315 22.76 26.91 13.69
C ALA A 315 24.09 26.12 13.70
N GLY A 316 24.72 25.95 12.53
CA GLY A 316 26.03 25.29 12.47
C GLY A 316 26.12 23.78 12.43
N GLU A 317 27.31 23.26 12.71
CA GLU A 317 27.58 21.81 12.70
C GLU A 317 27.06 21.10 13.96
N PRO A 318 26.77 19.80 13.88
CA PRO A 318 26.84 18.98 12.65
C PRO A 318 25.54 19.12 11.84
N MET A 319 25.67 19.36 10.53
CA MET A 319 24.52 19.53 9.63
C MET A 319 23.91 18.20 9.24
N LEU A 320 23.01 17.71 10.09
CA LEU A 320 22.33 16.44 9.90
C LEU A 320 20.83 16.64 10.16
N ALA A 321 19.98 15.88 9.48
CA ALA A 321 18.52 16.04 9.63
C ALA A 321 18.01 15.62 11.00
N HIS A 322 18.39 14.43 11.45
CA HIS A 322 17.97 13.94 12.79
C HIS A 322 18.36 14.88 13.94
N ARG A 323 19.45 15.62 13.79
CA ARG A 323 19.84 16.58 14.80
C ARG A 323 18.84 17.73 14.72
N ALA A 324 18.59 18.19 13.50
CA ALA A 324 17.63 19.28 13.29
C ALA A 324 16.29 18.89 13.87
N MET A 325 15.86 17.67 13.61
CA MET A 325 14.60 17.15 14.15
C MET A 325 14.58 17.14 15.67
N ALA A 326 15.67 16.67 16.29
CA ALA A 326 15.77 16.65 17.75
C ALA A 326 15.62 18.06 18.30
N GLN A 327 16.42 18.99 17.80
CA GLN A 327 16.36 20.38 18.23
C GLN A 327 14.97 20.99 18.06
N GLY A 328 14.36 20.76 16.89
CA GLY A 328 13.01 21.27 16.64
C GLY A 328 12.01 20.72 17.66
N GLU A 329 12.19 19.46 18.03
CA GLU A 329 11.28 18.86 19.00
C GLU A 329 11.51 19.47 20.40
N MET A 330 12.78 19.67 20.76
CA MET A 330 13.15 20.27 22.04
C MET A 330 12.57 21.68 22.18
N VAL A 331 12.73 22.48 21.14
CA VAL A 331 12.23 23.84 21.16
C VAL A 331 10.73 23.86 21.38
N ALA A 332 9.97 23.06 20.63
CA ALA A 332 8.52 23.03 20.80
C ALA A 332 8.17 22.69 22.25
N GLU A 333 8.81 21.66 22.78
CA GLU A 333 8.57 21.21 24.15
C GLU A 333 8.89 22.30 25.18
N LEU A 334 9.93 23.11 24.93
CA LEU A 334 10.28 24.20 25.84
C LEU A 334 9.21 25.30 25.81
N ILE A 335 8.76 25.66 24.61
CA ILE A 335 7.72 26.68 24.45
C ILE A 335 6.41 26.19 25.09
N ALA A 336 6.15 24.87 25.03
CA ALA A 336 4.93 24.28 25.62
C ALA A 336 4.94 24.31 27.14
N GLY A 337 6.13 24.45 27.73
CA GLY A 337 6.28 24.49 29.17
C GLY A 337 6.92 23.25 29.77
N ARG A 338 6.97 22.15 29.01
CA ARG A 338 7.58 20.91 29.51
C ARG A 338 9.10 21.07 29.66
N ARG A 339 9.63 20.75 30.84
CA ARG A 339 11.08 20.82 31.06
C ARG A 339 11.73 19.65 30.34
N ARG A 340 12.99 19.81 29.97
CA ARG A 340 13.72 18.74 29.29
C ARG A 340 13.97 17.60 30.32
N GLN A 341 13.79 16.37 29.87
CA GLN A 341 13.96 15.19 30.72
C GLN A 341 15.33 14.53 30.46
N PHE A 342 15.74 14.43 29.18
CA PHE A 342 17.04 13.87 28.80
C PHE A 342 17.97 14.97 28.29
N MET A 343 19.23 14.91 28.71
CA MET A 343 20.25 15.87 28.27
C MET A 343 20.49 15.65 26.77
N PRO A 344 21.02 16.68 26.05
CA PRO A 344 21.26 16.48 24.62
C PRO A 344 22.05 15.19 24.38
N ALA A 345 21.40 14.22 23.72
CA ALA A 345 22.00 12.90 23.45
C ALA A 345 23.08 12.95 22.36
N ALA A 346 23.81 11.85 22.23
CA ALA A 346 24.88 11.72 21.22
C ALA A 346 24.23 11.74 19.82
N ILE A 347 24.89 12.40 18.87
CA ILE A 347 24.37 12.54 17.49
C ILE A 347 25.03 11.52 16.55
N PRO A 348 24.33 10.40 16.26
CA PRO A 348 24.94 9.42 15.36
C PRO A 348 25.02 9.92 13.93
N ALA A 349 25.65 9.13 13.08
CA ALA A 349 25.79 9.52 11.69
C ALA A 349 26.06 8.31 10.85
N VAL A 350 25.56 8.35 9.62
CA VAL A 350 25.79 7.27 8.66
C VAL A 350 26.26 7.88 7.35
N CYS A 351 27.41 7.40 6.92
CA CYS A 351 28.01 7.81 5.68
C CYS A 351 27.70 6.68 4.71
N PHE A 352 26.80 6.93 3.77
CA PHE A 352 26.38 5.90 2.81
C PHE A 352 27.28 5.60 1.60
N THR A 353 28.58 5.63 1.82
CA THR A 353 29.54 5.28 0.79
C THR A 353 29.52 3.76 0.78
N ASP A 354 30.30 3.14 -0.08
CA ASP A 354 30.40 1.67 -0.14
C ASP A 354 31.89 1.34 0.06
N PRO A 355 32.27 0.77 1.21
CA PRO A 355 31.39 0.42 2.31
C PRO A 355 30.92 1.66 3.06
N GLU A 356 29.93 1.45 3.92
CA GLU A 356 29.31 2.51 4.72
C GLU A 356 30.10 2.71 6.01
N ILE A 357 29.94 3.87 6.61
CA ILE A 357 30.56 4.19 7.88
C ILE A 357 29.45 4.63 8.82
N VAL A 358 29.40 4.03 10.00
CA VAL A 358 28.41 4.35 11.00
C VAL A 358 29.14 4.76 12.24
N THR A 359 28.69 5.86 12.85
CA THR A 359 29.33 6.32 14.07
C THR A 359 28.33 6.95 15.05
N ALA A 360 28.63 6.79 16.33
CA ALA A 360 27.82 7.34 17.40
C ALA A 360 28.77 7.55 18.55
N GLY A 361 28.70 8.71 19.15
CA GLY A 361 29.55 9.01 20.29
C GLY A 361 30.94 9.40 19.85
N TRP A 362 31.92 9.08 20.69
CA TRP A 362 33.31 9.43 20.42
C TRP A 362 34.16 8.33 19.82
N SER A 363 35.07 8.73 18.95
CA SER A 363 36.07 7.82 18.39
C SER A 363 37.20 7.85 19.43
N PRO A 364 38.22 7.00 19.28
CA PRO A 364 39.31 7.09 20.26
C PRO A 364 39.95 8.49 20.30
N ASP A 365 40.10 9.14 19.13
CA ASP A 365 40.67 10.52 19.08
C ASP A 365 39.78 11.55 19.83
N ASP A 366 38.46 11.52 19.59
CA ASP A 366 37.53 12.44 20.27
C ASP A 366 37.62 12.28 21.82
N ALA A 367 37.72 11.03 22.28
CA ALA A 367 37.80 10.73 23.72
C ALA A 367 39.05 11.32 24.35
N HIS A 368 40.18 11.18 23.67
CA HIS A 368 41.43 11.76 24.17
C HIS A 368 41.34 13.29 24.16
N ALA A 369 40.71 13.86 23.13
CA ALA A 369 40.54 15.32 23.04
C ALA A 369 39.66 15.85 24.17
N ALA A 370 38.64 15.07 24.55
CA ALA A 370 37.75 15.46 25.66
C ALA A 370 38.42 15.25 27.04
N GLY A 371 39.59 14.62 27.07
CA GLY A 371 40.33 14.37 28.30
C GLY A 371 39.87 13.17 29.10
N VAL A 372 39.26 12.19 28.42
CA VAL A 372 38.75 10.99 29.06
C VAL A 372 39.65 9.83 28.65
N ASP A 373 40.16 9.10 29.63
CA ASP A 373 41.08 7.98 29.41
C ASP A 373 40.31 6.74 28.93
N CYS A 374 40.44 6.43 27.64
CA CYS A 374 39.71 5.30 27.07
C CYS A 374 40.56 4.27 26.37
N LEU A 375 39.97 3.07 26.21
CA LEU A 375 40.57 1.99 25.45
C LEU A 375 39.48 1.58 24.46
N SER A 376 39.91 0.85 23.43
CA SER A 376 38.98 0.43 22.42
C SER A 376 39.43 -0.87 21.82
N ALA A 377 38.48 -1.57 21.23
CA ALA A 377 38.77 -2.82 20.55
C ALA A 377 37.85 -2.89 19.33
N SER A 378 38.31 -3.66 18.34
CA SER A 378 37.62 -3.86 17.09
C SER A 378 37.43 -5.33 16.82
N PHE A 379 36.47 -5.65 15.97
CA PHE A 379 36.28 -7.02 15.56
C PHE A 379 36.00 -6.95 14.07
N PRO A 380 36.81 -7.66 13.26
CA PRO A 380 36.63 -7.61 11.82
C PRO A 380 35.46 -8.45 11.31
N PHE A 381 34.78 -7.97 10.28
CA PHE A 381 33.68 -8.72 9.68
C PHE A 381 34.21 -9.94 8.91
N ALA A 382 35.50 -9.97 8.59
CA ALA A 382 36.09 -11.13 7.89
C ALA A 382 35.96 -12.44 8.69
N ALA A 383 35.74 -12.33 10.00
CA ALA A 383 35.57 -13.48 10.91
C ALA A 383 34.10 -13.68 11.33
N ASN A 384 33.21 -12.84 10.82
CA ASN A 384 31.79 -12.90 11.17
C ASN A 384 31.06 -13.77 10.15
N GLY A 385 30.35 -14.78 10.63
CA GLY A 385 29.58 -15.72 9.75
C GLY A 385 28.50 -15.05 8.88
N ARG A 386 27.77 -14.09 9.43
CA ARG A 386 26.73 -13.40 8.68
C ARG A 386 27.35 -12.61 7.55
N ALA A 387 28.46 -11.93 7.86
CA ALA A 387 29.17 -11.14 6.87
C ALA A 387 29.61 -12.01 5.67
N MET A 388 30.09 -13.23 5.95
CA MET A 388 30.52 -14.13 4.88
C MET A 388 29.33 -14.51 3.97
N THR A 389 28.18 -14.82 4.57
CA THR A 389 26.98 -15.16 3.81
C THR A 389 26.46 -13.99 2.97
N LEU A 390 26.85 -12.75 3.29
CA LEU A 390 26.43 -11.56 2.52
C LEU A 390 27.53 -10.99 1.60
N GLN A 391 28.66 -11.69 1.48
CA GLN A 391 29.80 -11.20 0.67
C GLN A 391 30.20 -9.79 1.13
N ALA A 392 30.27 -9.60 2.45
CA ALA A 392 30.57 -8.30 3.06
C ALA A 392 31.57 -8.43 4.20
N THR A 393 32.73 -9.03 3.89
CA THR A 393 33.77 -9.28 4.87
C THR A 393 34.80 -8.18 5.15
N ASP A 394 34.78 -7.08 4.40
CA ASP A 394 35.70 -5.99 4.70
C ASP A 394 35.16 -5.13 5.84
N GLY A 395 36.05 -4.61 6.66
CA GLY A 395 35.66 -3.71 7.73
C GLY A 395 35.58 -4.28 9.10
N PHE A 396 34.94 -3.53 10.00
CA PHE A 396 34.89 -3.92 11.39
C PHE A 396 33.98 -3.03 12.22
N VAL A 397 33.73 -3.50 13.44
CA VAL A 397 32.98 -2.79 14.44
C VAL A 397 34.01 -2.51 15.54
N ARG A 398 33.98 -1.29 16.06
CA ARG A 398 34.86 -0.84 17.11
C ARG A 398 34.02 -0.27 18.25
N VAL A 399 34.42 -0.56 19.47
CA VAL A 399 33.74 -0.03 20.65
C VAL A 399 34.79 0.77 21.40
N VAL A 400 34.37 1.87 22.03
CA VAL A 400 35.27 2.76 22.77
C VAL A 400 34.66 2.89 24.15
N ALA A 401 35.49 2.68 25.18
CA ALA A 401 35.00 2.70 26.55
C ALA A 401 35.98 3.32 27.52
N ARG A 402 35.45 3.88 28.60
CA ARG A 402 36.29 4.49 29.63
C ARG A 402 37.03 3.40 30.38
N ARG A 403 38.31 3.65 30.59
CA ARG A 403 39.16 2.71 31.28
C ARG A 403 38.80 2.59 32.77
N ASP A 404 38.35 3.69 33.37
CA ASP A 404 38.01 3.70 34.81
C ASP A 404 36.75 2.93 35.24
N ASN A 405 35.67 3.00 34.45
CA ASN A 405 34.39 2.35 34.80
C ASN A 405 33.73 1.50 33.69
N HIS A 406 34.43 1.30 32.57
CA HIS A 406 33.97 0.51 31.43
C HIS A 406 32.72 1.00 30.69
N LEU A 407 32.31 2.24 30.98
CA LEU A 407 31.18 2.83 30.29
C LEU A 407 31.55 3.06 28.82
N ILE A 408 30.71 2.57 27.92
CA ILE A 408 30.94 2.77 26.49
C ILE A 408 30.64 4.24 26.16
N VAL A 409 31.59 4.90 25.48
CA VAL A 409 31.44 6.29 25.08
C VAL A 409 31.33 6.43 23.55
N GLY A 410 31.50 5.33 22.82
CA GLY A 410 31.39 5.41 21.38
C GLY A 410 31.44 4.09 20.65
N TRP A 411 30.85 4.11 19.46
CA TRP A 411 30.80 2.97 18.57
C TRP A 411 31.06 3.43 17.17
N GLN A 412 31.84 2.66 16.44
CA GLN A 412 32.06 2.95 15.05
C GLN A 412 32.02 1.66 14.29
N ALA A 413 31.59 1.74 13.05
CA ALA A 413 31.54 0.55 12.22
C ALA A 413 31.72 0.92 10.80
N VAL A 414 32.43 0.06 10.07
CA VAL A 414 32.64 0.25 8.64
C VAL A 414 32.46 -1.10 7.96
N GLY A 415 31.59 -1.12 6.97
CA GLY A 415 31.30 -2.32 6.23
C GLY A 415 30.10 -2.12 5.33
N ARG A 416 29.86 -3.13 4.49
CA ARG A 416 28.74 -3.10 3.58
C ARG A 416 27.48 -3.51 4.36
N GLY A 417 26.45 -2.68 4.27
CA GLY A 417 25.17 -2.92 4.93
C GLY A 417 25.18 -2.85 6.45
N VAL A 418 25.96 -1.93 7.02
CA VAL A 418 26.03 -1.81 8.49
C VAL A 418 25.22 -0.63 9.05
N SER A 419 24.53 0.10 8.17
CA SER A 419 23.79 1.28 8.59
C SER A 419 22.78 1.05 9.71
N GLU A 420 22.04 -0.06 9.63
CA GLU A 420 21.00 -0.37 10.63
C GLU A 420 21.52 -0.67 12.03
N LEU A 421 22.83 -0.85 12.18
CA LEU A 421 23.44 -1.00 13.53
C LEU A 421 23.37 0.33 14.29
N ALA A 422 23.04 1.41 13.58
CA ALA A 422 22.95 2.74 14.18
C ALA A 422 22.00 2.79 15.35
N ALA A 423 20.87 2.09 15.24
CA ALA A 423 19.88 2.03 16.30
C ALA A 423 20.51 1.42 17.57
N ALA A 424 21.18 0.30 17.39
CA ALA A 424 21.85 -0.37 18.51
C ALA A 424 22.87 0.57 19.16
N PHE A 425 23.71 1.21 18.35
CA PHE A 425 24.71 2.12 18.91
C PHE A 425 24.10 3.29 19.66
N SER A 426 23.11 3.91 19.05
CA SER A 426 22.49 5.09 19.63
C SER A 426 21.75 4.77 20.91
N GLN A 427 20.98 3.67 20.90
CA GLN A 427 20.21 3.26 22.07
C GLN A 427 21.09 2.80 23.25
N SER A 428 22.21 2.12 22.98
CA SER A 428 23.08 1.67 24.07
C SER A 428 23.74 2.85 24.76
N LEU A 429 24.23 3.82 23.97
CA LEU A 429 24.83 5.02 24.53
C LEU A 429 23.85 5.79 25.40
N GLU A 430 22.61 5.96 24.94
N GLU A 430 22.61 5.96 24.94
CA GLU A 430 21.57 6.68 25.71
CA GLU A 430 21.59 6.68 25.70
C GLU A 430 21.26 5.96 27.02
C GLU A 430 21.20 5.95 26.99
N MET A 431 21.36 4.64 27.02
CA MET A 431 21.09 3.84 28.25
C MET A 431 22.31 3.77 29.17
N GLY A 432 23.49 4.13 28.68
CA GLY A 432 24.69 4.09 29.52
C GLY A 432 25.26 2.68 29.69
N ALA A 433 25.23 1.90 28.63
CA ALA A 433 25.75 0.55 28.69
C ALA A 433 27.25 0.55 28.94
N ARG A 434 27.70 -0.51 29.62
CA ARG A 434 29.11 -0.75 29.91
C ARG A 434 29.52 -1.93 29.04
N LEU A 435 30.83 -2.17 28.92
CA LEU A 435 31.32 -3.31 28.15
C LEU A 435 30.67 -4.60 28.67
N GLU A 436 30.48 -4.68 29.98
CA GLU A 436 29.87 -5.84 30.62
C GLU A 436 28.43 -6.07 30.11
N ASP A 437 27.66 -5.00 29.98
CA ASP A 437 26.28 -5.13 29.50
C ASP A 437 26.22 -5.72 28.10
N ILE A 438 27.00 -5.19 27.18
CA ILE A 438 27.01 -5.67 25.81
C ILE A 438 27.54 -7.09 25.78
N GLY A 439 28.67 -7.31 26.45
CA GLY A 439 29.30 -8.62 26.54
C GLY A 439 28.38 -9.73 27.01
N GLY A 440 27.46 -9.39 27.92
CA GLY A 440 26.50 -10.37 28.48
C GLY A 440 25.08 -10.30 27.91
N THR A 441 24.92 -9.64 26.77
CA THR A 441 23.64 -9.52 26.09
C THR A 441 23.63 -10.54 24.95
N ILE A 442 22.57 -11.34 24.86
CA ILE A 442 22.49 -12.34 23.79
C ILE A 442 22.18 -11.63 22.47
N HIS A 443 22.91 -12.01 21.43
CA HIS A 443 22.73 -11.46 20.09
C HIS A 443 22.32 -12.58 19.16
N ALA A 444 21.29 -12.34 18.36
CA ALA A 444 20.76 -13.34 17.44
C ALA A 444 21.80 -13.79 16.44
N HIS A 445 21.82 -15.08 16.17
CA HIS A 445 22.75 -15.66 15.21
C HIS A 445 21.97 -16.07 13.93
N PRO A 446 22.47 -15.81 12.73
CA PRO A 446 23.73 -15.11 12.49
C PRO A 446 23.43 -13.66 12.10
N THR A 447 24.11 -12.71 12.73
CA THR A 447 23.91 -11.30 12.45
C THR A 447 25.23 -10.57 12.52
N LEU A 448 25.28 -9.45 11.82
CA LEU A 448 26.47 -8.59 11.86
C LEU A 448 26.62 -8.09 13.29
N GLY A 449 25.48 -7.87 13.94
CA GLY A 449 25.40 -7.41 15.31
C GLY A 449 26.25 -8.20 16.29
N GLU A 450 26.42 -9.50 16.06
CA GLU A 450 27.25 -10.34 16.92
C GLU A 450 28.66 -9.75 17.07
N ALA A 451 29.11 -9.01 16.05
CA ALA A 451 30.44 -8.40 16.14
C ALA A 451 30.52 -7.37 17.27
N LEU A 452 29.42 -6.68 17.57
CA LEU A 452 29.38 -5.70 18.68
C LEU A 452 29.71 -6.40 20.01
N GLN A 453 29.09 -7.57 20.21
CA GLN A 453 29.32 -8.34 21.43
C GLN A 453 30.80 -8.78 21.48
N GLU A 454 31.29 -9.35 20.38
CA GLU A 454 32.68 -9.79 20.29
C GLU A 454 33.67 -8.66 20.53
N ALA A 455 33.34 -7.45 20.05
CA ALA A 455 34.21 -6.29 20.23
C ALA A 455 34.28 -5.89 21.70
N ALA A 456 33.11 -5.88 22.36
CA ALA A 456 33.04 -5.53 23.76
C ALA A 456 33.83 -6.51 24.62
N LEU A 457 33.77 -7.81 24.29
CA LEU A 457 34.53 -8.83 25.05
C LEU A 457 36.04 -8.66 24.83
N ARG A 458 36.40 -8.33 23.61
CA ARG A 458 37.80 -8.08 23.21
C ARG A 458 38.34 -6.98 24.15
N ALA A 459 37.63 -5.85 24.18
CA ALA A 459 37.99 -4.69 25.02
C ALA A 459 37.97 -5.03 26.51
N LEU A 460 36.96 -5.76 26.93
CA LEU A 460 36.83 -6.16 28.32
C LEU A 460 38.02 -7.07 28.72
N GLY A 461 38.43 -7.94 27.79
CA GLY A 461 39.59 -8.83 28.01
C GLY A 461 40.85 -8.05 28.34
N HIS A 462 41.07 -6.93 27.64
CA HIS A 462 42.22 -6.06 27.89
C HIS A 462 42.07 -5.34 29.24
N ALA A 463 40.88 -4.81 29.49
CA ALA A 463 40.58 -4.08 30.73
C ALA A 463 40.80 -4.90 31.99
N LEU A 464 40.48 -6.19 31.93
CA LEU A 464 40.63 -7.11 33.07
C LEU A 464 41.96 -7.88 33.07
N HIS A 465 42.85 -7.59 32.14
CA HIS A 465 44.12 -8.32 32.04
C HIS A 465 45.03 -7.98 33.22
N VAL A 466 45.88 -8.93 33.61
CA VAL A 466 46.84 -8.72 34.70
C VAL A 466 47.67 -7.49 34.37
N LYS B 5 43.78 -47.66 26.80
CA LYS B 5 44.10 -46.21 26.96
C LYS B 5 43.04 -45.46 27.79
N ASN B 6 43.27 -45.39 29.11
CA ASN B 6 42.36 -44.70 30.04
C ASN B 6 42.76 -43.24 30.17
N GLU B 7 41.78 -42.34 30.10
CA GLU B 7 42.02 -40.89 30.17
C GLU B 7 41.13 -40.22 31.21
N HIS B 8 41.51 -39.01 31.62
CA HIS B 8 40.77 -38.23 32.62
C HIS B 8 40.80 -36.74 32.30
N THR B 9 39.70 -36.05 32.62
CA THR B 9 39.56 -34.60 32.41
C THR B 9 38.60 -34.03 33.46
N THR B 10 38.45 -32.72 33.51
CA THR B 10 37.53 -32.11 34.48
C THR B 10 36.16 -31.96 33.81
N LEU B 11 36.12 -31.31 32.65
CA LEU B 11 34.85 -31.12 31.90
C LEU B 11 34.88 -31.90 30.60
N LEU B 12 33.93 -32.81 30.43
CA LEU B 12 33.82 -33.59 29.19
C LEU B 12 32.55 -33.09 28.49
N VAL B 13 32.70 -32.56 27.28
CA VAL B 13 31.59 -32.01 26.53
C VAL B 13 31.24 -32.92 25.37
N ILE B 14 29.99 -33.42 25.35
CA ILE B 14 29.53 -34.27 24.27
C ILE B 14 28.80 -33.41 23.25
N GLY B 15 29.41 -33.28 22.06
CA GLY B 15 28.83 -32.49 20.96
C GLY B 15 29.64 -31.23 20.67
N GLY B 16 30.03 -31.08 19.40
CA GLY B 16 30.82 -29.92 18.97
C GLY B 16 30.05 -28.84 18.26
N GLY B 17 28.79 -28.65 18.65
CA GLY B 17 27.94 -27.61 18.06
C GLY B 17 28.12 -26.31 18.85
N PRO B 18 27.37 -25.26 18.48
CA PRO B 18 27.42 -23.97 19.15
C PRO B 18 27.45 -24.07 20.67
N GLY B 19 26.59 -24.90 21.24
CA GLY B 19 26.54 -25.08 22.69
C GLY B 19 27.83 -25.66 23.18
N GLY B 20 28.19 -26.81 22.59
CA GLY B 20 29.40 -27.51 22.94
C GLY B 20 30.72 -26.76 22.75
N TYR B 21 31.01 -26.27 21.53
CA TYR B 21 32.29 -25.57 21.29
C TYR B 21 32.43 -24.24 22.06
N VAL B 22 31.34 -23.47 22.19
CA VAL B 22 31.39 -22.21 22.95
C VAL B 22 31.61 -22.51 24.41
N ALA B 23 30.99 -23.58 24.89
CA ALA B 23 31.14 -24.01 26.28
C ALA B 23 32.57 -24.44 26.55
N ALA B 24 33.14 -25.20 25.62
CA ALA B 24 34.49 -25.71 25.75
C ALA B 24 35.53 -24.60 25.68
N ILE B 25 35.32 -23.66 24.75
CA ILE B 25 36.22 -22.52 24.61
C ILE B 25 36.27 -21.73 25.91
N ARG B 26 35.10 -21.27 26.37
CA ARG B 26 35.02 -20.50 27.60
C ARG B 26 35.65 -21.28 28.76
N ALA B 27 35.35 -22.57 28.83
CA ALA B 27 35.91 -23.41 29.87
C ALA B 27 37.45 -23.33 29.84
N GLY B 28 38.04 -23.63 28.68
CA GLY B 28 39.49 -23.55 28.50
C GLY B 28 40.08 -22.18 28.85
N GLN B 29 39.43 -21.11 28.42
CA GLN B 29 39.87 -19.75 28.73
C GLN B 29 39.84 -19.52 30.24
N LEU B 30 38.94 -20.21 30.94
CA LEU B 30 38.84 -20.12 32.40
C LEU B 30 39.76 -21.11 33.13
N GLY B 31 40.56 -21.87 32.38
CA GLY B 31 41.52 -22.79 32.98
C GLY B 31 40.97 -24.12 33.44
N ILE B 32 39.82 -24.51 32.92
CA ILE B 32 39.22 -25.79 33.28
C ILE B 32 39.71 -26.82 32.25
N PRO B 33 40.34 -27.92 32.73
CA PRO B 33 40.77 -28.94 31.76
C PRO B 33 39.50 -29.44 31.09
N THR B 34 39.48 -29.42 29.76
CA THR B 34 38.29 -29.80 29.03
C THR B 34 38.56 -30.67 27.81
N VAL B 35 37.68 -31.63 27.57
CA VAL B 35 37.75 -32.50 26.40
C VAL B 35 36.43 -32.36 25.66
N LEU B 36 36.49 -32.22 24.33
CA LEU B 36 35.29 -32.09 23.50
C LEU B 36 35.23 -33.24 22.50
N VAL B 37 34.11 -33.97 22.50
CA VAL B 37 33.91 -35.09 21.60
C VAL B 37 32.89 -34.71 20.53
N GLU B 38 33.23 -34.99 19.28
CA GLU B 38 32.37 -34.71 18.14
C GLU B 38 32.48 -35.83 17.11
N ARG B 39 31.33 -36.45 16.80
CA ARG B 39 31.27 -37.57 15.85
C ARG B 39 31.49 -37.17 14.38
N ASP B 40 31.02 -35.98 14.02
CA ASP B 40 31.04 -35.54 12.64
C ASP B 40 32.01 -34.37 12.41
N ARG B 41 31.49 -33.13 12.38
CA ARG B 41 32.32 -31.93 12.16
C ARG B 41 32.05 -30.86 13.21
N LEU B 42 33.09 -30.13 13.57
CA LEU B 42 32.95 -29.04 14.54
C LEU B 42 31.98 -27.99 13.98
N GLY B 43 31.18 -27.39 14.84
CA GLY B 43 30.18 -26.40 14.40
C GLY B 43 28.77 -26.97 14.40
N GLY B 44 28.65 -28.29 14.43
CA GLY B 44 27.35 -28.97 14.47
C GLY B 44 26.36 -28.60 13.38
N THR B 45 25.08 -28.62 13.75
CA THR B 45 24.00 -28.30 12.83
C THR B 45 24.09 -26.86 12.32
N CYS B 46 24.29 -25.95 13.25
CA CYS B 46 24.36 -24.53 12.95
C CYS B 46 25.28 -24.19 11.77
N LEU B 47 26.54 -24.62 11.81
CA LEU B 47 27.46 -24.34 10.70
C LEU B 47 27.34 -25.26 9.49
N ASN B 48 27.33 -26.56 9.71
CA ASN B 48 27.33 -27.54 8.62
C ASN B 48 26.04 -27.71 7.83
N ILE B 49 24.91 -27.75 8.51
CA ILE B 49 23.63 -28.02 7.85
C ILE B 49 22.43 -27.21 8.33
N GLY B 50 22.67 -26.03 8.90
CA GLY B 50 21.61 -25.20 9.44
C GLY B 50 21.66 -23.71 9.14
N CYS B 51 22.03 -22.91 10.14
CA CYS B 51 22.06 -21.44 10.04
C CYS B 51 22.82 -20.85 8.87
N ILE B 52 24.11 -21.10 8.84
CA ILE B 52 24.99 -20.55 7.82
C ILE B 52 24.60 -20.99 6.41
N PRO B 53 24.45 -22.29 6.17
CA PRO B 53 24.03 -22.72 4.85
C PRO B 53 22.71 -22.09 4.40
N SER B 54 21.73 -22.01 5.29
CA SER B 54 20.44 -21.43 4.91
C SER B 54 20.62 -19.96 4.56
N LYS B 55 21.23 -19.18 5.45
CA LYS B 55 21.50 -17.76 5.17
C LYS B 55 22.34 -17.56 3.92
N ALA B 56 23.23 -18.50 3.63
CA ALA B 56 24.06 -18.44 2.43
C ALA B 56 23.20 -18.62 1.20
N LEU B 57 22.35 -19.65 1.20
CA LEU B 57 21.46 -19.88 0.04
C LEU B 57 20.37 -18.80 -0.09
N ILE B 58 20.03 -18.13 1.01
CA ILE B 58 19.07 -17.04 0.95
C ILE B 58 19.70 -15.87 0.18
N HIS B 59 21.00 -15.64 0.41
CA HIS B 59 21.72 -14.59 -0.29
C HIS B 59 21.79 -14.89 -1.78
N VAL B 60 22.06 -16.15 -2.15
CA VAL B 60 22.11 -16.51 -3.57
C VAL B 60 20.75 -16.29 -4.25
N ALA B 61 19.69 -16.73 -3.60
CA ALA B 61 18.35 -16.59 -4.15
C ALA B 61 17.95 -15.10 -4.28
N ASP B 62 18.26 -14.28 -3.28
CA ASP B 62 17.95 -12.84 -3.35
C ASP B 62 18.74 -12.23 -4.50
N ALA B 63 20.00 -12.63 -4.63
CA ALA B 63 20.86 -12.12 -5.72
C ALA B 63 20.35 -12.56 -7.09
N PHE B 64 19.83 -13.78 -7.17
CA PHE B 64 19.29 -14.29 -8.44
C PHE B 64 17.94 -13.62 -8.76
N GLU B 65 17.13 -13.36 -7.74
CA GLU B 65 15.84 -12.68 -7.90
C GLU B 65 16.04 -11.29 -8.50
N GLN B 66 17.02 -10.57 -7.96
CA GLN B 66 17.36 -9.22 -8.41
C GLN B 66 17.95 -9.21 -9.81
N ALA B 67 18.81 -10.18 -10.10
CA ALA B 67 19.40 -10.31 -11.44
C ALA B 67 18.31 -10.55 -12.49
N CYS B 68 17.26 -11.28 -12.11
CA CYS B 68 16.13 -11.58 -13.00
C CYS B 68 15.17 -10.41 -13.12
N GLY B 69 15.37 -9.36 -12.32
CA GLY B 69 14.52 -8.19 -12.33
C GLY B 69 13.19 -8.43 -11.61
N HIS B 70 13.15 -9.43 -10.74
CA HIS B 70 11.93 -9.75 -10.01
C HIS B 70 11.76 -8.99 -8.69
N ALA B 71 12.72 -8.11 -8.36
CA ALA B 71 12.65 -7.34 -7.13
C ALA B 71 12.40 -5.87 -7.43
N GLY B 72 11.59 -5.59 -8.45
CA GLY B 72 11.25 -4.21 -8.81
C GLY B 72 12.34 -3.37 -9.49
N GLU B 73 13.30 -4.02 -10.15
CA GLU B 73 14.39 -3.29 -10.83
C GLU B 73 13.87 -2.39 -11.96
N GLY B 74 12.80 -2.80 -12.65
CA GLY B 74 12.21 -2.01 -13.73
C GLY B 74 11.81 -0.60 -13.31
N ALA B 75 11.13 -0.49 -12.18
CA ALA B 75 10.71 0.81 -11.62
C ALA B 75 11.89 1.79 -11.44
N LEU B 76 13.09 1.25 -11.23
CA LEU B 76 14.30 2.07 -11.05
C LEU B 76 14.95 2.51 -12.37
N GLY B 77 14.38 2.09 -13.49
CA GLY B 77 14.91 2.42 -14.80
C GLY B 77 15.92 1.40 -15.30
N ILE B 78 15.96 0.23 -14.66
CA ILE B 78 16.91 -0.82 -15.03
C ILE B 78 16.18 -1.94 -15.78
N ARG B 79 16.51 -2.06 -17.05
CA ARG B 79 15.92 -3.06 -17.92
C ARG B 79 16.97 -4.17 -17.95
N VAL B 80 16.58 -5.35 -17.48
CA VAL B 80 17.50 -6.49 -17.38
C VAL B 80 17.26 -7.56 -18.42
N ARG B 81 18.24 -8.44 -18.56
CA ARG B 81 18.12 -9.59 -19.45
C ARG B 81 18.38 -10.81 -18.57
N ALA B 82 17.62 -11.88 -18.82
CA ALA B 82 17.66 -13.13 -18.02
C ALA B 82 19.07 -13.66 -17.71
N PRO B 83 19.34 -13.94 -16.42
CA PRO B 83 20.61 -14.51 -16.03
C PRO B 83 20.50 -16.03 -15.91
N GLU B 84 21.59 -16.69 -15.55
CA GLU B 84 21.62 -18.14 -15.38
C GLU B 84 22.28 -18.49 -14.08
N ILE B 85 21.81 -19.57 -13.45
CA ILE B 85 22.42 -20.01 -12.20
C ILE B 85 22.89 -21.47 -12.29
N ASP B 86 24.08 -21.71 -11.76
CA ASP B 86 24.68 -23.02 -11.70
C ASP B 86 24.63 -23.32 -10.21
N ILE B 87 23.57 -23.99 -9.80
CA ILE B 87 23.33 -24.31 -8.40
C ILE B 87 24.47 -25.06 -7.71
N ALA B 88 25.19 -25.92 -8.45
CA ALA B 88 26.33 -26.66 -7.88
C ALA B 88 27.41 -25.70 -7.39
N LYS B 89 27.64 -24.64 -8.16
CA LYS B 89 28.63 -23.63 -7.82
C LYS B 89 28.12 -22.79 -6.63
N SER B 90 26.80 -22.57 -6.54
CA SER B 90 26.21 -21.81 -5.42
C SER B 90 26.45 -22.61 -4.14
N VAL B 91 26.22 -23.92 -4.22
CA VAL B 91 26.41 -24.83 -3.08
C VAL B 91 27.90 -24.95 -2.70
N ALA B 92 28.78 -24.91 -3.71
CA ALA B 92 30.23 -25.00 -3.48
C ALA B 92 30.72 -23.74 -2.76
N TRP B 93 30.16 -22.59 -3.13
CA TRP B 93 30.49 -21.31 -2.48
C TRP B 93 30.06 -21.39 -1.02
N LYS B 94 28.84 -21.84 -0.79
CA LYS B 94 28.30 -22.02 0.56
C LYS B 94 29.18 -22.96 1.38
N ASP B 95 29.66 -24.03 0.74
CA ASP B 95 30.53 -25.01 1.43
C ASP B 95 31.88 -24.40 1.80
N GLY B 96 32.36 -23.48 0.96
CA GLY B 96 33.61 -22.78 1.23
C GLY B 96 33.49 -21.99 2.53
N ILE B 97 32.40 -21.23 2.67
CA ILE B 97 32.16 -20.45 3.89
C ILE B 97 32.14 -21.36 5.11
N VAL B 98 31.42 -22.47 4.99
CA VAL B 98 31.34 -23.46 6.08
C VAL B 98 32.74 -24.01 6.40
N ASP B 99 33.57 -24.23 5.37
CA ASP B 99 34.94 -24.70 5.59
C ASP B 99 35.76 -23.69 6.42
N ARG B 100 35.70 -22.42 6.02
CA ARG B 100 36.46 -21.36 6.72
C ARG B 100 36.02 -21.23 8.17
N LEU B 101 34.71 -21.24 8.40
CA LEU B 101 34.18 -21.13 9.77
C LEU B 101 34.52 -22.32 10.67
N THR B 102 34.51 -23.53 10.12
CA THR B 102 34.83 -24.74 10.92
C THR B 102 36.29 -24.71 11.37
N ARG B 103 37.18 -24.37 10.46
CA ARG B 103 38.61 -24.24 10.80
C ARG B 103 38.80 -23.19 11.90
N GLY B 104 38.15 -22.03 11.75
CA GLY B 104 38.21 -20.95 12.74
C GLY B 104 37.80 -21.45 14.11
N VAL B 105 36.71 -22.23 14.15
CA VAL B 105 36.22 -22.82 15.39
C VAL B 105 37.28 -23.77 15.95
N GLY B 106 37.82 -24.62 15.07
CA GLY B 106 38.85 -25.60 15.43
C GLY B 106 40.12 -24.97 16.00
N ALA B 107 40.54 -23.87 15.39
CA ALA B 107 41.73 -23.15 15.82
C ALA B 107 41.47 -22.41 17.13
N LEU B 108 40.23 -21.95 17.32
CA LEU B 108 39.88 -21.23 18.53
C LEU B 108 39.88 -22.24 19.71
N LEU B 109 39.40 -23.46 19.45
CA LEU B 109 39.41 -24.52 20.48
C LEU B 109 40.85 -24.85 20.88
N LYS B 110 41.74 -24.91 19.90
CA LYS B 110 43.14 -25.20 20.17
C LYS B 110 43.77 -24.11 21.04
N LYS B 111 43.57 -22.86 20.62
CA LYS B 111 44.09 -21.68 21.31
C LYS B 111 43.63 -21.58 22.77
N SER B 112 42.47 -22.20 23.07
CA SER B 112 41.90 -22.20 24.42
C SER B 112 42.31 -23.41 25.29
N GLY B 113 43.19 -24.26 24.79
CA GLY B 113 43.64 -25.43 25.54
C GLY B 113 42.67 -26.59 25.63
N VAL B 114 41.70 -26.65 24.72
CA VAL B 114 40.73 -27.74 24.70
C VAL B 114 41.23 -28.85 23.78
N ARG B 115 41.12 -30.10 24.22
CA ARG B 115 41.54 -31.24 23.42
C ARG B 115 40.32 -31.83 22.75
N VAL B 116 40.26 -31.72 21.43
CA VAL B 116 39.15 -32.23 20.64
C VAL B 116 39.37 -33.69 20.27
N LEU B 117 38.33 -34.51 20.45
CA LEU B 117 38.34 -35.93 20.10
C LEU B 117 37.32 -36.17 18.98
N HIS B 118 37.76 -36.81 17.90
CA HIS B 118 36.85 -37.11 16.80
C HIS B 118 36.36 -38.54 16.97
N GLY B 119 35.12 -38.67 17.45
CA GLY B 119 34.54 -40.00 17.66
C GLY B 119 33.09 -40.01 18.10
N GLU B 120 32.51 -41.20 18.16
CA GLU B 120 31.12 -41.37 18.57
C GLU B 120 31.19 -41.71 20.07
N ALA B 121 30.55 -40.91 20.91
CA ALA B 121 30.59 -41.09 22.37
C ALA B 121 29.38 -41.83 22.93
N ARG B 122 29.61 -42.81 23.80
CA ARG B 122 28.53 -43.57 24.45
C ARG B 122 28.67 -43.34 25.96
N VAL B 123 27.60 -42.86 26.60
CA VAL B 123 27.62 -42.61 28.05
C VAL B 123 27.49 -43.92 28.82
N ILE B 124 28.43 -44.17 29.74
CA ILE B 124 28.44 -45.37 30.57
C ILE B 124 27.81 -45.08 31.93
N ASP B 125 28.11 -43.89 32.45
CA ASP B 125 27.52 -43.40 33.71
C ASP B 125 27.78 -41.89 33.78
N GLY B 126 27.34 -41.25 34.86
CA GLY B 126 27.50 -39.81 35.03
C GLY B 126 28.91 -39.24 34.98
N LYS B 127 29.91 -40.09 35.20
CA LYS B 127 31.30 -39.63 35.20
C LYS B 127 32.21 -40.54 34.38
N THR B 128 31.67 -41.13 33.30
CA THR B 128 32.44 -42.04 32.44
C THR B 128 31.80 -42.14 31.05
N VAL B 129 32.65 -42.00 30.01
CA VAL B 129 32.20 -42.06 28.63
C VAL B 129 33.21 -42.82 27.77
N GLU B 130 32.68 -43.60 26.83
CA GLU B 130 33.49 -44.37 25.87
C GLU B 130 33.44 -43.60 24.56
N VAL B 131 34.59 -43.35 23.95
CA VAL B 131 34.64 -42.64 22.67
C VAL B 131 35.17 -43.63 21.63
N VAL B 132 34.33 -43.96 20.65
CA VAL B 132 34.67 -44.92 19.60
C VAL B 132 34.91 -44.23 18.25
N SER B 133 36.04 -44.56 17.63
CA SER B 133 36.41 -44.00 16.32
C SER B 133 36.75 -45.17 15.37
N ALA B 134 37.46 -44.88 14.27
CA ALA B 134 37.82 -45.92 13.29
C ALA B 134 38.86 -46.87 13.87
N GLY B 135 38.41 -47.80 14.71
CA GLY B 135 39.27 -48.79 15.37
C GLY B 135 39.59 -48.43 16.83
N HIS B 136 39.51 -47.14 17.18
CA HIS B 136 39.79 -46.68 18.54
C HIS B 136 38.64 -47.02 19.51
N ALA B 137 38.97 -47.00 20.80
CA ALA B 137 38.01 -47.26 21.86
C ALA B 137 38.67 -46.82 23.16
N VAL B 138 38.43 -45.57 23.54
CA VAL B 138 39.01 -45.00 24.76
C VAL B 138 37.91 -44.70 25.77
N ARG B 139 38.28 -44.78 27.05
CA ARG B 139 37.38 -44.54 28.16
C ARG B 139 37.84 -43.28 28.89
N ILE B 140 36.97 -42.27 28.95
CA ILE B 140 37.30 -40.98 29.58
C ILE B 140 36.47 -40.75 30.84
N GLY B 141 37.13 -40.36 31.93
CA GLY B 141 36.45 -40.05 33.20
C GLY B 141 36.32 -38.55 33.32
N CYS B 142 35.35 -38.07 34.12
CA CYS B 142 35.17 -36.63 34.29
C CYS B 142 34.49 -36.23 35.60
N GLU B 143 34.66 -34.96 35.97
CA GLU B 143 34.01 -34.41 37.16
C GLU B 143 32.62 -33.96 36.71
N HIS B 144 32.57 -33.29 35.56
CA HIS B 144 31.34 -32.76 34.98
C HIS B 144 31.15 -33.28 33.55
N LEU B 145 29.91 -33.64 33.23
CA LEU B 145 29.53 -34.13 31.91
C LEU B 145 28.52 -33.13 31.33
N LEU B 146 28.88 -32.50 30.20
CA LEU B 146 28.02 -31.52 29.55
C LEU B 146 27.43 -32.10 28.28
N LEU B 147 26.12 -32.37 28.31
CA LEU B 147 25.40 -32.92 27.18
C LEU B 147 24.94 -31.78 26.24
N ALA B 148 25.37 -31.86 24.99
CA ALA B 148 25.04 -30.86 24.00
C ALA B 148 25.01 -31.56 22.65
N THR B 149 24.23 -32.63 22.62
CA THR B 149 24.11 -33.46 21.43
C THR B 149 23.14 -32.92 20.37
N GLY B 150 22.47 -31.81 20.67
CA GLY B 150 21.60 -31.15 19.71
C GLY B 150 20.32 -31.83 19.29
N SER B 151 20.04 -31.76 17.99
CA SER B 151 18.81 -32.29 17.43
C SER B 151 18.94 -32.74 15.99
N GLU B 152 17.86 -33.36 15.49
N GLU B 152 17.84 -33.30 15.48
CA GLU B 152 17.74 -33.89 14.13
CA GLU B 152 17.75 -33.82 14.12
C GLU B 152 16.32 -33.65 13.59
C GLU B 152 16.35 -33.58 13.59
N PRO B 153 16.15 -33.68 12.26
CA PRO B 153 14.82 -33.44 11.72
C PRO B 153 13.82 -34.51 12.10
N VAL B 154 12.57 -34.10 12.29
CA VAL B 154 11.49 -35.02 12.61
C VAL B 154 11.03 -35.62 11.28
N GLU B 155 10.95 -36.94 11.23
CA GLU B 155 10.55 -37.66 10.04
C GLU B 155 9.06 -37.95 10.10
N LEU B 156 8.32 -37.64 9.02
CA LEU B 156 6.89 -37.96 8.98
C LEU B 156 6.75 -39.48 8.92
N PRO B 157 5.90 -40.05 9.80
CA PRO B 157 5.75 -41.52 9.79
C PRO B 157 5.17 -42.11 8.50
N SER B 158 4.35 -41.33 7.78
CA SER B 158 3.74 -41.79 6.52
C SER B 158 4.56 -41.43 5.28
N MET B 159 5.74 -40.84 5.47
CA MET B 159 6.55 -40.38 4.34
C MET B 159 8.00 -40.19 4.79
N PRO B 160 8.74 -41.31 4.94
CA PRO B 160 10.13 -41.26 5.42
C PRO B 160 11.13 -40.63 4.46
N PHE B 161 12.29 -40.25 5.00
CA PHE B 161 13.35 -39.64 4.21
C PHE B 161 14.05 -40.67 3.31
N GLY B 162 14.04 -40.39 2.01
CA GLY B 162 14.65 -41.26 1.01
C GLY B 162 14.13 -40.91 -0.38
N GLY B 163 15.03 -40.84 -1.35
CA GLY B 163 14.65 -40.52 -2.73
C GLY B 163 14.15 -39.10 -2.89
N HIS B 164 12.91 -38.97 -3.39
CA HIS B 164 12.29 -37.65 -3.59
C HIS B 164 12.04 -36.90 -2.28
N VAL B 165 11.87 -37.62 -1.17
CA VAL B 165 11.61 -36.98 0.13
C VAL B 165 12.94 -36.66 0.82
N VAL B 166 13.15 -35.39 1.14
CA VAL B 166 14.41 -34.95 1.76
C VAL B 166 14.19 -34.08 2.97
N SER B 167 15.25 -33.89 3.74
CA SER B 167 15.23 -33.03 4.92
C SER B 167 15.89 -31.72 4.52
N SER B 168 15.96 -30.80 5.48
CA SER B 168 16.59 -29.51 5.26
C SER B 168 18.05 -29.66 4.84
N THR B 169 18.69 -30.74 5.34
CA THR B 169 20.11 -31.04 5.03
C THR B 169 20.38 -31.19 3.53
N ASP B 170 19.60 -32.04 2.86
CA ASP B 170 19.75 -32.23 1.42
C ASP B 170 19.22 -31.02 0.65
N ALA B 171 18.21 -30.33 1.20
CA ALA B 171 17.68 -29.13 0.56
C ALA B 171 18.76 -28.03 0.48
N LEU B 172 19.67 -28.05 1.46
CA LEU B 172 20.77 -27.09 1.52
C LEU B 172 21.99 -27.47 0.64
N SER B 173 21.99 -28.70 0.08
CA SER B 173 23.08 -29.11 -0.81
C SER B 173 22.55 -29.86 -2.05
N PRO B 174 21.62 -29.23 -2.79
CA PRO B 174 21.07 -29.86 -3.97
C PRO B 174 22.08 -29.97 -5.11
N ALA B 175 21.99 -31.04 -5.88
CA ALA B 175 22.85 -31.22 -7.05
C ALA B 175 22.17 -30.53 -8.22
N THR B 176 20.83 -30.50 -8.19
CA THR B 176 20.02 -29.86 -9.22
C THR B 176 18.78 -29.19 -8.61
N LEU B 177 18.16 -28.29 -9.38
CA LEU B 177 16.94 -27.62 -8.96
C LEU B 177 15.78 -28.41 -9.55
N PRO B 178 14.78 -28.76 -8.71
CA PRO B 178 13.63 -29.50 -9.21
C PRO B 178 12.61 -28.59 -9.90
N LYS B 179 11.75 -29.19 -10.72
CA LYS B 179 10.73 -28.42 -11.42
C LYS B 179 9.66 -27.98 -10.44
N ARG B 180 9.18 -28.95 -9.64
CA ARG B 180 8.13 -28.72 -8.64
C ARG B 180 8.62 -29.24 -7.30
N LEU B 181 8.37 -28.45 -6.25
CA LEU B 181 8.77 -28.78 -4.88
C LEU B 181 7.57 -28.61 -3.99
N VAL B 182 7.39 -29.56 -3.09
CA VAL B 182 6.35 -29.48 -2.09
C VAL B 182 7.08 -29.44 -0.74
N VAL B 183 6.72 -28.46 0.10
CA VAL B 183 7.30 -28.33 1.42
C VAL B 183 6.20 -28.66 2.42
N VAL B 184 6.53 -29.47 3.43
CA VAL B 184 5.58 -29.82 4.48
C VAL B 184 6.11 -29.09 5.72
N GLY B 185 5.34 -28.12 6.23
CA GLY B 185 5.74 -27.30 7.37
C GLY B 185 5.96 -25.85 6.97
N ALA B 186 5.14 -24.95 7.52
CA ALA B 186 5.24 -23.53 7.26
C ALA B 186 5.87 -22.88 8.48
N GLY B 187 6.91 -23.53 9.01
CA GLY B 187 7.67 -23.00 10.13
C GLY B 187 8.79 -22.22 9.48
N TYR B 188 9.72 -21.70 10.28
CA TYR B 188 10.78 -20.89 9.71
C TYR B 188 11.71 -21.68 8.76
N ILE B 189 11.94 -22.96 9.01
CA ILE B 189 12.85 -23.73 8.15
C ILE B 189 12.21 -24.00 6.79
N GLY B 190 10.98 -24.48 6.80
CA GLY B 190 10.27 -24.78 5.56
C GLY B 190 10.02 -23.55 4.68
N LEU B 191 9.72 -22.41 5.31
CA LEU B 191 9.48 -21.19 4.55
C LEU B 191 10.74 -20.53 4.05
N GLU B 192 11.79 -20.50 4.87
CA GLU B 192 13.05 -19.92 4.44
C GLU B 192 13.52 -20.67 3.19
N LEU B 193 13.54 -21.99 3.25
CA LEU B 193 13.98 -22.80 2.10
C LEU B 193 12.97 -22.78 0.97
N GLY B 194 11.69 -22.72 1.29
CA GLY B 194 10.65 -22.67 0.27
C GLY B 194 10.77 -21.45 -0.63
N ILE B 195 11.14 -20.33 -0.02
CA ILE B 195 11.31 -19.05 -0.69
C ILE B 195 12.60 -19.07 -1.52
N VAL B 196 13.65 -19.69 -0.99
CA VAL B 196 14.92 -19.82 -1.71
C VAL B 196 14.64 -20.45 -3.08
N TYR B 197 14.00 -21.61 -3.06
CA TYR B 197 13.66 -22.36 -4.26
C TYR B 197 12.72 -21.64 -5.19
N ARG B 198 11.76 -20.90 -4.64
CA ARG B 198 10.79 -20.16 -5.48
C ARG B 198 11.50 -19.06 -6.26
N LYS B 199 12.39 -18.34 -5.58
CA LYS B 199 13.16 -17.27 -6.23
C LYS B 199 14.11 -17.83 -7.29
N LEU B 200 14.51 -19.10 -7.16
CA LEU B 200 15.38 -19.76 -8.15
C LEU B 200 14.62 -20.38 -9.33
N GLY B 201 13.33 -20.03 -9.50
CA GLY B 201 12.51 -20.52 -10.61
C GLY B 201 11.74 -21.81 -10.39
N VAL B 202 11.75 -22.34 -9.17
CA VAL B 202 11.07 -23.59 -8.88
C VAL B 202 9.60 -23.34 -8.53
N ASP B 203 8.72 -24.26 -8.96
CA ASP B 203 7.29 -24.20 -8.64
C ASP B 203 7.21 -24.75 -7.22
N VAL B 204 6.89 -23.88 -6.27
CA VAL B 204 6.86 -24.27 -4.86
C VAL B 204 5.48 -24.23 -4.22
N SER B 205 5.18 -25.29 -3.45
CA SER B 205 3.93 -25.42 -2.72
C SER B 205 4.28 -25.72 -1.28
N VAL B 206 3.57 -25.09 -0.34
CA VAL B 206 3.80 -25.31 1.09
C VAL B 206 2.53 -25.92 1.70
N VAL B 207 2.70 -26.98 2.51
CA VAL B 207 1.61 -27.70 3.19
C VAL B 207 1.76 -27.56 4.70
N GLU B 208 0.80 -26.90 5.33
CA GLU B 208 0.80 -26.64 6.77
C GLU B 208 -0.53 -27.05 7.37
N ALA B 209 -0.48 -27.66 8.56
CA ALA B 209 -1.69 -28.11 9.26
C ALA B 209 -2.38 -26.97 10.01
N ALA B 210 -1.62 -25.96 10.41
CA ALA B 210 -2.19 -24.82 11.13
C ALA B 210 -3.01 -23.93 10.18
N GLU B 211 -3.86 -23.08 10.75
CA GLU B 211 -4.73 -22.19 9.95
C GLU B 211 -3.96 -21.07 9.22
N ARG B 212 -2.67 -20.94 9.50
CA ARG B 212 -1.85 -19.91 8.84
C ARG B 212 -0.35 -20.26 8.96
N VAL B 213 0.46 -19.61 8.13
CA VAL B 213 1.90 -19.83 8.16
C VAL B 213 2.50 -19.31 9.45
N LEU B 214 3.68 -19.83 9.77
CA LEU B 214 4.41 -19.44 10.96
C LEU B 214 3.51 -19.35 12.20
N PRO B 215 2.93 -20.50 12.62
CA PRO B 215 2.04 -20.51 13.80
C PRO B 215 2.70 -20.06 15.12
N ALA B 216 4.03 -20.13 15.21
CA ALA B 216 4.72 -19.71 16.43
C ALA B 216 4.69 -18.20 16.66
N TYR B 217 4.49 -17.42 15.60
CA TYR B 217 4.40 -15.96 15.70
C TYR B 217 2.96 -15.52 15.64
N ASP B 218 2.66 -14.32 16.13
CA ASP B 218 1.27 -13.82 16.11
C ASP B 218 0.81 -13.47 14.69
N ALA B 219 -0.49 -13.29 14.55
CA ALA B 219 -1.14 -13.02 13.27
C ALA B 219 -0.70 -11.75 12.55
N GLU B 220 -0.77 -10.60 13.22
CA GLU B 220 -0.39 -9.31 12.62
C GLU B 220 1.02 -9.37 12.01
N LEU B 221 1.97 -9.90 12.80
CA LEU B 221 3.39 -10.01 12.42
C LEU B 221 3.68 -10.87 11.16
N VAL B 222 2.91 -11.93 10.99
CA VAL B 222 3.01 -12.89 9.88
C VAL B 222 2.35 -12.45 8.57
N ARG B 223 1.37 -11.55 8.66
CA ARG B 223 0.57 -11.11 7.50
C ARG B 223 1.44 -10.67 6.30
N PRO B 224 2.46 -9.82 6.54
CA PRO B 224 3.29 -9.40 5.40
C PRO B 224 4.07 -10.55 4.76
N VAL B 225 4.29 -11.65 5.51
CA VAL B 225 4.97 -12.83 4.97
C VAL B 225 3.96 -13.56 4.08
N ALA B 226 2.71 -13.64 4.52
CA ALA B 226 1.66 -14.27 3.73
C ALA B 226 1.55 -13.56 2.39
N ASP B 227 1.42 -12.23 2.42
CA ASP B 227 1.32 -11.43 1.20
C ASP B 227 2.49 -11.69 0.25
N SER B 228 3.71 -11.73 0.81
CA SER B 228 4.91 -11.99 0.00
C SER B 228 4.85 -13.33 -0.70
N LEU B 229 4.39 -14.36 0.01
CA LEU B 229 4.27 -15.70 -0.58
C LEU B 229 3.27 -15.66 -1.73
N ALA B 230 2.25 -14.82 -1.59
CA ALA B 230 1.25 -14.64 -2.64
C ALA B 230 1.89 -14.03 -3.88
N ARG B 231 2.64 -12.95 -3.71
CA ARG B 231 3.30 -12.30 -4.87
C ARG B 231 4.34 -13.19 -5.53
N LEU B 232 5.09 -13.93 -4.72
CA LEU B 232 6.15 -14.82 -5.21
C LEU B 232 5.61 -16.01 -5.99
N GLY B 233 4.32 -16.31 -5.82
CA GLY B 233 3.69 -17.42 -6.52
C GLY B 233 3.75 -18.74 -5.77
N VAL B 234 3.97 -18.67 -4.46
CA VAL B 234 4.02 -19.88 -3.65
C VAL B 234 2.58 -20.28 -3.32
N ARG B 235 2.25 -21.55 -3.59
CA ARG B 235 0.92 -22.11 -3.32
C ARG B 235 0.83 -22.59 -1.86
N LEU B 236 -0.12 -22.04 -1.11
CA LEU B 236 -0.30 -22.41 0.30
C LEU B 236 -1.52 -23.31 0.54
N TRP B 237 -1.28 -24.43 1.24
CA TRP B 237 -2.33 -25.37 1.59
C TRP B 237 -2.43 -25.39 3.10
N LEU B 238 -3.19 -24.44 3.63
CA LEU B 238 -3.41 -24.26 5.07
C LEU B 238 -4.55 -25.16 5.57
N GLY B 239 -4.43 -25.64 6.80
CA GLY B 239 -5.44 -26.52 7.39
C GLY B 239 -5.49 -27.86 6.68
N HIS B 240 -4.33 -28.32 6.21
CA HIS B 240 -4.21 -29.59 5.50
C HIS B 240 -3.06 -30.42 6.07
N LYS B 241 -3.28 -31.73 6.23
CA LYS B 241 -2.24 -32.65 6.71
C LYS B 241 -1.82 -33.54 5.56
N VAL B 242 -0.58 -34.02 5.62
CA VAL B 242 -0.04 -34.90 4.59
C VAL B 242 -0.28 -36.35 4.98
N LEU B 243 -0.87 -37.12 4.07
CA LEU B 243 -1.17 -38.53 4.30
C LEU B 243 -0.09 -39.44 3.72
N GLY B 244 0.72 -38.92 2.81
CA GLY B 244 1.81 -39.70 2.20
C GLY B 244 1.84 -39.60 0.70
N LEU B 245 2.76 -40.34 0.09
CA LEU B 245 2.91 -40.35 -1.37
C LEU B 245 1.98 -41.36 -2.00
N ASP B 246 1.68 -41.14 -3.28
CA ASP B 246 0.85 -42.05 -4.07
C ASP B 246 1.81 -42.79 -5.02
N LYS B 247 1.27 -43.53 -5.98
CA LYS B 247 2.11 -44.27 -6.93
C LYS B 247 2.89 -43.34 -7.88
N HIS B 248 2.27 -42.23 -8.30
CA HIS B 248 2.91 -41.26 -9.21
C HIS B 248 3.90 -40.28 -8.54
N GLY B 249 4.24 -40.53 -7.27
CA GLY B 249 5.19 -39.66 -6.55
C GLY B 249 4.62 -38.33 -6.08
N ALA B 250 3.30 -38.18 -6.16
CA ALA B 250 2.61 -36.95 -5.73
C ALA B 250 2.23 -37.07 -4.27
N VAL B 251 2.17 -35.92 -3.58
CA VAL B 251 1.85 -35.87 -2.16
C VAL B 251 0.34 -35.83 -1.92
N ARG B 252 -0.17 -36.81 -1.18
CA ARG B 252 -1.60 -36.88 -0.84
C ARG B 252 -1.84 -35.93 0.35
N VAL B 253 -2.78 -35.01 0.16
CA VAL B 253 -3.10 -33.98 1.14
C VAL B 253 -4.57 -34.04 1.56
N GLN B 254 -4.84 -34.05 2.88
CA GLN B 254 -6.22 -34.12 3.41
C GLN B 254 -6.60 -32.85 4.16
N ALA B 255 -7.76 -32.28 3.81
CA ALA B 255 -8.26 -31.06 4.45
C ALA B 255 -9.05 -31.37 5.73
N ALA B 256 -9.47 -30.30 6.41
CA ALA B 256 -10.22 -30.42 7.67
C ALA B 256 -11.58 -31.14 7.51
N ASP B 257 -12.28 -30.86 6.40
CA ASP B 257 -13.58 -31.50 6.14
C ASP B 257 -13.47 -33.01 5.83
N GLY B 258 -12.27 -33.43 5.41
CA GLY B 258 -12.00 -34.84 5.09
C GLY B 258 -11.61 -35.08 3.64
N ALA B 259 -12.12 -34.23 2.74
CA ALA B 259 -11.83 -34.34 1.30
C ALA B 259 -10.35 -34.14 1.06
N GLU B 260 -9.77 -34.95 0.17
CA GLU B 260 -8.34 -34.88 -0.12
C GLU B 260 -8.00 -34.45 -1.55
N GLN B 261 -6.73 -34.10 -1.74
CA GLN B 261 -6.16 -33.69 -3.03
C GLN B 261 -4.69 -34.12 -3.11
N THR B 262 -4.15 -34.20 -4.33
CA THR B 262 -2.75 -34.58 -4.53
C THR B 262 -1.97 -33.49 -5.25
N LEU B 263 -0.84 -33.09 -4.67
CA LEU B 263 0.02 -32.06 -5.23
C LEU B 263 1.20 -32.77 -5.91
N PRO B 264 1.33 -32.64 -7.25
CA PRO B 264 2.45 -33.32 -7.91
C PRO B 264 3.80 -32.77 -7.44
N ALA B 265 4.82 -33.62 -7.42
CA ALA B 265 6.14 -33.18 -6.97
C ALA B 265 7.24 -34.17 -7.30
N ASP B 266 8.39 -33.64 -7.71
CA ASP B 266 9.59 -34.45 -7.95
C ASP B 266 10.65 -34.12 -6.89
N ARG B 267 10.19 -33.63 -5.73
CA ARG B 267 11.07 -33.26 -4.62
C ARG B 267 10.16 -32.82 -3.45
N VAL B 268 10.32 -33.44 -2.28
CA VAL B 268 9.49 -33.08 -1.13
C VAL B 268 10.32 -32.80 0.14
N LEU B 269 10.21 -31.57 0.63
CA LEU B 269 10.91 -31.13 1.83
C LEU B 269 10.01 -31.26 3.04
N VAL B 270 10.38 -32.11 3.98
CA VAL B 270 9.63 -32.29 5.22
C VAL B 270 10.34 -31.49 6.30
N ALA B 271 9.69 -30.43 6.78
CA ALA B 271 10.20 -29.55 7.83
C ALA B 271 9.11 -29.35 8.84
N VAL B 272 8.74 -30.45 9.48
CA VAL B 272 7.69 -30.44 10.50
C VAL B 272 8.17 -30.21 11.95
N GLY B 273 9.48 -30.14 12.16
CA GLY B 273 10.02 -29.90 13.48
C GLY B 273 11.39 -30.48 13.67
N ARG B 274 11.88 -30.40 14.92
CA ARG B 274 13.17 -30.99 15.24
C ARG B 274 13.06 -31.75 16.56
N ARG B 275 13.71 -32.91 16.58
CA ARG B 275 13.70 -33.82 17.72
C ARG B 275 15.05 -33.78 18.46
N PRO B 276 15.04 -33.64 19.79
CA PRO B 276 16.31 -33.67 20.53
C PRO B 276 17.04 -35.01 20.42
N ARG B 277 18.37 -34.99 20.28
CA ARG B 277 19.16 -36.24 20.21
C ARG B 277 19.42 -36.78 21.61
N VAL B 278 18.59 -37.73 22.03
CA VAL B 278 18.74 -38.34 23.35
C VAL B 278 18.92 -39.86 23.29
N ASP B 279 18.59 -40.49 22.16
CA ASP B 279 18.67 -41.95 22.00
C ASP B 279 19.90 -42.45 21.26
N GLY B 280 20.26 -43.71 21.50
CA GLY B 280 21.37 -44.38 20.83
C GLY B 280 22.79 -44.26 21.34
N PHE B 281 23.03 -43.57 22.46
CA PHE B 281 24.39 -43.42 22.98
C PHE B 281 24.51 -43.58 24.51
N GLY B 282 23.81 -44.57 25.04
CA GLY B 282 23.83 -44.90 26.46
C GLY B 282 23.32 -43.88 27.45
N LEU B 283 22.49 -42.96 26.98
CA LEU B 283 21.94 -41.90 27.85
C LEU B 283 20.83 -42.53 28.74
N GLU B 284 20.35 -43.70 28.34
CA GLU B 284 19.33 -44.44 29.12
C GLU B 284 19.86 -44.74 30.53
N THR B 285 21.13 -45.15 30.61
CA THR B 285 21.79 -45.50 31.87
C THR B 285 21.76 -44.41 32.94
N LEU B 286 21.67 -43.15 32.55
CA LEU B 286 21.64 -42.03 33.50
C LEU B 286 20.25 -41.80 34.09
N MET B 287 19.21 -42.16 33.35
CA MET B 287 17.81 -41.98 33.77
C MET B 287 17.55 -40.55 34.25
N LEU B 288 17.65 -39.62 33.31
CA LEU B 288 17.46 -38.20 33.58
C LEU B 288 16.01 -37.82 33.41
N ASP B 289 15.53 -36.88 34.23
CA ASP B 289 14.15 -36.40 34.09
C ASP B 289 13.97 -35.78 32.69
N ARG B 290 12.80 -36.00 32.10
CA ARG B 290 12.54 -35.53 30.74
C ARG B 290 11.46 -34.45 30.67
N ASN B 291 11.56 -33.62 29.65
CA ASN B 291 10.60 -32.58 29.35
C ASN B 291 10.26 -32.87 27.91
N GLY B 292 9.27 -33.73 27.71
CA GLY B 292 8.89 -34.16 26.37
C GLY B 292 10.04 -35.06 25.92
N ARG B 293 10.49 -34.89 24.69
CA ARG B 293 11.58 -35.70 24.16
C ARG B 293 12.94 -35.08 24.52
N ALA B 294 12.95 -34.00 25.31
CA ALA B 294 14.18 -33.31 25.71
C ALA B 294 14.55 -33.53 27.16
N LEU B 295 15.82 -33.31 27.48
CA LEU B 295 16.31 -33.47 28.85
C LEU B 295 15.83 -32.28 29.69
N ARG B 296 15.28 -32.56 30.87
CA ARG B 296 14.78 -31.50 31.75
C ARG B 296 15.95 -30.79 32.43
N ILE B 297 15.87 -29.47 32.50
CA ILE B 297 16.90 -28.66 33.16
C ILE B 297 16.31 -27.54 34.01
N ASP B 298 17.09 -27.08 34.99
CA ASP B 298 16.69 -25.93 35.81
C ASP B 298 17.27 -24.70 35.07
N ASP B 299 17.09 -23.49 35.62
CA ASP B 299 17.59 -22.28 34.91
C ASP B 299 19.13 -22.11 34.85
N THR B 300 19.89 -23.09 35.34
CA THR B 300 21.35 -23.08 35.25
C THR B 300 21.86 -24.26 34.40
N CYS B 301 20.96 -24.87 33.64
CA CYS B 301 21.27 -26.01 32.76
C CYS B 301 21.73 -27.30 33.45
N ARG B 302 21.30 -27.51 34.68
CA ARG B 302 21.60 -28.74 35.41
C ARG B 302 20.47 -29.75 35.19
N THR B 303 20.85 -31.02 35.02
CA THR B 303 19.89 -32.09 34.84
C THR B 303 19.52 -32.60 36.22
N SER B 304 18.78 -33.70 36.29
CA SER B 304 18.40 -34.28 37.58
C SER B 304 19.57 -35.01 38.28
N MET B 305 20.65 -35.28 37.53
CA MET B 305 21.83 -35.96 38.09
C MET B 305 22.90 -34.90 38.35
N ARG B 306 23.47 -34.89 39.56
CA ARG B 306 24.48 -33.87 39.89
C ARG B 306 25.73 -34.01 39.01
N ASN B 307 26.25 -32.87 38.58
CA ASN B 307 27.42 -32.79 37.69
C ASN B 307 27.16 -33.38 36.30
N VAL B 308 25.90 -33.31 35.87
CA VAL B 308 25.49 -33.75 34.53
C VAL B 308 24.66 -32.55 34.06
N TRP B 309 25.17 -31.81 33.09
CA TRP B 309 24.52 -30.61 32.57
C TRP B 309 24.04 -30.87 31.16
N ALA B 310 23.07 -30.08 30.72
CA ALA B 310 22.51 -30.17 29.34
C ALA B 310 22.24 -28.77 28.78
N ILE B 311 22.60 -28.55 27.52
CA ILE B 311 22.41 -27.28 26.86
C ILE B 311 22.02 -27.44 25.40
N GLY B 312 21.49 -26.37 24.82
CA GLY B 312 21.11 -26.35 23.41
C GLY B 312 19.82 -27.07 23.11
N ASP B 313 19.68 -27.56 21.88
CA ASP B 313 18.45 -28.25 21.42
C ASP B 313 18.12 -29.51 22.22
N VAL B 314 19.12 -30.19 22.77
CA VAL B 314 18.87 -31.41 23.54
C VAL B 314 18.11 -31.02 24.83
N ALA B 315 18.13 -29.72 25.17
CA ALA B 315 17.39 -29.23 26.35
C ALA B 315 16.12 -28.48 25.95
N GLY B 316 15.64 -28.73 24.74
CA GLY B 316 14.37 -28.17 24.27
C GLY B 316 14.36 -26.80 23.62
N GLU B 317 13.15 -26.24 23.53
CA GLU B 317 12.92 -24.95 22.93
C GLU B 317 13.38 -23.82 23.88
N PRO B 318 13.79 -22.67 23.31
CA PRO B 318 13.84 -22.41 21.86
C PRO B 318 15.12 -22.97 21.22
N MET B 319 14.98 -23.68 20.09
CA MET B 319 16.13 -24.28 19.41
C MET B 319 16.85 -23.26 18.56
N LEU B 320 17.72 -22.49 19.21
CA LEU B 320 18.48 -21.42 18.56
C LEU B 320 19.94 -21.56 18.94
N ALA B 321 20.82 -21.19 18.00
CA ALA B 321 22.27 -21.27 18.20
C ALA B 321 22.78 -20.35 19.33
N HIS B 322 22.40 -19.08 19.28
CA HIS B 322 22.81 -18.09 20.31
C HIS B 322 22.35 -18.48 21.72
N ARG B 323 21.20 -19.11 21.80
CA ARG B 323 20.70 -19.58 23.09
C ARG B 323 21.60 -20.71 23.61
N ALA B 324 21.97 -21.64 22.72
CA ALA B 324 22.85 -22.74 23.09
C ALA B 324 24.23 -22.23 23.52
N MET B 325 24.75 -21.23 22.80
CA MET B 325 26.06 -20.63 23.10
C MET B 325 26.00 -19.95 24.44
N ALA B 326 24.98 -19.12 24.66
CA ALA B 326 24.81 -18.42 25.93
C ALA B 326 24.68 -19.43 27.08
N GLN B 327 23.93 -20.53 26.87
CA GLN B 327 23.81 -21.56 27.91
C GLN B 327 25.19 -22.20 28.22
N GLY B 328 25.95 -22.52 27.19
CA GLY B 328 27.27 -23.11 27.36
C GLY B 328 28.22 -22.24 28.17
N GLU B 329 28.22 -20.94 27.89
CA GLU B 329 29.06 -20.00 28.59
C GLU B 329 28.69 -19.97 30.07
N MET B 330 27.40 -20.02 30.35
CA MET B 330 26.92 -20.02 31.73
C MET B 330 27.41 -21.23 32.53
N VAL B 331 27.44 -22.40 31.88
CA VAL B 331 27.87 -23.66 32.51
C VAL B 331 29.36 -23.62 32.81
N ALA B 332 30.15 -23.15 31.85
CA ALA B 332 31.59 -23.01 32.01
C ALA B 332 31.88 -22.08 33.20
N GLU B 333 31.17 -20.95 33.27
CA GLU B 333 31.30 -19.98 34.35
C GLU B 333 30.98 -20.63 35.70
N LEU B 334 29.89 -21.39 35.79
CA LEU B 334 29.53 -22.09 37.03
C LEU B 334 30.59 -23.10 37.48
N ILE B 335 31.05 -23.94 36.56
CA ILE B 335 32.08 -24.93 36.89
C ILE B 335 33.33 -24.22 37.44
N ALA B 336 33.64 -23.03 36.91
CA ALA B 336 34.78 -22.24 37.38
C ALA B 336 34.48 -21.54 38.72
N GLY B 337 33.39 -21.91 39.38
CA GLY B 337 33.03 -21.35 40.68
C GLY B 337 32.45 -19.95 40.67
N ARG B 338 32.05 -19.45 39.51
CA ARG B 338 31.49 -18.10 39.46
C ARG B 338 29.99 -18.07 39.72
N ARG B 339 29.58 -17.12 40.56
CA ARG B 339 28.17 -16.96 40.93
C ARG B 339 27.66 -15.86 40.00
N ARG B 340 26.47 -15.31 40.32
CA ARG B 340 25.67 -14.41 39.46
C ARG B 340 25.76 -14.61 37.94
N GLN B 341 25.22 -15.74 37.49
CA GLN B 341 25.21 -16.07 36.06
C GLN B 341 23.78 -16.56 35.76
N PHE B 342 22.97 -15.68 35.17
CA PHE B 342 21.57 -15.95 34.83
C PHE B 342 21.30 -15.77 33.34
N MET B 343 20.33 -16.51 32.82
CA MET B 343 19.93 -16.36 31.41
C MET B 343 19.01 -15.13 31.32
N PRO B 344 19.16 -14.34 30.24
CA PRO B 344 18.36 -13.10 30.13
C PRO B 344 16.86 -13.34 30.04
N ALA B 345 16.12 -12.34 30.47
CA ALA B 345 14.67 -12.38 30.47
C ALA B 345 14.09 -12.53 29.05
N ALA B 346 14.86 -12.12 28.03
CA ALA B 346 14.41 -12.19 26.64
C ALA B 346 15.52 -12.61 25.64
N ILE B 347 15.20 -13.60 24.79
CA ILE B 347 16.11 -14.12 23.77
C ILE B 347 15.61 -13.68 22.39
N PRO B 348 16.43 -12.95 21.62
CA PRO B 348 16.00 -12.50 20.30
C PRO B 348 16.03 -13.60 19.26
N ALA B 349 15.25 -13.43 18.21
CA ALA B 349 15.21 -14.41 17.13
C ALA B 349 14.94 -13.70 15.82
N VAL B 350 15.48 -14.25 14.75
CA VAL B 350 15.29 -13.71 13.42
C VAL B 350 14.91 -14.85 12.51
N CYS B 351 13.80 -14.68 11.82
CA CYS B 351 13.31 -15.64 10.83
C CYS B 351 13.63 -14.95 9.50
N PHE B 352 14.53 -15.57 8.73
CA PHE B 352 15.02 -15.00 7.47
C PHE B 352 14.16 -15.25 6.20
N THR B 353 12.86 -15.09 6.35
CA THR B 353 11.94 -15.17 5.24
C THR B 353 12.00 -13.76 4.60
N ASP B 354 11.23 -13.57 3.54
CA ASP B 354 11.17 -12.29 2.86
C ASP B 354 9.68 -11.87 2.81
N PRO B 355 9.25 -10.88 3.60
CA PRO B 355 10.07 -10.15 4.56
C PRO B 355 10.54 -10.97 5.75
N GLU B 356 11.50 -10.41 6.48
CA GLU B 356 12.07 -11.04 7.65
C GLU B 356 11.23 -10.69 8.86
N ILE B 357 11.31 -11.55 9.89
CA ILE B 357 10.64 -11.33 11.15
C ILE B 357 11.73 -11.35 12.24
N VAL B 358 11.70 -10.35 13.11
CA VAL B 358 12.64 -10.23 14.23
C VAL B 358 11.83 -10.00 15.50
N THR B 359 12.16 -10.73 16.54
CA THR B 359 11.50 -10.61 17.82
C THR B 359 12.48 -10.79 18.99
N ALA B 360 12.11 -10.17 20.10
CA ALA B 360 12.82 -10.26 21.36
C ALA B 360 11.78 -9.95 22.44
N GLY B 361 11.74 -10.79 23.49
CA GLY B 361 10.82 -10.57 24.61
C GLY B 361 9.38 -10.93 24.31
N TRP B 362 8.46 -10.26 24.96
CA TRP B 362 7.05 -10.59 24.78
C TRP B 362 6.31 -9.85 23.69
N SER B 363 5.35 -10.56 23.07
CA SER B 363 4.42 -9.97 22.10
C SER B 363 3.26 -9.48 22.98
N PRO B 364 2.30 -8.74 22.39
CA PRO B 364 1.16 -8.33 23.24
C PRO B 364 0.42 -9.53 23.91
N ASP B 365 0.25 -10.64 23.17
CA ASP B 365 -0.41 -11.84 23.71
C ASP B 365 0.42 -12.50 24.83
N ASP B 366 1.74 -12.62 24.64
CA ASP B 366 2.64 -13.19 25.68
C ASP B 366 2.59 -12.35 26.95
N ALA B 367 2.44 -11.04 26.79
CA ALA B 367 2.36 -10.13 27.92
C ALA B 367 1.05 -10.29 28.69
N HIS B 368 -0.03 -10.62 27.97
CA HIS B 368 -1.34 -10.82 28.62
C HIS B 368 -1.35 -12.17 29.35
N ALA B 369 -0.75 -13.19 28.73
CA ALA B 369 -0.64 -14.53 29.33
C ALA B 369 0.16 -14.52 30.64
N ALA B 370 1.20 -13.67 30.70
CA ALA B 370 2.03 -13.56 31.91
C ALA B 370 1.41 -12.63 32.96
N GLY B 371 0.19 -12.18 32.70
CA GLY B 371 -0.55 -11.34 33.64
C GLY B 371 -0.02 -9.94 33.85
N VAL B 372 0.56 -9.36 32.80
CA VAL B 372 1.09 -7.99 32.86
C VAL B 372 0.28 -7.09 31.91
N ASP B 373 -0.29 -6.01 32.46
CA ASP B 373 -1.07 -5.06 31.68
C ASP B 373 -0.11 -4.22 30.83
N CYS B 374 -0.13 -4.46 29.53
CA CYS B 374 0.77 -3.79 28.61
C CYS B 374 0.10 -3.07 27.46
N LEU B 375 0.75 -1.99 27.02
CA LEU B 375 0.30 -1.22 25.87
C LEU B 375 1.32 -1.49 24.77
N SER B 376 0.91 -1.29 23.53
CA SER B 376 1.80 -1.48 22.40
C SER B 376 1.43 -0.48 21.30
N ALA B 377 2.39 -0.24 20.42
CA ALA B 377 2.21 0.67 19.31
C ALA B 377 3.15 0.22 18.21
N SER B 378 2.71 0.37 16.98
CA SER B 378 3.51 -0.01 15.82
C SER B 378 3.68 1.17 14.89
N PHE B 379 4.69 1.10 14.04
CA PHE B 379 4.94 2.15 13.05
C PHE B 379 5.18 1.42 11.75
N PRO B 380 4.44 1.78 10.69
CA PRO B 380 4.60 1.07 9.43
C PRO B 380 5.78 1.56 8.60
N PHE B 381 6.42 0.66 7.87
CA PHE B 381 7.54 1.06 7.03
C PHE B 381 7.06 1.86 5.81
N ALA B 382 5.76 1.85 5.53
CA ALA B 382 5.17 2.64 4.42
C ALA B 382 5.35 4.15 4.59
N ALA B 383 5.62 4.59 5.82
CA ALA B 383 5.81 6.00 6.15
C ALA B 383 7.25 6.30 6.59
N ASN B 384 8.17 5.38 6.31
CA ASN B 384 9.58 5.53 6.69
C ASN B 384 10.33 5.84 5.39
N GLY B 385 11.12 6.91 5.41
CA GLY B 385 11.85 7.32 4.21
C GLY B 385 12.82 6.28 3.68
N ARG B 386 13.60 5.71 4.59
CA ARG B 386 14.61 4.73 4.22
C ARG B 386 13.98 3.54 3.51
N ALA B 387 12.90 3.02 4.10
CA ALA B 387 12.18 1.90 3.52
C ALA B 387 11.78 2.21 2.08
N MET B 388 11.33 3.44 1.82
CA MET B 388 10.94 3.82 0.45
C MET B 388 12.14 3.84 -0.50
N THR B 389 13.30 4.31 -0.03
CA THR B 389 14.50 4.35 -0.86
C THR B 389 14.96 2.92 -1.18
N LEU B 390 14.59 1.97 -0.34
CA LEU B 390 14.93 0.56 -0.55
C LEU B 390 13.84 -0.27 -1.26
N GLN B 391 12.69 0.33 -1.61
CA GLN B 391 11.56 -0.40 -2.22
C GLN B 391 11.15 -1.55 -1.31
N ALA B 392 11.07 -1.25 -0.02
CA ALA B 392 10.71 -2.24 1.00
C ALA B 392 9.84 -1.55 2.02
N THR B 393 8.64 -1.20 1.58
CA THR B 393 7.67 -0.49 2.38
C THR B 393 6.67 -1.36 3.17
N ASP B 394 6.63 -2.68 2.93
CA ASP B 394 5.72 -3.55 3.72
C ASP B 394 6.26 -3.81 5.10
N GLY B 395 5.35 -4.11 6.02
CA GLY B 395 5.70 -4.43 7.37
C GLY B 395 5.67 -3.27 8.32
N PHE B 396 6.19 -3.51 9.51
CA PHE B 396 6.16 -2.52 10.58
C PHE B 396 7.05 -2.95 11.71
N VAL B 397 7.14 -2.10 12.72
CA VAL B 397 7.89 -2.33 13.93
C VAL B 397 6.89 -2.12 15.06
N ARG B 398 6.90 -3.00 16.05
CA ARG B 398 6.01 -2.89 17.18
C ARG B 398 6.78 -2.87 18.49
N VAL B 399 6.37 -2.01 19.41
CA VAL B 399 6.99 -1.95 20.75
C VAL B 399 5.94 -2.40 21.76
N VAL B 400 6.36 -3.13 22.79
CA VAL B 400 5.42 -3.61 23.81
C VAL B 400 6.00 -3.19 25.18
N ALA B 401 5.16 -2.50 25.98
CA ALA B 401 5.60 -2.01 27.29
C ALA B 401 4.55 -2.08 28.38
N ARG B 402 5.00 -2.11 29.63
CA ARG B 402 4.08 -2.12 30.76
C ARG B 402 3.31 -0.79 30.80
N ARG B 403 2.02 -0.87 31.05
CA ARG B 403 1.19 0.33 31.11
C ARG B 403 1.56 1.22 32.32
N ASP B 404 1.94 0.60 33.43
CA ASP B 404 2.25 1.34 34.66
C ASP B 404 3.54 2.16 34.68
N ASN B 405 4.67 1.55 34.33
CA ASN B 405 5.98 2.21 34.36
C ASN B 405 6.67 2.35 33.00
N HIS B 406 5.99 1.93 31.94
CA HIS B 406 6.50 2.02 30.58
C HIS B 406 7.79 1.25 30.28
N LEU B 407 8.10 0.25 31.10
CA LEU B 407 9.27 -0.58 30.86
C LEU B 407 8.99 -1.40 29.62
N ILE B 408 9.91 -1.38 28.66
CA ILE B 408 9.73 -2.17 27.45
C ILE B 408 9.94 -3.66 27.80
N VAL B 409 8.98 -4.49 27.37
CA VAL B 409 9.03 -5.94 27.62
C VAL B 409 9.11 -6.75 26.32
N GLY B 410 9.01 -6.07 25.18
CA GLY B 410 9.10 -6.78 23.91
C GLY B 410 9.18 -5.90 22.68
N TRP B 411 9.78 -6.46 21.64
CA TRP B 411 9.94 -5.81 20.35
C TRP B 411 9.71 -6.81 19.24
N GLN B 412 8.99 -6.38 18.20
CA GLN B 412 8.77 -7.22 17.03
C GLN B 412 8.88 -6.33 15.79
N ALA B 413 9.39 -6.92 14.71
CA ALA B 413 9.51 -6.20 13.47
C ALA B 413 9.39 -7.18 12.33
N VAL B 414 8.72 -6.73 11.28
CA VAL B 414 8.55 -7.48 10.06
C VAL B 414 8.78 -6.49 8.92
N GLY B 415 9.69 -6.86 8.01
CA GLY B 415 10.04 -6.02 6.86
C GLY B 415 11.29 -6.57 6.19
N ARG B 416 11.67 -6.01 5.03
CA ARG B 416 12.89 -6.46 4.37
C ARG B 416 14.05 -5.75 5.06
N GLY B 417 15.14 -6.48 5.24
CA GLY B 417 16.36 -5.93 5.86
C GLY B 417 16.24 -5.37 7.26
N VAL B 418 15.41 -6.00 8.10
CA VAL B 418 15.25 -5.57 9.49
C VAL B 418 16.02 -6.45 10.48
N SER B 419 16.70 -7.50 9.99
CA SER B 419 17.46 -8.43 10.86
C SER B 419 18.43 -7.77 11.82
N GLU B 420 19.17 -6.78 11.35
CA GLU B 420 20.15 -6.10 12.21
C GLU B 420 19.57 -5.25 13.36
N LEU B 421 18.22 -5.08 13.38
CA LEU B 421 17.55 -4.39 14.49
C LEU B 421 17.57 -5.30 15.72
N ALA B 422 17.83 -6.59 15.50
CA ALA B 422 17.87 -7.57 16.59
C ALA B 422 18.77 -7.13 17.74
N ALA B 423 19.93 -6.57 17.40
CA ALA B 423 20.86 -6.10 18.41
C ALA B 423 20.26 -4.97 19.25
N ALA B 424 19.51 -4.08 18.62
CA ALA B 424 18.87 -2.98 19.33
C ALA B 424 17.78 -3.52 20.24
N PHE B 425 17.06 -4.54 19.77
CA PHE B 425 16.00 -5.12 20.59
C PHE B 425 16.57 -5.77 21.84
N SER B 426 17.51 -6.73 21.68
CA SER B 426 18.05 -7.44 22.87
C SER B 426 18.86 -6.56 23.84
N GLN B 427 19.63 -5.61 23.30
CA GLN B 427 20.41 -4.69 24.15
C GLN B 427 19.52 -3.72 24.94
N SER B 428 18.43 -3.22 24.33
CA SER B 428 17.52 -2.30 25.03
C SER B 428 16.80 -3.06 26.14
N LEU B 429 16.46 -4.32 25.86
CA LEU B 429 15.81 -5.17 26.86
C LEU B 429 16.80 -5.49 27.97
N GLU B 430 18.02 -5.87 27.62
CA GLU B 430 19.01 -6.16 28.66
C GLU B 430 19.27 -4.93 29.56
N MET B 431 19.18 -3.71 29.01
CA MET B 431 19.42 -2.51 29.82
C MET B 431 18.18 -2.00 30.57
N GLY B 432 17.02 -2.57 30.29
CA GLY B 432 15.80 -2.14 30.96
C GLY B 432 15.30 -0.79 30.48
N ALA B 433 15.35 -0.57 29.18
CA ALA B 433 14.88 0.70 28.64
C ALA B 433 13.37 0.85 28.71
N ARG B 434 12.95 2.09 28.91
CA ARG B 434 11.55 2.49 28.95
C ARG B 434 11.23 3.17 27.63
N LEU B 435 9.95 3.31 27.33
CA LEU B 435 9.52 4.00 26.11
C LEU B 435 10.16 5.39 26.02
N GLU B 436 10.18 6.13 27.13
CA GLU B 436 10.78 7.47 27.17
C GLU B 436 12.28 7.47 26.77
N ASP B 437 13.03 6.44 27.15
CA ASP B 437 14.46 6.30 26.78
C ASP B 437 14.64 6.23 25.28
N ILE B 438 13.82 5.40 24.66
CA ILE B 438 13.87 5.24 23.22
C ILE B 438 13.29 6.44 22.50
N GLY B 439 12.20 6.98 23.03
CA GLY B 439 11.60 8.17 22.45
C GLY B 439 12.58 9.33 22.45
N GLY B 440 13.44 9.40 23.47
CA GLY B 440 14.44 10.46 23.60
C GLY B 440 15.76 10.19 22.90
N THR B 441 15.96 8.96 22.43
CA THR B 441 17.18 8.62 21.71
C THR B 441 17.14 9.09 20.27
N ILE B 442 18.12 9.92 19.89
CA ILE B 442 18.22 10.40 18.53
C ILE B 442 18.68 9.27 17.60
N HIS B 443 17.89 8.97 16.57
CA HIS B 443 18.24 7.91 15.61
C HIS B 443 18.70 8.53 14.30
N ALA B 444 19.76 7.95 13.72
CA ALA B 444 20.31 8.45 12.47
C ALA B 444 19.28 8.41 11.36
N HIS B 445 19.30 9.43 10.51
CA HIS B 445 18.37 9.54 9.39
C HIS B 445 19.18 9.44 8.08
N PRO B 446 18.70 8.72 7.08
CA PRO B 446 17.45 7.95 7.13
C PRO B 446 17.76 6.48 7.44
N THR B 447 17.04 5.91 8.40
CA THR B 447 17.24 4.50 8.75
C THR B 447 15.91 3.83 9.06
N LEU B 448 15.89 2.51 8.91
CA LEU B 448 14.72 1.71 9.26
C LEU B 448 14.54 1.81 10.78
N GLY B 449 15.66 1.91 11.49
CA GLY B 449 15.68 2.03 12.95
C GLY B 449 14.91 3.21 13.47
N GLU B 450 14.71 4.24 12.66
CA GLU B 450 13.91 5.39 13.09
C GLU B 450 12.50 4.96 13.46
N ALA B 451 12.02 3.88 12.86
CA ALA B 451 10.69 3.35 13.17
C ALA B 451 10.55 2.91 14.63
N LEU B 452 11.68 2.52 15.27
CA LEU B 452 11.68 2.14 16.69
C LEU B 452 11.36 3.36 17.56
N GLN B 453 12.04 4.47 17.30
CA GLN B 453 11.80 5.72 18.02
C GLN B 453 10.33 6.16 17.83
N GLU B 454 9.85 6.14 16.58
CA GLU B 454 8.47 6.54 16.28
C GLU B 454 7.45 5.63 16.95
N ALA B 455 7.77 4.34 17.06
CA ALA B 455 6.85 3.40 17.72
C ALA B 455 6.74 3.71 19.21
N ALA B 456 7.88 4.00 19.83
CA ALA B 456 7.91 4.35 21.25
C ALA B 456 7.07 5.60 21.51
N LEU B 457 7.32 6.64 20.70
CA LEU B 457 6.60 7.94 20.82
C LEU B 457 5.10 7.76 20.58
N ARG B 458 4.75 6.94 19.60
CA ARG B 458 3.36 6.64 19.30
C ARG B 458 2.70 5.92 20.50
N ALA B 459 3.47 5.08 21.19
CA ALA B 459 2.97 4.41 22.38
C ALA B 459 2.78 5.43 23.51
N LEU B 460 3.63 6.45 23.56
CA LEU B 460 3.52 7.51 24.57
C LEU B 460 2.43 8.53 24.22
N GLY B 461 2.03 8.56 22.95
CA GLY B 461 0.99 9.49 22.47
C GLY B 461 -0.40 9.05 22.90
N HIS B 462 -0.74 7.79 22.58
CA HIS B 462 -2.05 7.23 22.99
C HIS B 462 -1.87 6.38 24.25
N ALA B 463 -1.07 6.88 25.19
CA ALA B 463 -0.80 6.21 26.46
C ALA B 463 -1.97 6.40 27.41
N LYS C 5 -17.38 -23.06 37.29
CA LYS C 5 -16.61 -21.87 36.80
C LYS C 5 -17.08 -21.40 35.42
N ASN C 6 -18.40 -21.36 35.21
CA ASN C 6 -18.94 -20.92 33.92
C ASN C 6 -18.82 -19.40 33.76
N GLU C 7 -18.34 -18.98 32.59
CA GLU C 7 -18.15 -17.57 32.27
C GLU C 7 -19.52 -16.90 32.04
N HIS C 8 -19.58 -15.58 32.18
CA HIS C 8 -20.84 -14.83 32.00
C HIS C 8 -20.63 -13.70 30.98
N THR C 9 -21.69 -13.36 30.27
CA THR C 9 -21.67 -12.26 29.29
C THR C 9 -23.12 -11.84 29.08
N THR C 10 -23.34 -10.71 28.40
CA THR C 10 -24.72 -10.29 28.15
C THR C 10 -25.16 -10.86 26.80
N LEU C 11 -24.44 -10.52 25.74
CA LEU C 11 -24.75 -11.01 24.38
C LEU C 11 -23.74 -12.05 23.95
N LEU C 12 -24.23 -13.17 23.44
CA LEU C 12 -23.37 -14.23 22.94
C LEU C 12 -23.75 -14.46 21.49
N VAL C 13 -22.80 -14.24 20.59
CA VAL C 13 -23.02 -14.40 19.17
C VAL C 13 -22.32 -15.65 18.63
N ILE C 14 -23.09 -16.47 17.91
CA ILE C 14 -22.57 -17.70 17.31
C ILE C 14 -22.51 -17.47 15.82
N GLY C 15 -21.29 -17.34 15.31
CA GLY C 15 -21.05 -17.12 13.90
C GLY C 15 -20.36 -15.79 13.64
N GLY C 16 -19.20 -15.86 12.96
CA GLY C 16 -18.39 -14.69 12.66
C GLY C 16 -18.54 -14.15 11.25
N GLY C 17 -19.71 -14.36 10.66
CA GLY C 17 -20.00 -13.85 9.33
C GLY C 17 -20.51 -12.43 9.46
N PRO C 18 -20.89 -11.81 8.32
CA PRO C 18 -21.40 -10.44 8.25
C PRO C 18 -22.46 -10.11 9.29
N GLY C 19 -23.42 -11.01 9.50
CA GLY C 19 -24.48 -10.77 10.47
C GLY C 19 -23.93 -10.76 11.88
N GLY C 20 -23.11 -11.75 12.18
CA GLY C 20 -22.51 -11.88 13.50
C GLY C 20 -21.51 -10.81 13.87
N TYR C 21 -20.50 -10.59 13.03
CA TYR C 21 -19.49 -9.60 13.41
C TYR C 21 -20.02 -8.17 13.48
N VAL C 22 -20.90 -7.77 12.56
CA VAL C 22 -21.49 -6.42 12.58
C VAL C 22 -22.33 -6.23 13.84
N ALA C 23 -23.07 -7.27 14.22
CA ALA C 23 -23.92 -7.22 15.42
C ALA C 23 -23.05 -7.11 16.67
N ALA C 24 -21.99 -7.92 16.74
CA ALA C 24 -21.08 -7.89 17.89
C ALA C 24 -20.43 -6.52 18.01
N ILE C 25 -19.86 -6.03 16.90
CA ILE C 25 -19.22 -4.71 16.83
C ILE C 25 -20.18 -3.62 17.33
N ARG C 26 -21.40 -3.61 16.80
CA ARG C 26 -22.39 -2.60 17.18
C ARG C 26 -22.83 -2.76 18.64
N ALA C 27 -22.84 -3.98 19.14
CA ALA C 27 -23.19 -4.24 20.55
C ALA C 27 -22.06 -3.69 21.44
N GLY C 28 -20.82 -3.99 21.07
CA GLY C 28 -19.66 -3.48 21.80
C GLY C 28 -19.63 -1.96 21.82
N GLN C 29 -19.99 -1.33 20.69
CA GLN C 29 -20.03 0.14 20.61
C GLN C 29 -21.08 0.75 21.55
N LEU C 30 -22.18 0.04 21.76
CA LEU C 30 -23.28 0.51 22.62
C LEU C 30 -23.15 0.10 24.12
N GLY C 31 -22.00 -0.43 24.52
CA GLY C 31 -21.75 -0.82 25.91
C GLY C 31 -22.29 -2.17 26.38
N ILE C 32 -22.61 -3.05 25.43
CA ILE C 32 -23.12 -4.37 25.79
C ILE C 32 -21.96 -5.37 25.82
N PRO C 33 -21.67 -5.99 27.01
CA PRO C 33 -20.59 -7.00 27.06
C PRO C 33 -20.94 -8.13 26.10
N THR C 34 -20.05 -8.40 25.15
CA THR C 34 -20.31 -9.38 24.11
C THR C 34 -19.19 -10.38 23.89
N VAL C 35 -19.59 -11.61 23.56
CA VAL C 35 -18.68 -12.68 23.21
C VAL C 35 -19.16 -13.18 21.84
N LEU C 36 -18.24 -13.35 20.90
CA LEU C 36 -18.57 -13.85 19.58
C LEU C 36 -17.82 -15.16 19.38
N VAL C 37 -18.53 -16.20 18.95
CA VAL C 37 -17.91 -17.50 18.75
C VAL C 37 -17.92 -17.86 17.27
N GLU C 38 -16.76 -18.24 16.75
CA GLU C 38 -16.59 -18.61 15.35
C GLU C 38 -15.74 -19.88 15.26
N ARG C 39 -16.27 -20.94 14.64
CA ARG C 39 -15.52 -22.21 14.56
C ARG C 39 -14.42 -22.25 13.52
N ASP C 40 -14.62 -21.51 12.43
CA ASP C 40 -13.66 -21.54 11.33
C ASP C 40 -12.84 -20.24 11.20
N ARG C 41 -13.27 -19.33 10.34
CA ARG C 41 -12.55 -18.07 10.10
C ARG C 41 -13.51 -16.89 10.12
N LEU C 42 -13.04 -15.75 10.65
CA LEU C 42 -13.85 -14.52 10.71
C LEU C 42 -14.23 -14.10 9.31
N GLY C 43 -15.39 -13.47 9.19
CA GLY C 43 -15.89 -12.99 7.91
C GLY C 43 -16.83 -13.98 7.24
N GLY C 44 -17.00 -15.16 7.82
CA GLY C 44 -17.89 -16.18 7.29
C GLY C 44 -17.78 -16.54 5.82
N THR C 45 -18.93 -16.86 5.24
CA THR C 45 -19.05 -17.22 3.83
C THR C 45 -18.73 -16.03 2.95
N CYS C 46 -19.33 -14.89 3.30
CA CYS C 46 -19.15 -13.65 2.56
C CYS C 46 -17.68 -13.39 2.20
N LEU C 47 -16.81 -13.33 3.20
CA LEU C 47 -15.38 -13.01 2.98
C LEU C 47 -14.49 -14.14 2.49
N ASN C 48 -14.70 -15.35 3.01
CA ASN C 48 -13.83 -16.50 2.71
C ASN C 48 -14.17 -17.38 1.52
N ILE C 49 -15.46 -17.57 1.24
CA ILE C 49 -15.93 -18.44 0.15
C ILE C 49 -17.18 -17.94 -0.59
N GLY C 50 -17.50 -16.65 -0.48
CA GLY C 50 -18.71 -16.09 -1.12
C GLY C 50 -18.48 -14.82 -1.91
N CYS C 51 -18.97 -13.70 -1.36
CA CYS C 51 -18.86 -12.36 -2.00
C CYS C 51 -17.48 -11.96 -2.51
N ILE C 52 -16.53 -11.80 -1.60
CA ILE C 52 -15.20 -11.35 -1.97
C ILE C 52 -14.48 -12.28 -2.95
N PRO C 53 -14.48 -13.59 -2.68
CA PRO C 53 -13.82 -14.45 -3.65
C PRO C 53 -14.45 -14.40 -5.04
N SER C 54 -15.78 -14.48 -5.12
CA SER C 54 -16.47 -14.46 -6.43
C SER C 54 -16.17 -13.14 -7.18
N LYS C 55 -16.32 -11.99 -6.52
CA LYS C 55 -15.99 -10.69 -7.17
C LYS C 55 -14.48 -10.59 -7.49
N ALA C 56 -13.64 -11.26 -6.71
CA ALA C 56 -12.21 -11.24 -6.96
C ALA C 56 -11.92 -11.99 -8.28
N LEU C 57 -12.51 -13.18 -8.42
CA LEU C 57 -12.33 -14.00 -9.62
C LEU C 57 -13.04 -13.44 -10.84
N ILE C 58 -14.08 -12.62 -10.64
CA ILE C 58 -14.75 -11.95 -11.77
C ILE C 58 -13.79 -10.88 -12.32
N HIS C 59 -13.02 -10.25 -11.42
CA HIS C 59 -12.04 -9.25 -11.82
C HIS C 59 -10.84 -9.89 -12.54
N VAL C 60 -10.45 -11.10 -12.14
CA VAL C 60 -9.36 -11.82 -12.79
C VAL C 60 -9.85 -12.23 -14.19
N ALA C 61 -11.04 -12.80 -14.24
CA ALA C 61 -11.65 -13.24 -15.49
C ALA C 61 -11.80 -12.07 -16.47
N ASP C 62 -12.25 -10.93 -15.95
CA ASP C 62 -12.42 -9.72 -16.79
C ASP C 62 -11.06 -9.21 -17.24
N ALA C 63 -10.06 -9.27 -16.36
CA ALA C 63 -8.72 -8.82 -16.72
C ALA C 63 -8.14 -9.71 -17.83
N PHE C 64 -8.37 -11.01 -17.72
CA PHE C 64 -7.87 -11.97 -18.72
C PHE C 64 -8.55 -11.77 -20.07
N GLU C 65 -9.88 -11.67 -20.06
CA GLU C 65 -10.68 -11.46 -21.28
C GLU C 65 -10.17 -10.26 -22.04
N GLN C 66 -9.97 -9.16 -21.33
CA GLN C 66 -9.48 -7.91 -21.91
C GLN C 66 -8.05 -8.03 -22.41
N ALA C 67 -7.23 -8.82 -21.71
CA ALA C 67 -5.84 -9.06 -22.11
C ALA C 67 -5.78 -9.88 -23.39
N CYS C 68 -6.77 -10.75 -23.59
CA CYS C 68 -6.87 -11.57 -24.81
C CYS C 68 -7.58 -10.83 -25.95
N GLY C 69 -8.10 -9.65 -25.65
CA GLY C 69 -8.80 -8.85 -26.65
C GLY C 69 -10.19 -9.39 -26.97
N HIS C 70 -10.77 -10.15 -26.03
CA HIS C 70 -12.12 -10.72 -26.24
C HIS C 70 -13.26 -9.79 -25.78
N ALA C 71 -12.93 -8.54 -25.40
CA ALA C 71 -13.94 -7.57 -24.95
C ALA C 71 -13.97 -6.31 -25.84
N GLY C 72 -13.93 -6.54 -27.15
CA GLY C 72 -13.96 -5.45 -28.13
C GLY C 72 -12.76 -4.53 -28.22
N GLU C 73 -11.58 -5.01 -27.80
CA GLU C 73 -10.35 -4.21 -27.88
C GLU C 73 -9.91 -3.91 -29.32
N GLY C 74 -10.25 -4.80 -30.25
CA GLY C 74 -9.91 -4.62 -31.68
C GLY C 74 -10.55 -3.34 -32.21
N ALA C 75 -11.80 -3.09 -31.81
CA ALA C 75 -12.53 -1.88 -32.24
C ALA C 75 -11.85 -0.58 -31.78
N LEU C 76 -11.09 -0.66 -30.69
CA LEU C 76 -10.37 0.50 -30.15
C LEU C 76 -9.02 0.73 -30.83
N GLY C 77 -8.65 -0.15 -31.77
CA GLY C 77 -7.37 -0.08 -32.48
C GLY C 77 -6.27 -0.78 -31.67
N ILE C 78 -6.66 -1.70 -30.79
CA ILE C 78 -5.71 -2.41 -29.98
C ILE C 78 -5.59 -3.86 -30.46
N ARG C 79 -4.38 -4.22 -30.86
CA ARG C 79 -4.10 -5.55 -31.34
C ARG C 79 -3.21 -6.18 -30.27
N VAL C 80 -3.67 -7.32 -29.76
CA VAL C 80 -2.98 -8.01 -28.68
C VAL C 80 -2.40 -9.35 -29.10
N ARG C 81 -1.65 -9.94 -28.18
CA ARG C 81 -1.01 -11.22 -28.39
C ARG C 81 -1.49 -12.12 -27.23
N ALA C 82 -1.84 -13.37 -27.56
CA ALA C 82 -2.37 -14.36 -26.60
C ALA C 82 -1.63 -14.44 -25.26
N PRO C 83 -2.27 -13.98 -24.17
CA PRO C 83 -1.62 -14.05 -22.86
C PRO C 83 -1.82 -15.43 -22.27
N GLU C 84 -1.35 -15.60 -21.03
CA GLU C 84 -1.52 -16.87 -20.33
C GLU C 84 -1.77 -16.57 -18.87
N ILE C 85 -2.50 -17.48 -18.20
CA ILE C 85 -2.82 -17.30 -16.79
C ILE C 85 -2.40 -18.49 -15.95
N ASP C 86 -1.94 -18.17 -14.74
CA ASP C 86 -1.57 -19.16 -13.74
C ASP C 86 -2.73 -19.02 -12.76
N ILE C 87 -3.71 -19.90 -12.90
CA ILE C 87 -4.91 -19.83 -12.06
C ILE C 87 -4.58 -19.96 -10.57
N ALA C 88 -3.59 -20.80 -10.24
CA ALA C 88 -3.17 -21.00 -8.84
C ALA C 88 -2.73 -19.70 -8.19
N LYS C 89 -2.01 -18.86 -8.96
CA LYS C 89 -1.55 -17.57 -8.50
C LYS C 89 -2.73 -16.60 -8.32
N SER C 90 -3.75 -16.72 -9.18
CA SER C 90 -4.94 -15.87 -9.07
C SER C 90 -5.62 -16.13 -7.74
N VAL C 91 -5.72 -17.41 -7.39
CA VAL C 91 -6.35 -17.80 -6.13
C VAL C 91 -5.54 -17.26 -4.94
N ALA C 92 -4.21 -17.34 -5.01
CA ALA C 92 -3.34 -16.81 -3.96
C ALA C 92 -3.58 -15.29 -3.78
N TRP C 93 -3.79 -14.59 -4.90
CA TRP C 93 -4.07 -13.15 -4.84
C TRP C 93 -5.41 -12.92 -4.15
N LYS C 94 -6.41 -13.69 -4.54
CA LYS C 94 -7.72 -13.59 -3.91
C LYS C 94 -7.60 -13.95 -2.43
N ASP C 95 -6.85 -15.00 -2.11
CA ASP C 95 -6.64 -15.41 -0.71
C ASP C 95 -5.94 -14.34 0.13
N GLY C 96 -5.07 -13.54 -0.50
CA GLY C 96 -4.39 -12.45 0.20
C GLY C 96 -5.40 -11.40 0.59
N ILE C 97 -6.27 -11.05 -0.36
CA ILE C 97 -7.32 -10.07 -0.15
C ILE C 97 -8.24 -10.50 0.99
N VAL C 98 -8.62 -11.78 1.01
CA VAL C 98 -9.46 -12.27 2.08
C VAL C 98 -8.72 -12.14 3.41
N ASP C 99 -7.48 -12.61 3.45
CA ASP C 99 -6.67 -12.54 4.67
C ASP C 99 -6.59 -11.08 5.20
N ARG C 100 -6.46 -10.11 4.30
CA ARG C 100 -6.36 -8.72 4.73
C ARG C 100 -7.69 -8.19 5.28
N LEU C 101 -8.80 -8.57 4.67
CA LEU C 101 -10.13 -8.14 5.14
C LEU C 101 -10.54 -8.78 6.45
N THR C 102 -10.19 -10.06 6.66
CA THR C 102 -10.52 -10.73 7.93
C THR C 102 -9.71 -10.08 9.06
N ARG C 103 -8.53 -9.57 8.70
CA ARG C 103 -7.63 -8.90 9.63
C ARG C 103 -8.40 -7.69 10.18
N GLY C 104 -8.99 -6.92 9.26
CA GLY C 104 -9.77 -5.73 9.63
C GLY C 104 -10.94 -6.02 10.55
N VAL C 105 -11.68 -7.10 10.25
CA VAL C 105 -12.81 -7.49 11.07
C VAL C 105 -12.34 -7.86 12.49
N GLY C 106 -11.24 -8.60 12.57
CA GLY C 106 -10.67 -8.99 13.87
C GLY C 106 -10.28 -7.79 14.69
N ALA C 107 -9.64 -6.82 14.01
CA ALA C 107 -9.21 -5.57 14.64
C ALA C 107 -10.39 -4.68 15.03
N LEU C 108 -11.44 -4.65 14.20
CA LEU C 108 -12.63 -3.84 14.48
C LEU C 108 -13.37 -4.47 15.70
N LEU C 109 -13.34 -5.80 15.80
CA LEU C 109 -13.95 -6.49 16.96
C LEU C 109 -13.18 -6.17 18.26
N LYS C 110 -11.85 -6.12 18.17
CA LYS C 110 -10.98 -5.79 19.31
C LYS C 110 -11.33 -4.41 19.86
N LYS C 111 -11.37 -3.43 18.95
CA LYS C 111 -11.69 -2.04 19.29
C LYS C 111 -13.04 -1.88 20.00
N SER C 112 -14.03 -2.67 19.60
CA SER C 112 -15.37 -2.59 20.20
C SER C 112 -15.53 -3.27 21.56
N GLY C 113 -14.49 -3.93 22.06
CA GLY C 113 -14.55 -4.61 23.35
C GLY C 113 -15.11 -6.02 23.28
N VAL C 114 -15.36 -6.52 22.06
CA VAL C 114 -15.88 -7.88 21.87
C VAL C 114 -14.78 -8.90 22.14
N ARG C 115 -15.11 -9.95 22.89
CA ARG C 115 -14.16 -11.01 23.16
C ARG C 115 -14.50 -12.11 22.16
N VAL C 116 -13.55 -12.43 21.30
CA VAL C 116 -13.74 -13.44 20.27
C VAL C 116 -13.12 -14.75 20.69
N LEU C 117 -13.85 -15.84 20.43
CA LEU C 117 -13.39 -17.19 20.73
C LEU C 117 -13.41 -18.01 19.45
N HIS C 118 -12.30 -18.70 19.18
CA HIS C 118 -12.22 -19.58 18.04
C HIS C 118 -12.60 -20.97 18.54
N GLY C 119 -13.76 -21.47 18.13
CA GLY C 119 -14.21 -22.80 18.57
C GLY C 119 -15.62 -23.16 18.14
N GLU C 120 -15.94 -24.45 18.26
CA GLU C 120 -17.25 -24.98 17.91
C GLU C 120 -18.23 -24.69 19.05
N ALA C 121 -19.21 -23.84 18.79
CA ALA C 121 -20.22 -23.49 19.77
C ALA C 121 -21.35 -24.49 19.75
N ARG C 122 -21.80 -24.92 20.93
CA ARG C 122 -22.92 -25.85 21.07
C ARG C 122 -23.90 -25.25 22.09
N VAL C 123 -25.16 -25.11 21.68
CA VAL C 123 -26.19 -24.54 22.55
C VAL C 123 -26.68 -25.58 23.57
N ILE C 124 -26.66 -25.20 24.85
CA ILE C 124 -27.13 -26.04 25.96
C ILE C 124 -28.56 -25.62 26.28
N ASP C 125 -28.85 -24.33 26.20
CA ASP C 125 -30.20 -23.79 26.39
C ASP C 125 -30.23 -22.33 25.95
N GLY C 126 -31.37 -21.67 26.12
CA GLY C 126 -31.52 -20.27 25.73
C GLY C 126 -30.51 -19.33 26.36
N LYS C 127 -30.03 -19.67 27.56
CA LYS C 127 -29.06 -18.84 28.28
C LYS C 127 -27.70 -19.55 28.53
N THR C 128 -27.41 -20.62 27.81
CA THR C 128 -26.14 -21.37 28.02
C THR C 128 -25.56 -21.98 26.73
N VAL C 129 -24.25 -21.86 26.58
CA VAL C 129 -23.52 -22.37 25.41
C VAL C 129 -22.17 -22.98 25.83
N GLU C 130 -21.78 -24.05 25.14
CA GLU C 130 -20.52 -24.74 25.39
C GLU C 130 -19.67 -24.47 24.17
N VAL C 131 -18.43 -24.04 24.36
CA VAL C 131 -17.51 -23.77 23.27
C VAL C 131 -16.34 -24.76 23.39
N VAL C 132 -16.12 -25.54 22.32
CA VAL C 132 -15.03 -26.52 22.28
C VAL C 132 -13.97 -26.06 21.27
N SER C 133 -12.72 -26.03 21.71
CA SER C 133 -11.60 -25.59 20.88
C SER C 133 -10.35 -26.39 21.19
N ALA C 134 -9.87 -27.14 20.19
CA ALA C 134 -8.66 -27.96 20.32
C ALA C 134 -8.73 -28.88 21.55
N GLY C 135 -9.89 -29.51 21.76
CA GLY C 135 -10.10 -30.43 22.87
C GLY C 135 -10.74 -29.82 24.11
N HIS C 136 -10.20 -28.70 24.59
CA HIS C 136 -10.73 -28.05 25.80
C HIS C 136 -12.10 -27.41 25.57
N ALA C 137 -12.97 -27.52 26.57
CA ALA C 137 -14.33 -27.00 26.51
C ALA C 137 -14.62 -26.06 27.69
N VAL C 138 -15.32 -24.96 27.40
CA VAL C 138 -15.72 -23.99 28.43
C VAL C 138 -17.19 -23.60 28.22
N ARG C 139 -17.94 -23.54 29.31
CA ARG C 139 -19.35 -23.15 29.27
C ARG C 139 -19.51 -21.65 29.56
N ILE C 140 -20.33 -21.00 28.75
CA ILE C 140 -20.58 -19.57 28.84
C ILE C 140 -22.07 -19.28 29.01
N GLY C 141 -22.39 -18.43 29.98
CA GLY C 141 -23.76 -18.03 30.25
C GLY C 141 -23.96 -16.68 29.59
N CYS C 142 -25.17 -16.43 29.13
CA CYS C 142 -25.49 -15.19 28.45
C CYS C 142 -26.92 -14.77 28.72
N GLU C 143 -27.22 -13.50 28.51
CA GLU C 143 -28.59 -13.02 28.70
C GLU C 143 -29.30 -13.02 27.33
N HIS C 144 -28.52 -12.85 26.26
CA HIS C 144 -29.02 -12.85 24.90
C HIS C 144 -28.18 -13.76 24.03
N LEU C 145 -28.86 -14.57 23.23
CA LEU C 145 -28.22 -15.50 22.31
C LEU C 145 -28.54 -15.07 20.89
N LEU C 146 -27.50 -14.82 20.09
CA LEU C 146 -27.66 -14.45 18.69
C LEU C 146 -27.14 -15.58 17.80
N LEU C 147 -28.05 -16.19 17.05
CA LEU C 147 -27.71 -17.25 16.12
C LEU C 147 -27.47 -16.63 14.76
N ALA C 148 -26.25 -16.73 14.27
CA ALA C 148 -25.90 -16.17 12.97
C ALA C 148 -24.99 -17.17 12.29
N THR C 149 -25.45 -18.42 12.28
CA THR C 149 -24.68 -19.55 11.75
C THR C 149 -24.62 -19.70 10.24
N GLY C 150 -25.39 -18.91 9.51
CA GLY C 150 -25.29 -18.91 8.06
C GLY C 150 -25.90 -20.03 7.25
N SER C 151 -25.29 -20.29 6.10
CA SER C 151 -25.76 -21.29 5.16
C SER C 151 -24.62 -22.12 4.58
N GLU C 152 -25.01 -23.11 3.79
CA GLU C 152 -24.10 -24.07 3.18
C GLU C 152 -24.67 -24.39 1.78
N PRO C 153 -23.83 -24.87 0.85
CA PRO C 153 -24.39 -25.24 -0.45
C PRO C 153 -25.36 -26.41 -0.40
N VAL C 154 -26.47 -26.32 -1.13
CA VAL C 154 -27.44 -27.41 -1.23
C VAL C 154 -26.83 -28.48 -2.14
N GLU C 155 -26.95 -29.72 -1.72
CA GLU C 155 -26.41 -30.84 -2.49
C GLU C 155 -27.49 -31.50 -3.34
N LEU C 156 -27.17 -31.87 -4.57
CA LEU C 156 -28.13 -32.62 -5.38
C LEU C 156 -28.11 -34.01 -4.76
N PRO C 157 -29.24 -34.47 -4.18
CA PRO C 157 -29.20 -35.78 -3.52
C PRO C 157 -28.68 -36.93 -4.40
N SER C 158 -29.09 -36.96 -5.66
CA SER C 158 -28.66 -38.02 -6.59
C SER C 158 -27.23 -37.84 -7.09
N MET C 159 -26.73 -36.62 -6.98
CA MET C 159 -25.40 -36.27 -7.47
C MET C 159 -24.61 -35.51 -6.39
N PRO C 160 -24.15 -36.22 -5.35
CA PRO C 160 -23.41 -35.58 -4.25
C PRO C 160 -22.04 -34.96 -4.62
N PHE C 161 -21.52 -34.10 -3.74
CA PHE C 161 -20.22 -33.44 -3.93
C PHE C 161 -19.04 -34.39 -3.74
N GLY C 162 -17.95 -34.12 -4.47
CA GLY C 162 -16.73 -34.92 -4.41
C GLY C 162 -16.15 -35.18 -5.79
N GLY C 163 -14.83 -35.10 -5.89
CA GLY C 163 -14.12 -35.34 -7.15
C GLY C 163 -14.43 -34.28 -8.19
N HIS C 164 -15.02 -34.71 -9.31
CA HIS C 164 -15.40 -33.82 -10.39
C HIS C 164 -16.57 -32.88 -10.02
N VAL C 165 -17.46 -33.33 -9.15
CA VAL C 165 -18.62 -32.54 -8.73
C VAL C 165 -18.19 -31.57 -7.62
N VAL C 166 -18.34 -30.27 -7.87
CA VAL C 166 -17.91 -29.25 -6.92
C VAL C 166 -18.99 -28.24 -6.54
N SER C 167 -18.77 -27.58 -5.39
CA SER C 167 -19.66 -26.53 -4.92
C SER C 167 -18.99 -25.23 -5.28
N SER C 168 -19.62 -24.12 -4.91
CA SER C 168 -19.04 -22.81 -5.16
C SER C 168 -17.69 -22.67 -4.44
N THR C 169 -17.55 -23.30 -3.28
CA THR C 169 -16.31 -23.24 -2.49
C THR C 169 -15.09 -23.75 -3.30
N ASP C 170 -15.18 -24.97 -3.83
CA ASP C 170 -14.10 -25.52 -4.67
C ASP C 170 -13.95 -24.74 -5.99
N ALA C 171 -15.06 -24.23 -6.53
CA ALA C 171 -15.05 -23.43 -7.77
C ALA C 171 -14.27 -22.12 -7.61
N LEU C 172 -14.19 -21.62 -6.37
CA LEU C 172 -13.48 -20.39 -6.04
C LEU C 172 -11.99 -20.60 -5.63
N SER C 173 -11.57 -21.86 -5.46
CA SER C 173 -10.14 -22.19 -5.16
C SER C 173 -9.69 -23.35 -6.06
N PRO C 174 -9.78 -23.18 -7.39
CA PRO C 174 -9.37 -24.27 -8.29
C PRO C 174 -7.86 -24.45 -8.39
N ALA C 175 -7.40 -25.70 -8.35
CA ALA C 175 -5.99 -25.98 -8.52
C ALA C 175 -5.65 -25.77 -9.99
N THR C 176 -6.54 -26.25 -10.87
CA THR C 176 -6.39 -26.14 -12.31
C THR C 176 -7.73 -25.84 -12.95
N LEU C 177 -7.69 -25.39 -14.20
CA LEU C 177 -8.90 -25.08 -14.97
C LEU C 177 -9.35 -26.33 -15.72
N PRO C 178 -10.67 -26.54 -15.83
CA PRO C 178 -11.20 -27.69 -16.54
C PRO C 178 -11.45 -27.36 -18.01
N LYS C 179 -11.40 -28.38 -18.87
CA LYS C 179 -11.64 -28.17 -20.30
C LYS C 179 -13.13 -27.95 -20.58
N ARG C 180 -13.99 -28.73 -19.90
CA ARG C 180 -15.44 -28.65 -20.06
C ARG C 180 -16.11 -28.57 -18.69
N LEU C 181 -17.00 -27.59 -18.54
CA LEU C 181 -17.70 -27.34 -17.28
C LEU C 181 -19.22 -27.27 -17.45
N VAL C 182 -19.94 -28.00 -16.60
CA VAL C 182 -21.39 -28.00 -16.60
C VAL C 182 -21.81 -27.37 -15.28
N VAL C 183 -22.50 -26.24 -15.35
CA VAL C 183 -22.98 -25.56 -14.15
C VAL C 183 -24.45 -25.93 -13.99
N VAL C 184 -24.82 -26.43 -12.82
CA VAL C 184 -26.22 -26.78 -12.54
C VAL C 184 -26.83 -25.61 -11.76
N GLY C 185 -27.82 -24.96 -12.36
CA GLY C 185 -28.50 -23.81 -11.74
C GLY C 185 -28.03 -22.50 -12.35
N ALA C 186 -28.99 -21.73 -12.88
CA ALA C 186 -28.70 -20.44 -13.51
C ALA C 186 -29.09 -19.26 -12.61
N GLY C 187 -28.79 -19.38 -11.32
CA GLY C 187 -29.04 -18.30 -10.36
C GLY C 187 -27.83 -17.39 -10.46
N TYR C 188 -27.72 -16.39 -9.58
CA TYR C 188 -26.60 -15.46 -9.68
C TYR C 188 -25.27 -16.15 -9.38
N ILE C 189 -25.25 -17.13 -8.50
CA ILE C 189 -24.00 -17.83 -8.17
C ILE C 189 -23.49 -18.65 -9.35
N GLY C 190 -24.32 -19.55 -9.86
CA GLY C 190 -23.94 -20.39 -11.01
C GLY C 190 -23.57 -19.59 -12.27
N LEU C 191 -24.25 -18.46 -12.50
CA LEU C 191 -23.96 -17.62 -13.68
C LEU C 191 -22.71 -16.78 -13.50
N GLU C 192 -22.52 -16.22 -12.30
CA GLU C 192 -21.32 -15.44 -12.02
C GLU C 192 -20.07 -16.29 -12.25
N LEU C 193 -20.07 -17.51 -11.70
CA LEU C 193 -18.92 -18.42 -11.81
C LEU C 193 -18.82 -19.05 -13.21
N GLY C 194 -19.97 -19.26 -13.85
CA GLY C 194 -19.97 -19.84 -15.21
C GLY C 194 -19.32 -18.91 -16.20
N ILE C 195 -19.59 -17.61 -16.04
CA ILE C 195 -19.02 -16.58 -16.88
C ILE C 195 -17.52 -16.43 -16.61
N VAL C 196 -17.10 -16.62 -15.36
CA VAL C 196 -15.68 -16.54 -14.96
C VAL C 196 -14.89 -17.60 -15.72
N TYR C 197 -15.32 -18.85 -15.57
CA TYR C 197 -14.69 -19.99 -16.22
C TYR C 197 -14.74 -19.88 -17.73
N ARG C 198 -15.80 -19.30 -18.28
CA ARG C 198 -15.91 -19.12 -19.75
C ARG C 198 -14.88 -18.11 -20.23
N LYS C 199 -14.74 -17.01 -19.51
CA LYS C 199 -13.77 -15.97 -19.86
C LYS C 199 -12.32 -16.45 -19.70
N LEU C 200 -12.11 -17.55 -18.97
CA LEU C 200 -10.76 -18.09 -18.78
C LEU C 200 -10.44 -19.20 -19.77
N GLY C 201 -11.26 -19.33 -20.82
CA GLY C 201 -11.05 -20.32 -21.89
C GLY C 201 -11.77 -21.65 -21.74
N VAL C 202 -12.54 -21.81 -20.66
CA VAL C 202 -13.26 -23.06 -20.40
C VAL C 202 -14.59 -23.15 -21.17
N ASP C 203 -14.88 -24.33 -21.68
CA ASP C 203 -16.12 -24.60 -22.38
C ASP C 203 -17.16 -24.76 -21.26
N VAL C 204 -18.14 -23.86 -21.23
CA VAL C 204 -19.14 -23.85 -20.17
C VAL C 204 -20.57 -24.04 -20.65
N SER C 205 -21.26 -24.98 -20.00
CA SER C 205 -22.66 -25.29 -20.25
C SER C 205 -23.42 -25.05 -18.95
N VAL C 206 -24.57 -24.38 -19.02
CA VAL C 206 -25.42 -24.11 -17.83
C VAL C 206 -26.74 -24.82 -18.01
N VAL C 207 -27.17 -25.53 -16.97
CA VAL C 207 -28.42 -26.27 -17.00
C VAL C 207 -29.36 -25.69 -15.95
N GLU C 208 -30.52 -25.20 -16.40
CA GLU C 208 -31.51 -24.59 -15.52
C GLU C 208 -32.89 -25.21 -15.73
N ALA C 209 -33.56 -25.50 -14.61
CA ALA C 209 -34.89 -26.11 -14.60
C ALA C 209 -35.99 -25.15 -15.06
N ALA C 210 -35.86 -23.87 -14.71
CA ALA C 210 -36.83 -22.84 -15.11
C ALA C 210 -36.70 -22.51 -16.59
N GLU C 211 -37.72 -21.83 -17.11
CA GLU C 211 -37.79 -21.48 -18.55
C GLU C 211 -36.76 -20.45 -19.01
N ARG C 212 -36.16 -19.71 -18.07
CA ARG C 212 -35.12 -18.72 -18.41
C ARG C 212 -34.08 -18.57 -17.29
N VAL C 213 -32.97 -17.91 -17.60
CA VAL C 213 -31.91 -17.69 -16.63
C VAL C 213 -32.38 -16.66 -15.61
N LEU C 214 -31.73 -16.67 -14.45
CA LEU C 214 -32.06 -15.75 -13.37
C LEU C 214 -33.58 -15.61 -13.24
N PRO C 215 -34.28 -16.74 -12.99
CA PRO C 215 -35.76 -16.70 -12.86
C PRO C 215 -36.25 -15.81 -11.72
N ALA C 216 -35.36 -15.43 -10.80
CA ALA C 216 -35.73 -14.52 -9.72
C ALA C 216 -36.08 -13.14 -10.30
N TYR C 217 -35.46 -12.75 -11.42
CA TYR C 217 -35.71 -11.45 -12.06
C TYR C 217 -36.65 -11.54 -13.27
N ASP C 218 -37.26 -10.39 -13.65
CA ASP C 218 -38.23 -10.35 -14.77
C ASP C 218 -37.55 -10.52 -16.13
N ALA C 219 -38.32 -11.01 -17.10
CA ALA C 219 -37.80 -11.32 -18.46
C ALA C 219 -37.00 -10.22 -19.16
N GLU C 220 -37.55 -9.01 -19.18
CA GLU C 220 -36.93 -7.85 -19.83
C GLU C 220 -35.56 -7.50 -19.24
N LEU C 221 -35.45 -7.58 -17.93
CA LEU C 221 -34.19 -7.27 -17.23
C LEU C 221 -33.07 -8.34 -17.46
N VAL C 222 -33.45 -9.60 -17.68
CA VAL C 222 -32.47 -10.68 -17.91
C VAL C 222 -32.07 -10.86 -19.37
N ARG C 223 -32.88 -10.36 -20.31
CA ARG C 223 -32.60 -10.44 -21.75
C ARG C 223 -31.14 -10.12 -22.13
N PRO C 224 -30.60 -8.99 -21.68
CA PRO C 224 -29.20 -8.70 -22.00
C PRO C 224 -28.21 -9.74 -21.43
N VAL C 225 -28.53 -10.35 -20.29
CA VAL C 225 -27.66 -11.38 -19.71
C VAL C 225 -27.73 -12.64 -20.60
N ALA C 226 -28.93 -12.98 -21.07
CA ALA C 226 -29.10 -14.15 -21.95
C ALA C 226 -28.37 -13.91 -23.25
N ASP C 227 -28.58 -12.75 -23.84
CA ASP C 227 -27.90 -12.39 -25.07
C ASP C 227 -26.39 -12.46 -24.88
N SER C 228 -25.91 -11.92 -23.77
CA SER C 228 -24.47 -11.93 -23.46
C SER C 228 -23.92 -13.35 -23.34
N LEU C 229 -24.68 -14.22 -22.68
CA LEU C 229 -24.27 -15.63 -22.53
C LEU C 229 -24.13 -16.31 -23.90
N ALA C 230 -24.99 -15.96 -24.86
CA ALA C 230 -24.92 -16.54 -26.20
C ALA C 230 -23.65 -16.05 -26.91
N ARG C 231 -23.34 -14.76 -26.80
CA ARG C 231 -22.13 -14.17 -27.40
C ARG C 231 -20.87 -14.80 -26.81
N LEU C 232 -20.83 -14.87 -25.47
CA LEU C 232 -19.68 -15.46 -24.76
C LEU C 232 -19.45 -16.93 -25.11
N GLY C 233 -20.45 -17.59 -25.68
CA GLY C 233 -20.34 -18.99 -26.07
C GLY C 233 -20.82 -19.96 -25.01
N VAL C 234 -21.54 -19.46 -24.00
CA VAL C 234 -22.06 -20.30 -22.95
C VAL C 234 -23.30 -21.02 -23.46
N ARG C 235 -23.27 -22.35 -23.49
CA ARG C 235 -24.46 -23.12 -23.91
C ARG C 235 -25.48 -23.21 -22.79
N LEU C 236 -26.72 -22.83 -23.09
CA LEU C 236 -27.80 -22.86 -22.10
C LEU C 236 -28.82 -23.96 -22.33
N TRP C 237 -29.10 -24.74 -21.28
CA TRP C 237 -30.11 -25.80 -21.32
C TRP C 237 -31.21 -25.39 -20.34
N LEU C 238 -32.10 -24.52 -20.82
CA LEU C 238 -33.23 -24.00 -20.05
C LEU C 238 -34.38 -25.00 -20.14
N GLY C 239 -35.23 -25.04 -19.11
CA GLY C 239 -36.36 -25.96 -19.05
C GLY C 239 -35.92 -27.42 -18.92
N HIS C 240 -34.75 -27.64 -18.34
CA HIS C 240 -34.20 -28.99 -18.15
C HIS C 240 -33.66 -29.24 -16.74
N LYS C 241 -33.99 -30.41 -16.16
CA LYS C 241 -33.48 -30.76 -14.82
C LYS C 241 -32.33 -31.72 -14.88
N VAL C 242 -31.40 -31.60 -13.94
CA VAL C 242 -30.28 -32.51 -13.85
C VAL C 242 -30.75 -33.67 -12.97
N LEU C 243 -30.54 -34.90 -13.45
CA LEU C 243 -30.94 -36.09 -12.71
C LEU C 243 -29.77 -36.72 -11.96
N GLY C 244 -28.58 -36.61 -12.54
CA GLY C 244 -27.38 -37.15 -11.92
C GLY C 244 -26.31 -37.43 -12.94
N LEU C 245 -25.32 -38.23 -12.55
CA LEU C 245 -24.23 -38.61 -13.42
C LEU C 245 -24.49 -39.98 -14.05
N ASP C 246 -24.00 -40.18 -15.26
CA ASP C 246 -24.16 -41.46 -15.95
C ASP C 246 -22.93 -42.32 -15.58
N LYS C 247 -22.79 -43.48 -16.21
CA LYS C 247 -21.67 -44.38 -15.92
C LYS C 247 -20.31 -43.83 -16.35
N HIS C 248 -20.26 -43.13 -17.49
CA HIS C 248 -18.99 -42.60 -18.03
C HIS C 248 -18.50 -41.33 -17.31
N GLY C 249 -19.40 -40.63 -16.60
CA GLY C 249 -19.04 -39.40 -15.87
C GLY C 249 -19.66 -38.10 -16.39
N ALA C 250 -20.54 -38.21 -17.38
CA ALA C 250 -21.22 -37.04 -17.97
C ALA C 250 -22.44 -36.63 -17.14
N VAL C 251 -23.12 -35.56 -17.53
CA VAL C 251 -24.30 -35.06 -16.81
C VAL C 251 -25.61 -35.41 -17.53
N ARG C 252 -26.40 -36.32 -16.95
CA ARG C 252 -27.70 -36.69 -17.55
C ARG C 252 -28.75 -35.62 -17.22
N VAL C 253 -29.36 -35.09 -18.29
CA VAL C 253 -30.32 -34.00 -18.23
C VAL C 253 -31.70 -34.44 -18.67
N GLN C 254 -32.75 -33.85 -18.08
CA GLN C 254 -34.13 -34.22 -18.39
C GLN C 254 -34.97 -33.02 -18.82
N ALA C 255 -35.71 -33.16 -19.93
CA ALA C 255 -36.61 -32.11 -20.42
C ALA C 255 -38.02 -32.30 -19.83
N ALA C 256 -38.95 -31.41 -20.20
CA ALA C 256 -40.34 -31.46 -19.69
C ALA C 256 -41.15 -32.68 -20.17
N ASP C 257 -40.97 -33.04 -21.44
CA ASP C 257 -41.68 -34.21 -22.00
C ASP C 257 -41.11 -35.53 -21.46
N GLY C 258 -39.99 -35.45 -20.73
CA GLY C 258 -39.35 -36.62 -20.13
C GLY C 258 -38.07 -37.08 -20.85
N ALA C 259 -37.93 -36.67 -22.12
CA ALA C 259 -36.75 -37.04 -22.92
C ALA C 259 -35.47 -36.51 -22.27
N GLU C 260 -34.43 -37.35 -22.27
CA GLU C 260 -33.17 -36.97 -21.64
C GLU C 260 -31.97 -37.01 -22.58
N GLN C 261 -30.90 -36.35 -22.18
N GLN C 261 -30.90 -36.32 -22.18
CA GLN C 261 -29.66 -36.33 -22.97
CA GLN C 261 -29.68 -36.20 -22.98
C GLN C 261 -28.45 -36.29 -22.06
C GLN C 261 -28.45 -36.19 -22.07
N THR C 262 -27.28 -36.50 -22.65
CA THR C 262 -26.00 -36.54 -21.92
C THR C 262 -25.14 -35.32 -22.27
N LEU C 263 -24.49 -34.73 -21.26
CA LEU C 263 -23.59 -33.59 -21.44
C LEU C 263 -22.23 -33.93 -20.82
N PRO C 264 -21.18 -34.13 -21.64
CA PRO C 264 -19.88 -34.48 -21.04
C PRO C 264 -19.30 -33.35 -20.19
N ALA C 265 -18.45 -33.70 -19.22
CA ALA C 265 -17.84 -32.71 -18.32
C ALA C 265 -16.63 -33.25 -17.56
N ASP C 266 -15.71 -32.33 -17.23
CA ASP C 266 -14.50 -32.63 -16.48
C ASP C 266 -14.60 -31.94 -15.11
N ARG C 267 -15.73 -31.27 -14.88
CA ARG C 267 -15.96 -30.52 -13.67
C ARG C 267 -17.45 -30.21 -13.68
N VAL C 268 -18.11 -30.32 -12.54
CA VAL C 268 -19.54 -30.01 -12.49
C VAL C 268 -19.80 -29.11 -11.30
N LEU C 269 -20.16 -27.86 -11.57
CA LEU C 269 -20.44 -26.91 -10.51
C LEU C 269 -21.92 -26.99 -10.15
N VAL C 270 -22.20 -27.42 -8.92
CA VAL C 270 -23.57 -27.49 -8.45
C VAL C 270 -23.87 -26.25 -7.60
N ALA C 271 -24.76 -25.42 -8.11
CA ALA C 271 -25.18 -24.19 -7.46
C ALA C 271 -26.70 -24.12 -7.59
N VAL C 272 -27.40 -25.00 -6.86
CA VAL C 272 -28.86 -25.05 -6.93
C VAL C 272 -29.62 -24.48 -5.73
N GLY C 273 -28.88 -23.87 -4.78
CA GLY C 273 -29.52 -23.30 -3.61
C GLY C 273 -28.58 -23.25 -2.44
N ARG C 274 -29.04 -22.57 -1.39
CA ARG C 274 -28.28 -22.39 -0.15
C ARG C 274 -29.14 -22.88 1.02
N ARG C 275 -28.57 -23.76 1.85
CA ARG C 275 -29.26 -24.36 3.00
C ARG C 275 -28.80 -23.74 4.33
N PRO C 276 -29.76 -23.27 5.19
CA PRO C 276 -29.40 -22.71 6.50
C PRO C 276 -28.69 -23.73 7.40
N ARG C 277 -27.67 -23.28 8.14
CA ARG C 277 -26.97 -24.17 9.07
C ARG C 277 -27.71 -24.24 10.40
N VAL C 278 -28.44 -25.33 10.62
CA VAL C 278 -29.21 -25.51 11.85
C VAL C 278 -28.96 -26.86 12.53
N ASP C 279 -28.10 -27.68 11.96
CA ASP C 279 -27.85 -29.05 12.46
C ASP C 279 -26.53 -29.27 13.18
N GLY C 280 -26.58 -30.14 14.19
CA GLY C 280 -25.40 -30.54 14.94
C GLY C 280 -24.76 -29.59 15.92
N PHE C 281 -25.50 -28.59 16.42
CA PHE C 281 -24.91 -27.66 17.40
C PHE C 281 -25.86 -27.27 18.54
N GLY C 282 -26.78 -28.19 18.87
CA GLY C 282 -27.70 -28.04 19.99
C GLY C 282 -28.97 -27.21 19.92
N LEU C 283 -29.50 -26.98 18.71
CA LEU C 283 -30.75 -26.20 18.56
C LEU C 283 -32.00 -26.97 19.01
N GLU C 284 -31.84 -28.27 19.28
CA GLU C 284 -32.95 -29.09 19.75
C GLU C 284 -33.36 -28.63 21.17
N THR C 285 -32.40 -28.05 21.91
CA THR C 285 -32.64 -27.58 23.28
C THR C 285 -33.52 -26.34 23.32
N LEU C 286 -33.60 -25.62 22.21
CA LEU C 286 -34.40 -24.40 22.12
C LEU C 286 -35.78 -24.64 21.52
N MET C 287 -35.89 -25.67 20.65
CA MET C 287 -37.16 -26.04 20.01
C MET C 287 -37.78 -24.83 19.29
N LEU C 288 -36.94 -24.13 18.54
CA LEU C 288 -37.35 -22.92 17.84
C LEU C 288 -38.27 -23.16 16.63
N ASP C 289 -39.28 -22.30 16.46
CA ASP C 289 -40.21 -22.41 15.32
C ASP C 289 -39.42 -22.32 14.00
N ARG C 290 -39.89 -23.05 13.00
CA ARG C 290 -39.22 -23.10 11.71
C ARG C 290 -40.05 -22.52 10.58
N ASN C 291 -39.34 -22.05 9.57
CA ASN C 291 -39.90 -21.49 8.36
C ASN C 291 -39.13 -22.24 7.28
N GLY C 292 -39.62 -23.43 6.93
CA GLY C 292 -38.95 -24.29 5.98
C GLY C 292 -37.74 -24.90 6.67
N ARG C 293 -36.57 -24.75 6.07
CA ARG C 293 -35.31 -25.27 6.64
C ARG C 293 -34.64 -24.22 7.53
N ALA C 294 -35.23 -23.03 7.64
CA ALA C 294 -34.64 -21.94 8.41
C ALA C 294 -35.36 -21.67 9.70
N LEU C 295 -34.65 -20.97 10.59
CA LEU C 295 -35.21 -20.54 11.87
C LEU C 295 -36.24 -19.45 11.55
N ARG C 296 -37.38 -19.50 12.22
CA ARG C 296 -38.45 -18.53 11.97
C ARG C 296 -38.20 -17.24 12.73
N ILE C 297 -38.42 -16.11 12.07
CA ILE C 297 -38.23 -14.80 12.72
C ILE C 297 -39.30 -13.81 12.33
N ASP C 298 -39.55 -12.85 13.22
CA ASP C 298 -40.50 -11.77 12.94
C ASP C 298 -39.65 -10.64 12.33
N ASP C 299 -40.26 -9.48 12.09
CA ASP C 299 -39.56 -8.32 11.50
C ASP C 299 -38.39 -7.79 12.34
N THR C 300 -38.34 -8.14 13.63
CA THR C 300 -37.27 -7.68 14.54
C THR C 300 -36.22 -8.78 14.85
N CYS C 301 -36.19 -9.83 14.02
CA CYS C 301 -35.25 -10.95 14.16
C CYS C 301 -35.37 -11.81 15.44
N ARG C 302 -36.51 -11.70 16.12
CA ARG C 302 -36.76 -12.51 17.30
C ARG C 302 -37.29 -13.86 16.86
N THR C 303 -36.85 -14.92 17.53
CA THR C 303 -37.31 -16.28 17.25
C THR C 303 -38.53 -16.53 18.14
N SER C 304 -38.94 -17.79 18.25
CA SER C 304 -40.07 -18.15 19.12
C SER C 304 -39.69 -18.14 20.62
N MET C 305 -38.40 -18.29 20.94
CA MET C 305 -37.90 -18.28 22.32
C MET C 305 -37.41 -16.87 22.67
N ARG C 306 -37.82 -16.36 23.84
CA ARG C 306 -37.45 -15.00 24.27
C ARG C 306 -35.92 -14.84 24.47
N ASN C 307 -35.37 -13.72 23.98
CA ASN C 307 -33.92 -13.41 24.06
C ASN C 307 -33.03 -14.34 23.24
N VAL C 308 -33.62 -14.99 22.24
CA VAL C 308 -32.90 -15.85 21.31
C VAL C 308 -33.23 -15.21 19.96
N TRP C 309 -32.21 -14.66 19.32
CA TRP C 309 -32.34 -13.96 18.07
C TRP C 309 -31.69 -14.73 16.92
N ALA C 310 -32.16 -14.49 15.70
CA ALA C 310 -31.62 -15.15 14.52
C ALA C 310 -31.58 -14.16 13.37
N ILE C 311 -30.44 -14.14 12.67
CA ILE C 311 -30.20 -13.22 11.54
C ILE C 311 -29.43 -13.89 10.37
N GLY C 312 -29.49 -13.24 9.22
CA GLY C 312 -28.78 -13.71 8.03
C GLY C 312 -29.38 -14.93 7.36
N ASP C 313 -28.53 -15.68 6.65
CA ASP C 313 -28.96 -16.88 5.93
C ASP C 313 -29.64 -17.94 6.81
N VAL C 314 -29.30 -17.99 8.10
CA VAL C 314 -29.92 -18.96 9.01
C VAL C 314 -31.41 -18.66 9.17
N ALA C 315 -31.79 -17.39 8.91
CA ALA C 315 -33.19 -16.96 8.99
C ALA C 315 -33.87 -16.88 7.60
N GLY C 316 -33.33 -17.62 6.63
CA GLY C 316 -33.90 -17.68 5.29
C GLY C 316 -33.61 -16.54 4.34
N GLU C 317 -34.41 -16.49 3.28
CA GLU C 317 -34.29 -15.49 2.21
C GLU C 317 -34.71 -14.07 2.65
N PRO C 318 -34.14 -13.02 2.04
CA PRO C 318 -33.13 -13.11 0.95
C PRO C 318 -31.70 -13.31 1.49
N MET C 319 -31.00 -14.33 1.01
CA MET C 319 -29.65 -14.61 1.51
C MET C 319 -28.55 -13.70 0.94
N LEU C 320 -28.48 -12.49 1.49
CA LEU C 320 -27.52 -11.46 1.09
C LEU C 320 -26.73 -10.98 2.30
N ALA C 321 -25.50 -10.56 2.06
CA ALA C 321 -24.58 -10.11 3.12
C ALA C 321 -25.05 -8.81 3.75
N HIS C 322 -25.42 -7.85 2.90
CA HIS C 322 -25.92 -6.56 3.40
C HIS C 322 -27.17 -6.73 4.27
N ARG C 323 -28.03 -7.68 3.92
CA ARG C 323 -29.22 -7.96 4.74
C ARG C 323 -28.76 -8.50 6.10
N ALA C 324 -27.85 -9.48 6.08
CA ALA C 324 -27.32 -10.05 7.31
C ALA C 324 -26.74 -8.95 8.20
N MET C 325 -25.96 -8.04 7.63
CA MET C 325 -25.37 -6.93 8.38
C MET C 325 -26.40 -5.95 8.98
N ALA C 326 -27.44 -5.60 8.20
CA ALA C 326 -28.47 -4.67 8.68
C ALA C 326 -29.29 -5.31 9.82
N GLN C 327 -29.61 -6.60 9.67
CA GLN C 327 -30.31 -7.32 10.74
C GLN C 327 -29.45 -7.36 12.00
N GLY C 328 -28.16 -7.65 11.83
CA GLY C 328 -27.22 -7.72 12.94
C GLY C 328 -27.14 -6.41 13.70
N GLU C 329 -27.10 -5.31 12.94
CA GLU C 329 -27.06 -3.99 13.52
C GLU C 329 -28.36 -3.71 14.29
N MET C 330 -29.50 -4.10 13.70
CA MET C 330 -30.81 -3.92 14.32
C MET C 330 -30.91 -4.68 15.65
N VAL C 331 -30.51 -5.95 15.66
CA VAL C 331 -30.56 -6.76 16.90
C VAL C 331 -29.74 -6.10 18.02
N ALA C 332 -28.53 -5.65 17.66
CA ALA C 332 -27.62 -5.00 18.61
C ALA C 332 -28.27 -3.76 19.23
N GLU C 333 -28.95 -2.97 18.39
CA GLU C 333 -29.63 -1.76 18.85
C GLU C 333 -30.88 -2.07 19.66
N LEU C 334 -31.55 -3.19 19.37
CA LEU C 334 -32.74 -3.60 20.16
C LEU C 334 -32.30 -4.01 21.57
N ILE C 335 -31.22 -4.80 21.65
CA ILE C 335 -30.64 -5.25 22.91
C ILE C 335 -30.17 -4.03 23.72
N ALA C 336 -29.59 -3.03 23.02
CA ALA C 336 -29.13 -1.80 23.66
C ALA C 336 -30.31 -0.88 24.02
N GLY C 337 -31.50 -1.21 23.51
CA GLY C 337 -32.71 -0.46 23.79
C GLY C 337 -32.98 0.76 22.93
N ARG C 338 -32.10 1.10 21.99
CA ARG C 338 -32.33 2.33 21.18
C ARG C 338 -32.97 2.16 19.81
N ARG C 339 -33.17 0.94 19.35
CA ARG C 339 -33.78 0.73 18.04
C ARG C 339 -35.24 1.22 18.08
N ARG C 340 -35.68 1.88 17.02
CA ARG C 340 -37.07 2.39 16.90
C ARG C 340 -37.71 2.13 15.52
N GLN C 341 -36.88 1.99 14.47
CA GLN C 341 -37.37 1.78 13.12
C GLN C 341 -37.07 0.38 12.59
N PHE C 342 -38.00 -0.16 11.80
CA PHE C 342 -37.82 -1.46 11.16
C PHE C 342 -36.82 -1.31 10.05
N MET C 343 -36.39 -2.41 9.46
CA MET C 343 -35.46 -2.33 8.33
C MET C 343 -36.20 -1.74 7.14
N PRO C 344 -35.48 -1.04 6.24
CA PRO C 344 -36.12 -0.45 5.05
C PRO C 344 -36.84 -1.50 4.20
N ALA C 345 -37.94 -1.08 3.58
CA ALA C 345 -38.73 -1.96 2.72
C ALA C 345 -37.85 -2.58 1.65
N ALA C 346 -37.13 -1.70 0.93
CA ALA C 346 -36.26 -2.09 -0.16
C ALA C 346 -34.88 -2.58 0.31
N ILE C 347 -34.46 -3.72 -0.25
CA ILE C 347 -33.13 -4.29 0.00
C ILE C 347 -32.46 -4.35 -1.38
N PRO C 348 -31.43 -3.52 -1.62
CA PRO C 348 -30.79 -3.56 -2.93
C PRO C 348 -30.02 -4.85 -3.16
N ALA C 349 -29.61 -5.09 -4.40
CA ALA C 349 -28.87 -6.31 -4.73
C ALA C 349 -28.21 -6.14 -6.07
N VAL C 350 -26.99 -6.64 -6.18
CA VAL C 350 -26.25 -6.55 -7.43
C VAL C 350 -25.86 -7.96 -7.87
N CYS C 351 -26.17 -8.28 -9.11
CA CYS C 351 -25.81 -9.56 -9.72
C CYS C 351 -24.63 -9.21 -10.62
N PHE C 352 -23.45 -9.73 -10.28
CA PHE C 352 -22.21 -9.45 -11.01
C PHE C 352 -21.92 -10.31 -12.26
N THR C 353 -22.96 -10.54 -13.05
CA THR C 353 -22.78 -11.21 -14.31
C THR C 353 -22.32 -10.09 -15.25
N ASP C 354 -22.14 -10.41 -16.52
CA ASP C 354 -21.74 -9.47 -17.55
C ASP C 354 -22.74 -9.63 -18.69
N PRO C 355 -23.71 -8.71 -18.86
CA PRO C 355 -23.90 -7.51 -18.03
C PRO C 355 -24.37 -7.74 -16.61
N GLU C 356 -24.26 -6.69 -15.81
CA GLU C 356 -24.65 -6.71 -14.40
C GLU C 356 -26.11 -6.33 -14.25
N ILE C 357 -26.75 -6.84 -13.21
CA ILE C 357 -28.14 -6.48 -12.91
C ILE C 357 -28.13 -5.87 -11.49
N VAL C 358 -28.68 -4.66 -11.35
CA VAL C 358 -28.77 -3.97 -10.06
C VAL C 358 -30.23 -3.74 -9.80
N THR C 359 -30.70 -4.06 -8.60
CA THR C 359 -32.10 -3.87 -8.25
C THR C 359 -32.34 -3.33 -6.84
N ALA C 360 -33.42 -2.56 -6.69
CA ALA C 360 -33.83 -2.00 -5.40
C ALA C 360 -35.31 -1.74 -5.44
N GLY C 361 -36.00 -2.20 -4.41
CA GLY C 361 -37.44 -2.03 -4.30
C GLY C 361 -38.19 -2.93 -5.25
N TRP C 362 -39.38 -2.48 -5.66
CA TRP C 362 -40.23 -3.26 -6.54
C TRP C 362 -40.03 -3.12 -8.05
N SER C 363 -40.12 -4.25 -8.72
CA SER C 363 -40.11 -4.30 -10.18
C SER C 363 -41.59 -4.06 -10.53
N PRO C 364 -41.94 -3.87 -11.81
CA PRO C 364 -43.38 -3.66 -12.14
C PRO C 364 -44.28 -4.84 -11.70
N ASP C 365 -43.78 -6.07 -11.82
CA ASP C 365 -44.55 -7.24 -11.39
C ASP C 365 -44.71 -7.23 -9.85
N ASP C 366 -43.65 -6.93 -9.12
CA ASP C 366 -43.71 -6.85 -7.64
C ASP C 366 -44.75 -5.83 -7.22
N ALA C 367 -44.74 -4.67 -7.88
CA ALA C 367 -45.70 -3.59 -7.61
C ALA C 367 -47.12 -4.05 -7.87
N HIS C 368 -47.34 -4.73 -9.00
CA HIS C 368 -48.69 -5.24 -9.30
C HIS C 368 -49.13 -6.27 -8.26
N ALA C 369 -48.25 -7.23 -7.95
CA ALA C 369 -48.52 -8.26 -6.93
C ALA C 369 -48.87 -7.65 -5.55
N ALA C 370 -48.32 -6.47 -5.27
CA ALA C 370 -48.58 -5.75 -4.00
C ALA C 370 -49.87 -4.90 -4.03
N GLY C 371 -50.58 -4.93 -5.16
CA GLY C 371 -51.83 -4.17 -5.31
C GLY C 371 -51.67 -2.67 -5.37
N VAL C 372 -50.59 -2.20 -6.00
CA VAL C 372 -50.31 -0.76 -6.14
C VAL C 372 -50.22 -0.40 -7.62
N ASP C 373 -51.09 0.51 -8.05
CA ASP C 373 -51.14 0.97 -9.43
C ASP C 373 -49.93 1.89 -9.74
N CYS C 374 -48.95 1.31 -10.44
CA CYS C 374 -47.72 2.01 -10.81
C CYS C 374 -47.53 2.13 -12.30
N LEU C 375 -46.63 3.04 -12.66
CA LEU C 375 -46.22 3.22 -14.04
C LEU C 375 -44.71 3.17 -13.98
N SER C 376 -44.10 2.63 -15.03
CA SER C 376 -42.67 2.57 -15.12
C SER C 376 -42.21 3.01 -16.49
N ALA C 377 -40.94 3.39 -16.58
CA ALA C 377 -40.33 3.82 -17.82
C ALA C 377 -38.86 3.42 -17.78
N SER C 378 -38.27 3.21 -18.95
CA SER C 378 -36.85 2.86 -19.03
C SER C 378 -36.17 3.73 -20.06
N PHE C 379 -34.85 3.85 -19.92
CA PHE C 379 -34.03 4.59 -20.85
C PHE C 379 -32.88 3.65 -21.20
N PRO C 380 -32.65 3.39 -22.50
CA PRO C 380 -31.59 2.45 -22.85
C PRO C 380 -30.17 3.04 -22.89
N PHE C 381 -29.19 2.26 -22.43
CA PHE C 381 -27.80 2.71 -22.47
C PHE C 381 -27.26 2.89 -23.89
N ALA C 382 -27.95 2.33 -24.89
CA ALA C 382 -27.53 2.52 -26.28
C ALA C 382 -27.60 4.01 -26.69
N ALA C 383 -28.41 4.80 -25.98
CA ALA C 383 -28.54 6.23 -26.26
C ALA C 383 -27.77 7.10 -25.26
N ASN C 384 -27.04 6.48 -24.34
CA ASN C 384 -26.28 7.19 -23.31
C ASN C 384 -24.85 7.38 -23.78
N GLY C 385 -24.41 8.63 -23.84
CA GLY C 385 -23.06 8.95 -24.29
C GLY C 385 -21.95 8.25 -23.51
N ARG C 386 -22.03 8.29 -22.20
CA ARG C 386 -21.02 7.65 -21.38
C ARG C 386 -20.93 6.16 -21.69
N ALA C 387 -22.10 5.53 -21.86
CA ALA C 387 -22.19 4.10 -22.18
C ALA C 387 -21.47 3.78 -23.49
N MET C 388 -21.55 4.68 -24.45
CA MET C 388 -20.89 4.52 -25.73
C MET C 388 -19.36 4.58 -25.53
N THR C 389 -18.90 5.53 -24.70
CA THR C 389 -17.45 5.69 -24.44
C THR C 389 -16.83 4.49 -23.72
N LEU C 390 -17.67 3.62 -23.14
CA LEU C 390 -17.20 2.43 -22.44
C LEU C 390 -17.48 1.13 -23.20
N GLN C 391 -18.00 1.22 -24.44
CA GLN C 391 -18.40 0.01 -25.19
C GLN C 391 -19.41 -0.83 -24.39
N ALA C 392 -20.30 -0.13 -23.69
CA ALA C 392 -21.31 -0.74 -22.81
C ALA C 392 -22.69 -0.21 -23.16
N THR C 393 -23.13 -0.47 -24.39
CA THR C 393 -24.40 0.03 -24.90
C THR C 393 -25.63 -0.82 -24.64
N ASP C 394 -25.46 -2.07 -24.24
CA ASP C 394 -26.63 -2.91 -23.91
C ASP C 394 -27.24 -2.53 -22.57
N GLY C 395 -28.52 -2.85 -22.42
CA GLY C 395 -29.25 -2.61 -21.20
C GLY C 395 -29.97 -1.30 -21.07
N PHE C 396 -30.39 -1.01 -19.85
CA PHE C 396 -31.16 0.18 -19.56
C PHE C 396 -31.31 0.37 -18.05
N VAL C 397 -31.94 1.47 -17.69
CA VAL C 397 -32.28 1.78 -16.32
C VAL C 397 -33.80 1.99 -16.36
N ARG C 398 -34.49 1.40 -15.40
CA ARG C 398 -35.91 1.50 -15.27
C ARG C 398 -36.28 2.10 -13.90
N VAL C 399 -37.29 2.96 -13.87
CA VAL C 399 -37.83 3.54 -12.63
C VAL C 399 -39.28 3.06 -12.53
N VAL C 400 -39.72 2.77 -11.32
CA VAL C 400 -41.09 2.29 -11.07
C VAL C 400 -41.64 3.24 -10.01
N ALA C 401 -42.81 3.82 -10.27
CA ALA C 401 -43.37 4.81 -9.35
C ALA C 401 -44.88 4.69 -9.24
N ARG C 402 -45.42 5.13 -8.10
CA ARG C 402 -46.87 5.09 -7.87
C ARG C 402 -47.53 6.09 -8.80
N ARG C 403 -48.63 5.70 -9.41
CA ARG C 403 -49.31 6.57 -10.32
C ARG C 403 -50.04 7.68 -9.56
N ASP C 404 -50.54 7.38 -8.36
CA ASP C 404 -51.28 8.41 -7.57
C ASP C 404 -50.46 9.62 -7.09
N ASN C 405 -49.23 9.40 -6.62
CA ASN C 405 -48.39 10.52 -6.10
C ASN C 405 -46.95 10.58 -6.64
N HIS C 406 -46.62 9.75 -7.62
CA HIS C 406 -45.28 9.70 -8.23
C HIS C 406 -44.11 9.26 -7.32
N LEU C 407 -44.42 8.68 -6.15
CA LEU C 407 -43.37 8.18 -5.25
C LEU C 407 -42.69 7.02 -5.98
N ILE C 408 -41.37 7.07 -6.06
CA ILE C 408 -40.60 6.01 -6.70
C ILE C 408 -40.57 4.84 -5.72
N VAL C 409 -40.90 3.64 -6.24
CA VAL C 409 -40.96 2.42 -5.44
C VAL C 409 -39.97 1.35 -5.89
N GLY C 410 -39.23 1.63 -6.96
CA GLY C 410 -38.27 0.65 -7.42
C GLY C 410 -37.39 1.12 -8.56
N TRP C 411 -36.18 0.58 -8.56
CA TRP C 411 -35.21 0.85 -9.60
C TRP C 411 -34.61 -0.47 -10.04
N GLN C 412 -34.46 -0.63 -11.34
CA GLN C 412 -33.79 -1.81 -11.89
C GLN C 412 -32.86 -1.30 -12.95
N ALA C 413 -31.79 -2.04 -13.19
CA ALA C 413 -30.84 -1.66 -14.19
C ALA C 413 -30.06 -2.86 -14.62
N VAL C 414 -29.74 -2.91 -15.91
CA VAL C 414 -28.95 -3.99 -16.48
C VAL C 414 -27.95 -3.32 -17.43
N GLY C 415 -26.67 -3.63 -17.25
CA GLY C 415 -25.63 -3.05 -18.11
C GLY C 415 -24.24 -3.36 -17.57
N ARG C 416 -23.23 -3.04 -18.38
CA ARG C 416 -21.87 -3.24 -17.94
C ARG C 416 -21.53 -2.03 -17.07
N GLY C 417 -20.92 -2.29 -15.92
CA GLY C 417 -20.52 -1.24 -15.01
C GLY C 417 -21.60 -0.39 -14.37
N VAL C 418 -22.74 -0.99 -14.04
CA VAL C 418 -23.85 -0.25 -13.41
C VAL C 418 -23.97 -0.52 -11.90
N SER C 419 -23.11 -1.38 -11.37
CA SER C 419 -23.14 -1.76 -9.95
C SER C 419 -23.18 -0.61 -8.95
N GLU C 420 -22.40 0.44 -9.21
CA GLU C 420 -22.34 1.56 -8.28
C GLU C 420 -23.56 2.49 -8.30
N LEU C 421 -24.51 2.23 -9.21
CA LEU C 421 -25.77 2.97 -9.24
C LEU C 421 -26.62 2.50 -8.05
N ALA C 422 -26.21 1.41 -7.42
CA ALA C 422 -26.93 0.87 -6.26
C ALA C 422 -27.10 1.90 -5.14
N ALA C 423 -26.06 2.69 -4.87
CA ALA C 423 -26.13 3.69 -3.82
C ALA C 423 -27.20 4.72 -4.13
N ALA C 424 -27.32 5.11 -5.39
CA ALA C 424 -28.36 6.08 -5.77
C ALA C 424 -29.74 5.47 -5.59
N PHE C 425 -29.96 4.29 -6.14
CA PHE C 425 -31.27 3.66 -6.04
C PHE C 425 -31.70 3.53 -4.59
N SER C 426 -30.85 2.88 -3.80
CA SER C 426 -31.15 2.62 -2.39
C SER C 426 -31.37 3.89 -1.55
N GLN C 427 -30.56 4.92 -1.75
CA GLN C 427 -30.70 6.19 -1.02
C GLN C 427 -31.95 6.98 -1.41
N SER C 428 -32.30 6.96 -2.70
CA SER C 428 -33.49 7.67 -3.18
C SER C 428 -34.77 7.05 -2.55
N LEU C 429 -34.81 5.71 -2.50
CA LEU C 429 -35.95 4.99 -1.89
C LEU C 429 -36.06 5.32 -0.39
N GLU C 430 -34.91 5.38 0.29
CA GLU C 430 -34.87 5.70 1.71
C GLU C 430 -35.35 7.14 1.98
N MET C 431 -35.10 8.06 1.04
CA MET C 431 -35.52 9.48 1.17
C MET C 431 -36.97 9.75 0.69
N GLY C 432 -37.58 8.78 0.02
CA GLY C 432 -38.95 8.95 -0.49
C GLY C 432 -38.98 9.83 -1.72
N ALA C 433 -38.00 9.65 -2.59
CA ALA C 433 -37.90 10.42 -3.80
C ALA C 433 -39.08 10.17 -4.73
N ARG C 434 -39.61 11.25 -5.30
CA ARG C 434 -40.69 11.21 -6.28
C ARG C 434 -40.05 11.38 -7.67
N LEU C 435 -40.77 11.04 -8.74
CA LEU C 435 -40.24 11.21 -10.11
C LEU C 435 -39.77 12.64 -10.37
N GLU C 436 -40.49 13.62 -9.83
CA GLU C 436 -40.18 15.04 -9.99
C GLU C 436 -38.82 15.41 -9.37
N ASP C 437 -38.42 14.71 -8.31
CA ASP C 437 -37.13 14.97 -7.64
C ASP C 437 -35.96 14.53 -8.50
N ILE C 438 -36.01 13.30 -9.01
CA ILE C 438 -34.92 12.77 -9.83
C ILE C 438 -34.84 13.58 -11.12
N GLY C 439 -36.00 13.81 -11.72
CA GLY C 439 -36.11 14.56 -12.97
C GLY C 439 -35.58 15.97 -12.89
N GLY C 440 -35.59 16.54 -11.69
CA GLY C 440 -35.09 17.90 -11.48
C GLY C 440 -33.64 17.99 -10.99
N THR C 441 -33.08 16.87 -10.55
CA THR C 441 -31.71 16.82 -10.07
C THR C 441 -30.70 16.87 -11.22
N ILE C 442 -29.71 17.75 -11.09
CA ILE C 442 -28.64 17.87 -12.09
C ILE C 442 -27.73 16.65 -11.90
N HIS C 443 -27.40 15.99 -12.99
CA HIS C 443 -26.52 14.82 -13.00
C HIS C 443 -25.29 15.15 -13.84
N ALA C 444 -24.11 14.82 -13.31
CA ALA C 444 -22.86 15.08 -13.99
C ALA C 444 -22.78 14.39 -15.36
N HIS C 445 -22.18 15.08 -16.32
CA HIS C 445 -22.04 14.57 -17.68
C HIS C 445 -20.54 14.29 -17.94
N PRO C 446 -20.16 13.14 -18.52
CA PRO C 446 -21.04 12.09 -18.95
C PRO C 446 -21.04 10.93 -17.96
N THR C 447 -22.22 10.45 -17.59
CA THR C 447 -22.33 9.35 -16.66
C THR C 447 -23.47 8.45 -17.07
N LEU C 448 -23.36 7.19 -16.65
CA LEU C 448 -24.42 6.20 -16.86
C LEU C 448 -25.61 6.70 -16.05
N GLY C 449 -25.33 7.31 -14.89
CA GLY C 449 -26.35 7.86 -14.01
C GLY C 449 -27.28 8.90 -14.64
N GLU C 450 -26.89 9.47 -15.75
CA GLU C 450 -27.78 10.41 -16.45
C GLU C 450 -29.05 9.66 -16.90
N ALA C 451 -28.93 8.35 -17.11
CA ALA C 451 -30.08 7.54 -17.54
C ALA C 451 -31.18 7.46 -16.47
N LEU C 452 -30.82 7.66 -15.19
CA LEU C 452 -31.83 7.63 -14.11
C LEU C 452 -32.75 8.83 -14.29
N GLN C 453 -32.15 9.99 -14.56
CA GLN C 453 -32.89 11.22 -14.76
C GLN C 453 -33.79 11.12 -15.97
N GLU C 454 -33.27 10.59 -17.07
CA GLU C 454 -34.03 10.41 -18.32
C GLU C 454 -35.19 9.45 -18.12
N ALA C 455 -34.93 8.36 -17.39
CA ALA C 455 -35.97 7.39 -17.11
C ALA C 455 -37.09 8.08 -16.33
N ALA C 456 -36.73 8.85 -15.29
CA ALA C 456 -37.73 9.57 -14.48
C ALA C 456 -38.57 10.56 -15.29
N LEU C 457 -37.91 11.32 -16.16
CA LEU C 457 -38.60 12.31 -17.00
C LEU C 457 -39.56 11.65 -17.99
N ARG C 458 -39.14 10.53 -18.55
CA ARG C 458 -39.95 9.77 -19.51
C ARG C 458 -41.22 9.23 -18.82
N ALA C 459 -41.09 8.75 -17.58
CA ALA C 459 -42.23 8.25 -16.83
C ALA C 459 -43.14 9.41 -16.45
N LEU C 460 -42.52 10.52 -16.04
CA LEU C 460 -43.24 11.71 -15.64
C LEU C 460 -44.04 12.27 -16.83
N GLY C 461 -43.48 12.14 -18.04
CA GLY C 461 -44.14 12.60 -19.27
C GLY C 461 -45.43 11.85 -19.50
N HIS C 462 -45.42 10.54 -19.20
CA HIS C 462 -46.62 9.74 -19.34
C HIS C 462 -47.61 10.20 -18.28
N ALA C 463 -47.11 10.37 -17.05
CA ALA C 463 -47.93 10.80 -15.93
C ALA C 463 -48.62 12.17 -16.14
N LEU C 464 -48.00 13.09 -16.89
CA LEU C 464 -48.60 14.43 -17.14
C LEU C 464 -49.35 14.55 -18.48
N HIS C 465 -49.30 13.50 -19.32
CA HIS C 465 -49.97 13.52 -20.63
C HIS C 465 -51.48 13.73 -20.43
N VAL C 466 -52.15 14.35 -21.40
CA VAL C 466 -53.61 14.53 -21.28
C VAL C 466 -54.28 13.15 -21.42
N LYS D 5 -34.87 37.82 -46.81
CA LYS D 5 -36.17 38.23 -46.19
C LYS D 5 -36.10 38.16 -44.66
N ASN D 6 -36.84 39.06 -44.00
CA ASN D 6 -36.90 39.12 -42.53
C ASN D 6 -37.65 37.93 -41.93
N GLU D 7 -37.15 37.45 -40.80
CA GLU D 7 -37.76 36.33 -40.07
C GLU D 7 -37.91 36.71 -38.62
N HIS D 8 -38.75 35.98 -37.90
CA HIS D 8 -38.94 36.24 -36.47
C HIS D 8 -39.33 34.97 -35.71
N THR D 9 -39.06 34.98 -34.42
CA THR D 9 -39.41 33.90 -33.50
C THR D 9 -39.57 34.48 -32.12
N THR D 10 -39.87 33.62 -31.16
CA THR D 10 -40.00 34.04 -29.78
C THR D 10 -38.63 33.90 -29.13
N LEU D 11 -37.99 32.76 -29.34
CA LEU D 11 -36.70 32.47 -28.74
C LEU D 11 -35.63 32.24 -29.80
N LEU D 12 -34.60 33.08 -29.79
CA LEU D 12 -33.48 32.94 -30.70
C LEU D 12 -32.31 32.49 -29.84
N VAL D 13 -31.80 31.28 -30.10
CA VAL D 13 -30.70 30.74 -29.32
C VAL D 13 -29.42 30.81 -30.11
N ILE D 14 -28.42 31.48 -29.57
CA ILE D 14 -27.12 31.56 -30.23
C ILE D 14 -26.22 30.49 -29.61
N GLY D 15 -25.96 29.43 -30.39
CA GLY D 15 -25.06 28.37 -29.99
C GLY D 15 -25.73 27.03 -29.84
N GLY D 16 -25.20 26.02 -30.54
CA GLY D 16 -25.73 24.65 -30.51
C GLY D 16 -25.03 23.66 -29.59
N GLY D 17 -24.41 24.16 -28.50
CA GLY D 17 -23.76 23.29 -27.53
C GLY D 17 -24.79 22.81 -26.51
N PRO D 18 -24.35 22.07 -25.46
CA PRO D 18 -25.23 21.55 -24.40
C PRO D 18 -26.23 22.58 -23.87
N GLY D 19 -25.79 23.81 -23.64
CA GLY D 19 -26.68 24.84 -23.15
C GLY D 19 -27.72 25.14 -24.18
N GLY D 20 -27.25 25.44 -25.38
CA GLY D 20 -28.09 25.79 -26.48
C GLY D 20 -29.09 24.75 -26.93
N TYR D 21 -28.62 23.53 -27.23
CA TYR D 21 -29.54 22.54 -27.76
C TYR D 21 -30.54 22.04 -26.74
N VAL D 22 -30.16 21.98 -25.47
CA VAL D 22 -31.08 21.54 -24.42
C VAL D 22 -32.16 22.61 -24.17
N ALA D 23 -31.74 23.88 -24.14
CA ALA D 23 -32.66 25.01 -23.96
C ALA D 23 -33.65 25.03 -25.11
N ALA D 24 -33.15 24.81 -26.32
CA ALA D 24 -33.96 24.78 -27.56
C ALA D 24 -34.98 23.64 -27.55
N ILE D 25 -34.50 22.44 -27.22
CA ILE D 25 -35.33 21.23 -27.13
C ILE D 25 -36.48 21.43 -26.15
N ARG D 26 -36.15 21.83 -24.92
CA ARG D 26 -37.19 22.07 -23.91
C ARG D 26 -38.18 23.15 -24.32
N ALA D 27 -37.67 24.22 -24.92
CA ALA D 27 -38.49 25.34 -25.34
C ALA D 27 -39.47 24.84 -26.37
N GLY D 28 -38.95 24.06 -27.33
CA GLY D 28 -39.77 23.48 -28.39
C GLY D 28 -40.84 22.56 -27.86
N GLN D 29 -40.48 21.75 -26.86
CA GLN D 29 -41.44 20.85 -26.19
C GLN D 29 -42.48 21.63 -25.42
N LEU D 30 -42.12 22.82 -24.93
CA LEU D 30 -43.07 23.69 -24.21
C LEU D 30 -43.88 24.58 -25.17
N GLY D 31 -43.69 24.41 -26.48
CA GLY D 31 -44.44 25.15 -27.49
C GLY D 31 -43.97 26.59 -27.72
N ILE D 32 -42.70 26.85 -27.46
CA ILE D 32 -42.14 28.18 -27.68
C ILE D 32 -41.48 28.18 -29.06
N PRO D 33 -42.01 28.99 -30.01
CA PRO D 33 -41.37 29.07 -31.33
C PRO D 33 -39.88 29.38 -31.14
N THR D 34 -39.00 28.49 -31.62
CA THR D 34 -37.57 28.63 -31.38
C THR D 34 -36.69 28.35 -32.59
N VAL D 35 -35.63 29.14 -32.72
CA VAL D 35 -34.63 29.00 -33.77
C VAL D 35 -33.26 28.98 -33.11
N LEU D 36 -32.51 27.92 -33.34
CA LEU D 36 -31.15 27.76 -32.82
C LEU D 36 -30.15 27.94 -33.98
N VAL D 37 -29.11 28.72 -33.72
CA VAL D 37 -28.09 29.04 -34.71
C VAL D 37 -26.72 28.44 -34.30
N GLU D 38 -26.15 27.62 -35.19
CA GLU D 38 -24.85 26.97 -34.95
C GLU D 38 -23.94 27.07 -36.18
N ARG D 39 -22.77 27.67 -35.98
CA ARG D 39 -21.78 27.86 -37.04
C ARG D 39 -21.00 26.61 -37.45
N ASP D 40 -20.68 25.74 -36.48
CA ASP D 40 -19.89 24.53 -36.73
C ASP D 40 -20.76 23.26 -36.62
N ARG D 41 -20.57 22.44 -35.56
CA ARG D 41 -21.38 21.23 -35.34
C ARG D 41 -22.31 21.36 -34.16
N LEU D 42 -23.41 20.61 -34.21
CA LEU D 42 -24.34 20.56 -33.09
C LEU D 42 -23.64 19.72 -32.03
N GLY D 43 -23.88 20.05 -30.78
CA GLY D 43 -23.26 19.35 -29.66
C GLY D 43 -22.14 20.18 -29.04
N GLY D 44 -21.75 21.25 -29.72
CA GLY D 44 -20.72 22.15 -29.23
C GLY D 44 -19.41 21.49 -28.82
N THR D 45 -18.80 22.07 -27.80
CA THR D 45 -17.53 21.58 -27.28
C THR D 45 -17.70 20.22 -26.66
N CYS D 46 -18.74 20.08 -25.86
CA CYS D 46 -18.97 18.85 -25.14
C CYS D 46 -18.93 17.56 -25.98
N LEU D 47 -19.71 17.51 -27.07
CA LEU D 47 -19.76 16.31 -27.91
C LEU D 47 -18.66 16.14 -28.94
N ASN D 48 -18.22 17.25 -29.52
CA ASN D 48 -17.25 17.20 -30.63
C ASN D 48 -15.78 17.25 -30.27
N ILE D 49 -15.45 18.01 -29.22
CA ILE D 49 -14.04 18.22 -28.82
C ILE D 49 -13.80 18.40 -27.30
N GLY D 50 -14.69 17.83 -26.47
CA GLY D 50 -14.58 17.96 -25.00
C GLY D 50 -14.96 16.70 -24.23
N CYS D 51 -16.11 16.76 -23.54
CA CYS D 51 -16.61 15.64 -22.71
C CYS D 51 -16.47 14.26 -23.36
N ILE D 52 -17.23 14.02 -24.43
CA ILE D 52 -17.25 12.70 -25.08
C ILE D 52 -15.88 12.21 -25.62
N PRO D 53 -15.18 13.02 -26.42
CA PRO D 53 -13.88 12.58 -26.94
C PRO D 53 -12.83 12.21 -25.88
N SER D 54 -12.72 13.02 -24.81
CA SER D 54 -11.76 12.72 -23.74
C SER D 54 -12.09 11.42 -22.98
N LYS D 55 -13.37 11.20 -22.70
CA LYS D 55 -13.78 9.97 -22.01
C LYS D 55 -13.58 8.77 -22.91
N ALA D 56 -13.80 8.97 -24.22
CA ALA D 56 -13.57 7.91 -25.21
C ALA D 56 -12.09 7.51 -25.21
N LEU D 57 -11.20 8.49 -25.28
CA LEU D 57 -9.76 8.23 -25.27
C LEU D 57 -9.25 7.70 -23.90
N ILE D 58 -9.86 8.13 -22.80
CA ILE D 58 -9.51 7.60 -21.49
C ILE D 58 -9.87 6.10 -21.51
N HIS D 59 -10.96 5.73 -22.17
CA HIS D 59 -11.33 4.31 -22.26
C HIS D 59 -10.30 3.49 -23.04
N VAL D 60 -9.86 3.98 -24.19
CA VAL D 60 -8.88 3.22 -24.98
C VAL D 60 -7.53 3.21 -24.25
N ALA D 61 -7.19 4.32 -23.59
CA ALA D 61 -5.94 4.40 -22.83
C ALA D 61 -5.97 3.36 -21.72
N ASP D 62 -7.11 3.25 -21.03
CA ASP D 62 -7.25 2.25 -19.96
C ASP D 62 -7.20 0.83 -20.53
N ALA D 63 -7.78 0.64 -21.72
CA ALA D 63 -7.78 -0.67 -22.38
C ALA D 63 -6.35 -1.10 -22.71
N PHE D 64 -5.58 -0.17 -23.28
CA PHE D 64 -4.21 -0.44 -23.65
C PHE D 64 -3.33 -0.72 -22.43
N GLU D 65 -3.58 0.01 -21.34
CA GLU D 65 -2.87 -0.17 -20.08
C GLU D 65 -3.04 -1.60 -19.61
N GLN D 66 -4.28 -2.08 -19.64
CA GLN D 66 -4.58 -3.46 -19.26
C GLN D 66 -3.92 -4.47 -20.21
N ALA D 67 -4.00 -4.20 -21.52
CA ALA D 67 -3.36 -5.09 -22.50
C ALA D 67 -1.85 -5.20 -22.22
N CYS D 68 -1.22 -4.10 -21.84
CA CYS D 68 0.23 -4.06 -21.53
C CYS D 68 0.63 -4.74 -20.20
N GLY D 69 -0.33 -4.86 -19.28
CA GLY D 69 -0.05 -5.43 -17.97
C GLY D 69 0.50 -4.35 -17.05
N HIS D 70 0.07 -3.10 -17.28
CA HIS D 70 0.49 -1.96 -16.47
C HIS D 70 -0.55 -1.55 -15.40
N ALA D 71 -1.57 -2.39 -15.21
CA ALA D 71 -2.61 -2.15 -14.20
C ALA D 71 -2.65 -3.32 -13.21
N GLY D 72 -1.47 -3.83 -12.87
CA GLY D 72 -1.37 -4.93 -11.92
C GLY D 72 -1.84 -6.30 -12.36
N GLU D 73 -1.78 -6.59 -13.66
CA GLU D 73 -2.17 -7.92 -14.16
C GLU D 73 -1.25 -9.04 -13.62
N GLY D 74 0.01 -8.69 -13.37
CA GLY D 74 1.01 -9.62 -12.83
C GLY D 74 0.56 -10.25 -11.53
N ALA D 75 0.01 -9.45 -10.61
CA ALA D 75 -0.48 -9.95 -9.32
C ALA D 75 -1.70 -10.87 -9.47
N LEU D 76 -2.44 -10.70 -10.57
CA LEU D 76 -3.64 -11.53 -10.83
C LEU D 76 -3.28 -12.89 -11.47
N GLY D 77 -2.00 -13.12 -11.71
CA GLY D 77 -1.53 -14.37 -12.34
C GLY D 77 -1.57 -14.32 -13.86
N ILE D 78 -1.78 -13.12 -14.41
CA ILE D 78 -1.88 -12.90 -15.85
C ILE D 78 -0.55 -12.38 -16.36
N ARG D 79 0.06 -13.17 -17.24
CA ARG D 79 1.35 -12.89 -17.83
C ARG D 79 1.07 -12.53 -19.29
N VAL D 80 1.31 -11.26 -19.64
CA VAL D 80 1.04 -10.74 -20.98
C VAL D 80 2.26 -10.56 -21.87
N ARG D 81 1.98 -10.30 -23.14
CA ARG D 81 2.98 -9.97 -24.13
C ARG D 81 2.59 -8.58 -24.66
N ALA D 82 3.60 -7.79 -25.00
CA ALA D 82 3.41 -6.40 -25.46
C ALA D 82 2.40 -6.22 -26.61
N PRO D 83 1.34 -5.41 -26.37
CA PRO D 83 0.35 -5.14 -27.40
C PRO D 83 0.79 -3.94 -28.26
N GLU D 84 0.09 -3.72 -29.38
CA GLU D 84 0.35 -2.58 -30.25
C GLU D 84 -0.97 -1.80 -30.40
N ILE D 85 -0.89 -0.51 -30.72
CA ILE D 85 -2.07 0.33 -30.88
C ILE D 85 -1.98 1.21 -32.12
N ASP D 86 -3.05 1.21 -32.93
CA ASP D 86 -3.18 2.05 -34.11
C ASP D 86 -4.05 3.20 -33.58
N ILE D 87 -3.42 4.34 -33.32
CA ILE D 87 -4.12 5.50 -32.75
C ILE D 87 -5.15 6.12 -33.70
N ALA D 88 -4.93 6.02 -35.00
CA ALA D 88 -5.87 6.60 -35.97
C ALA D 88 -7.19 5.87 -35.86
N LYS D 89 -7.13 4.55 -35.65
CA LYS D 89 -8.33 3.76 -35.49
C LYS D 89 -9.01 4.10 -34.15
N SER D 90 -8.21 4.40 -33.13
CA SER D 90 -8.74 4.81 -31.82
C SER D 90 -9.59 6.08 -32.01
N VAL D 91 -9.04 7.06 -32.71
CA VAL D 91 -9.76 8.31 -33.00
C VAL D 91 -10.99 8.03 -33.88
N ALA D 92 -10.84 7.18 -34.89
CA ALA D 92 -11.95 6.83 -35.77
C ALA D 92 -13.10 6.27 -34.93
N TRP D 93 -12.79 5.33 -34.04
CA TRP D 93 -13.82 4.76 -33.16
C TRP D 93 -14.50 5.87 -32.37
N LYS D 94 -13.69 6.80 -31.85
CA LYS D 94 -14.20 7.92 -31.07
C LYS D 94 -15.11 8.85 -31.91
N ASP D 95 -14.68 9.19 -33.12
CA ASP D 95 -15.49 10.05 -34.00
C ASP D 95 -16.77 9.32 -34.45
N GLY D 96 -16.78 8.00 -34.36
CA GLY D 96 -17.99 7.19 -34.68
C GLY D 96 -19.02 7.42 -33.57
N ILE D 97 -18.52 7.58 -32.36
CA ILE D 97 -19.35 7.87 -31.19
C ILE D 97 -19.90 9.28 -31.33
N VAL D 98 -19.02 10.24 -31.60
CA VAL D 98 -19.44 11.64 -31.79
C VAL D 98 -20.51 11.75 -32.89
N ASP D 99 -20.31 11.08 -34.02
CA ASP D 99 -21.31 11.09 -35.11
C ASP D 99 -22.70 10.64 -34.63
N ARG D 100 -22.79 9.43 -34.08
CA ARG D 100 -24.08 8.91 -33.61
C ARG D 100 -24.77 9.82 -32.57
N LEU D 101 -23.99 10.41 -31.66
CA LEU D 101 -24.56 11.32 -30.66
C LEU D 101 -25.08 12.60 -31.30
N THR D 102 -24.36 13.14 -32.27
CA THR D 102 -24.77 14.37 -32.94
C THR D 102 -26.03 14.15 -33.78
N ARG D 103 -26.15 12.98 -34.43
CA ARG D 103 -27.35 12.68 -35.22
C ARG D 103 -28.57 12.59 -34.29
N GLY D 104 -28.35 12.11 -33.07
CA GLY D 104 -29.40 12.00 -32.07
C GLY D 104 -29.92 13.38 -31.72
N VAL D 105 -28.99 14.27 -31.34
CA VAL D 105 -29.31 15.65 -30.98
C VAL D 105 -30.07 16.35 -32.11
N GLY D 106 -29.62 16.15 -33.34
CA GLY D 106 -30.27 16.75 -34.51
C GLY D 106 -31.69 16.25 -34.67
N ALA D 107 -31.88 14.95 -34.45
CA ALA D 107 -33.18 14.33 -34.55
C ALA D 107 -34.11 14.77 -33.42
N LEU D 108 -33.55 15.02 -32.23
CA LEU D 108 -34.35 15.46 -31.08
C LEU D 108 -34.79 16.93 -31.27
N LEU D 109 -33.93 17.74 -31.90
CA LEU D 109 -34.28 19.14 -32.19
C LEU D 109 -35.43 19.24 -33.18
N LYS D 110 -35.40 18.50 -34.30
CA LYS D 110 -36.54 18.57 -35.26
C LYS D 110 -37.82 17.92 -34.72
N LYS D 111 -37.66 16.94 -33.83
CA LYS D 111 -38.80 16.27 -33.21
C LYS D 111 -39.48 17.21 -32.21
N SER D 112 -38.68 18.11 -31.60
CA SER D 112 -39.16 19.11 -30.63
C SER D 112 -39.71 20.37 -31.32
N GLY D 113 -39.62 20.43 -32.65
CA GLY D 113 -40.15 21.58 -33.41
C GLY D 113 -39.23 22.78 -33.55
N VAL D 114 -37.96 22.60 -33.24
CA VAL D 114 -36.97 23.67 -33.31
C VAL D 114 -36.40 23.82 -34.74
N ARG D 115 -36.17 25.05 -35.18
CA ARG D 115 -35.59 25.27 -36.50
C ARG D 115 -34.09 25.55 -36.30
N VAL D 116 -33.27 24.63 -36.79
CA VAL D 116 -31.82 24.72 -36.65
C VAL D 116 -31.25 25.41 -37.88
N LEU D 117 -30.40 26.40 -37.66
CA LEU D 117 -29.73 27.15 -38.72
C LEU D 117 -28.23 26.95 -38.63
N HIS D 118 -27.62 26.50 -39.74
CA HIS D 118 -26.17 26.32 -39.81
C HIS D 118 -25.59 27.62 -40.35
N GLY D 119 -24.96 28.41 -39.48
CA GLY D 119 -24.38 29.68 -39.90
C GLY D 119 -23.87 30.56 -38.77
N GLU D 120 -23.09 31.57 -39.14
CA GLU D 120 -22.48 32.54 -38.20
C GLU D 120 -23.50 33.61 -37.79
N ALA D 121 -23.80 33.65 -36.50
CA ALA D 121 -24.73 34.63 -35.95
C ALA D 121 -23.99 35.90 -35.57
N ARG D 122 -24.54 37.06 -35.92
CA ARG D 122 -23.94 38.34 -35.57
C ARG D 122 -25.03 39.20 -34.94
N VAL D 123 -24.86 39.54 -33.67
CA VAL D 123 -25.86 40.33 -32.94
C VAL D 123 -25.91 41.76 -33.41
N ILE D 124 -27.13 42.24 -33.68
CA ILE D 124 -27.35 43.62 -34.11
C ILE D 124 -27.87 44.43 -32.94
N ASP D 125 -28.81 43.85 -32.20
CA ASP D 125 -29.38 44.49 -31.02
C ASP D 125 -30.09 43.42 -30.16
N GLY D 126 -30.69 43.85 -29.05
CA GLY D 126 -31.39 42.94 -28.13
C GLY D 126 -32.54 42.13 -28.70
N LYS D 127 -33.06 42.55 -29.85
CA LYS D 127 -34.18 41.88 -30.50
C LYS D 127 -33.85 41.45 -31.95
N THR D 128 -32.60 41.65 -32.40
CA THR D 128 -32.26 41.35 -33.81
C THR D 128 -30.87 40.72 -33.99
N VAL D 129 -30.77 39.83 -34.98
CA VAL D 129 -29.54 39.10 -35.31
C VAL D 129 -29.45 38.78 -36.81
N GLU D 130 -28.22 38.74 -37.35
CA GLU D 130 -27.98 38.38 -38.75
C GLU D 130 -27.21 37.06 -38.79
N VAL D 131 -27.63 36.17 -39.69
CA VAL D 131 -27.02 34.86 -39.84
C VAL D 131 -26.40 34.71 -41.23
N VAL D 132 -25.08 34.70 -41.26
CA VAL D 132 -24.33 34.58 -42.51
C VAL D 132 -24.03 33.10 -42.78
N SER D 133 -24.47 32.63 -43.94
CA SER D 133 -24.26 31.25 -44.39
C SER D 133 -23.59 31.29 -45.76
N ALA D 134 -23.04 30.15 -46.17
CA ALA D 134 -22.34 30.03 -47.46
C ALA D 134 -23.18 30.46 -48.68
N GLY D 135 -24.48 30.13 -48.65
CA GLY D 135 -25.39 30.46 -49.75
C GLY D 135 -26.13 31.78 -49.64
N HIS D 136 -26.57 32.12 -48.42
CA HIS D 136 -27.32 33.36 -48.18
C HIS D 136 -26.99 33.99 -46.81
N ALA D 137 -27.62 35.13 -46.55
CA ALA D 137 -27.49 35.87 -45.29
C ALA D 137 -28.90 36.31 -44.92
N VAL D 138 -29.36 35.92 -43.73
CA VAL D 138 -30.71 36.25 -43.26
C VAL D 138 -30.69 37.01 -41.94
N ARG D 139 -31.68 37.89 -41.75
CA ARG D 139 -31.77 38.66 -40.52
C ARG D 139 -33.01 38.17 -39.78
N ILE D 140 -32.87 37.94 -38.47
CA ILE D 140 -33.96 37.41 -37.64
C ILE D 140 -34.22 38.26 -36.39
N GLY D 141 -35.49 38.57 -36.16
CA GLY D 141 -35.93 39.33 -34.98
C GLY D 141 -36.40 38.38 -33.88
N CYS D 142 -36.47 38.84 -32.64
CA CYS D 142 -36.88 37.96 -31.54
C CYS D 142 -37.43 38.68 -30.32
N GLU D 143 -38.11 37.90 -29.48
CA GLU D 143 -38.69 38.38 -28.23
C GLU D 143 -37.70 38.12 -27.10
N HIS D 144 -36.96 37.00 -27.18
CA HIS D 144 -35.96 36.63 -26.16
C HIS D 144 -34.68 36.17 -26.85
N LEU D 145 -33.56 36.66 -26.35
CA LEU D 145 -32.27 36.31 -26.93
C LEU D 145 -31.46 35.50 -25.93
N LEU D 146 -31.14 34.26 -26.28
CA LEU D 146 -30.37 33.38 -25.40
C LEU D 146 -28.96 33.20 -25.95
N LEU D 147 -27.98 33.67 -25.20
CA LEU D 147 -26.58 33.55 -25.61
C LEU D 147 -25.98 32.30 -25.00
N ALA D 148 -25.52 31.39 -25.87
CA ALA D 148 -24.93 30.13 -25.40
C ALA D 148 -23.75 29.80 -26.30
N THR D 149 -22.85 30.77 -26.44
CA THR D 149 -21.67 30.67 -27.31
C THR D 149 -20.49 29.87 -26.76
N GLY D 150 -20.55 29.51 -25.49
CA GLY D 150 -19.51 28.69 -24.89
C GLY D 150 -18.16 29.32 -24.59
N SER D 151 -17.12 28.50 -24.76
CA SER D 151 -15.76 28.90 -24.47
C SER D 151 -14.77 28.37 -25.51
N GLU D 152 -13.57 28.92 -25.45
CA GLU D 152 -12.46 28.61 -26.34
C GLU D 152 -11.22 28.37 -25.45
N PRO D 153 -10.25 27.55 -25.92
CA PRO D 153 -9.07 27.35 -25.09
C PRO D 153 -8.21 28.60 -25.00
N VAL D 154 -7.65 28.87 -23.82
CA VAL D 154 -6.77 30.01 -23.61
C VAL D 154 -5.41 29.70 -24.24
N GLU D 155 -4.91 30.64 -25.03
CA GLU D 155 -3.63 30.47 -25.71
C GLU D 155 -2.53 31.22 -24.96
N LEU D 156 -1.40 30.55 -24.73
CA LEU D 156 -0.27 31.23 -24.10
C LEU D 156 0.46 32.02 -25.17
N PRO D 157 0.53 33.36 -25.02
CA PRO D 157 1.25 34.14 -26.04
C PRO D 157 2.69 33.64 -26.26
N SER D 158 3.29 33.03 -25.23
CA SER D 158 4.65 32.46 -25.29
C SER D 158 4.82 31.40 -26.37
N MET D 159 3.80 30.58 -26.55
CA MET D 159 3.81 29.49 -27.52
C MET D 159 2.43 29.31 -28.12
N PRO D 160 2.08 30.19 -29.08
CA PRO D 160 0.74 30.10 -29.70
C PRO D 160 0.51 28.73 -30.35
N PHE D 161 -0.75 28.35 -30.51
CA PHE D 161 -1.09 27.06 -31.10
C PHE D 161 -0.67 27.00 -32.56
N GLY D 162 -0.21 25.82 -32.98
CA GLY D 162 0.25 25.60 -34.34
C GLY D 162 1.35 24.55 -34.36
N GLY D 163 1.30 23.69 -35.38
CA GLY D 163 2.30 22.62 -35.54
C GLY D 163 2.39 21.70 -34.32
N HIS D 164 3.56 21.69 -33.70
CA HIS D 164 3.83 20.87 -32.53
C HIS D 164 3.12 21.33 -31.26
N VAL D 165 2.64 22.58 -31.22
CA VAL D 165 1.92 23.10 -30.04
C VAL D 165 0.41 22.89 -30.28
N VAL D 166 -0.21 22.01 -29.49
CA VAL D 166 -1.62 21.65 -29.64
C VAL D 166 -2.52 21.97 -28.45
N SER D 167 -3.80 22.25 -28.73
CA SER D 167 -4.78 22.51 -27.68
C SER D 167 -5.45 21.16 -27.38
N SER D 168 -6.42 21.18 -26.48
CA SER D 168 -7.19 20.00 -26.17
C SER D 168 -7.84 19.43 -27.45
N THR D 169 -8.21 20.31 -28.39
CA THR D 169 -8.85 19.88 -29.66
C THR D 169 -7.98 18.93 -30.50
N ASP D 170 -6.74 19.31 -30.74
CA ASP D 170 -5.80 18.47 -31.50
C ASP D 170 -5.36 17.25 -30.69
N ALA D 171 -5.26 17.42 -29.37
CA ALA D 171 -4.86 16.31 -28.49
C ALA D 171 -5.88 15.17 -28.51
N LEU D 172 -7.13 15.53 -28.79
CA LEU D 172 -8.22 14.55 -28.86
C LEU D 172 -8.38 13.90 -30.26
N SER D 173 -7.56 14.30 -31.23
CA SER D 173 -7.59 13.69 -32.57
C SER D 173 -6.16 13.54 -33.09
N PRO D 174 -5.31 12.83 -32.32
CA PRO D 174 -3.95 12.67 -32.78
C PRO D 174 -3.87 11.74 -33.97
N ALA D 175 -3.01 12.07 -34.93
CA ALA D 175 -2.80 11.23 -36.09
C ALA D 175 -1.72 10.21 -35.72
N THR D 176 -0.84 10.62 -34.81
CA THR D 176 0.24 9.75 -34.32
C THR D 176 0.49 10.09 -32.86
N LEU D 177 1.29 9.23 -32.21
CA LEU D 177 1.65 9.44 -30.83
C LEU D 177 3.03 10.04 -30.80
N PRO D 178 3.23 11.11 -30.00
CA PRO D 178 4.55 11.70 -29.91
C PRO D 178 5.45 10.82 -29.04
N LYS D 179 6.75 10.98 -29.18
CA LYS D 179 7.70 10.21 -28.41
C LYS D 179 7.71 10.85 -27.01
N ARG D 180 7.75 12.19 -26.99
CA ARG D 180 7.69 12.98 -25.76
C ARG D 180 6.61 14.06 -25.85
N LEU D 181 5.86 14.21 -24.77
CA LEU D 181 4.79 15.17 -24.65
C LEU D 181 4.97 16.04 -23.40
N VAL D 182 4.80 17.34 -23.55
CA VAL D 182 4.83 18.25 -22.40
C VAL D 182 3.43 18.88 -22.33
N VAL D 183 2.88 18.90 -21.13
CA VAL D 183 1.55 19.46 -20.90
C VAL D 183 1.73 20.65 -20.00
N VAL D 184 1.19 21.79 -20.42
CA VAL D 184 1.26 23.01 -19.65
C VAL D 184 -0.11 23.17 -19.04
N GLY D 185 -0.15 23.17 -17.70
CA GLY D 185 -1.39 23.30 -16.94
C GLY D 185 -1.81 21.95 -16.41
N ALA D 186 -2.01 21.87 -15.08
CA ALA D 186 -2.40 20.63 -14.43
C ALA D 186 -3.82 20.70 -13.85
N GLY D 187 -4.72 21.35 -14.59
CA GLY D 187 -6.13 21.41 -14.23
C GLY D 187 -6.65 20.06 -14.67
N TYR D 188 -7.97 19.85 -14.62
CA TYR D 188 -8.49 18.53 -14.99
C TYR D 188 -8.20 18.18 -16.46
N ILE D 189 -8.31 19.16 -17.36
CA ILE D 189 -8.08 18.91 -18.80
C ILE D 189 -6.65 18.42 -19.05
N GLY D 190 -5.69 19.22 -18.63
CA GLY D 190 -4.28 18.87 -18.77
C GLY D 190 -3.97 17.49 -18.23
N LEU D 191 -4.39 17.22 -16.99
CA LEU D 191 -4.14 15.91 -16.36
C LEU D 191 -4.85 14.72 -17.00
N GLU D 192 -6.12 14.89 -17.39
CA GLU D 192 -6.85 13.81 -18.05
C GLU D 192 -6.12 13.36 -19.32
N LEU D 193 -5.68 14.33 -20.13
CA LEU D 193 -4.97 14.05 -21.39
C LEU D 193 -3.53 13.61 -21.14
N GLY D 194 -2.90 14.14 -20.11
CA GLY D 194 -1.54 13.74 -19.75
C GLY D 194 -1.50 12.25 -19.40
N ILE D 195 -2.48 11.80 -18.63
CA ILE D 195 -2.57 10.39 -18.23
C ILE D 195 -2.85 9.50 -19.44
N VAL D 196 -3.77 9.92 -20.30
CA VAL D 196 -4.11 9.16 -21.51
C VAL D 196 -2.83 8.84 -22.28
N TYR D 197 -2.11 9.89 -22.68
CA TYR D 197 -0.87 9.76 -23.44
C TYR D 197 0.19 8.92 -22.72
N ARG D 198 0.42 9.20 -21.44
CA ARG D 198 1.40 8.43 -20.66
C ARG D 198 1.02 6.94 -20.69
N LYS D 199 -0.26 6.64 -20.50
CA LYS D 199 -0.73 5.25 -20.53
C LYS D 199 -0.52 4.58 -21.90
N LEU D 200 -0.47 5.38 -22.96
CA LEU D 200 -0.25 4.85 -24.32
C LEU D 200 1.24 4.66 -24.68
N GLY D 201 2.16 4.90 -23.73
CA GLY D 201 3.61 4.74 -23.93
C GLY D 201 4.45 6.00 -24.15
N VAL D 202 3.80 7.15 -24.15
CA VAL D 202 4.46 8.44 -24.37
C VAL D 202 5.15 8.91 -23.09
N ASP D 203 6.32 9.53 -23.20
CA ASP D 203 6.98 10.12 -22.02
C ASP D 203 6.24 11.43 -21.78
N VAL D 204 5.68 11.60 -20.59
CA VAL D 204 4.90 12.80 -20.28
C VAL D 204 5.42 13.63 -19.10
N SER D 205 5.50 14.93 -19.33
CA SER D 205 5.92 15.90 -18.33
C SER D 205 4.83 16.96 -18.24
N VAL D 206 4.45 17.29 -17.01
CA VAL D 206 3.40 18.26 -16.74
C VAL D 206 3.98 19.44 -15.97
N VAL D 207 3.85 20.64 -16.53
CA VAL D 207 4.34 21.86 -15.91
C VAL D 207 3.12 22.61 -15.40
N GLU D 208 3.16 23.00 -14.14
CA GLU D 208 2.06 23.71 -13.48
C GLU D 208 2.61 24.82 -12.61
N ALA D 209 1.93 25.96 -12.61
CA ALA D 209 2.36 27.13 -11.83
C ALA D 209 2.19 26.94 -10.33
N ALA D 210 1.04 26.43 -9.92
CA ALA D 210 0.77 26.20 -8.49
C ALA D 210 1.70 25.12 -7.91
N GLU D 211 1.82 25.09 -6.58
CA GLU D 211 2.70 24.11 -5.91
C GLU D 211 2.17 22.67 -5.90
N ARG D 212 0.89 22.48 -6.20
CA ARG D 212 0.32 21.12 -6.25
C ARG D 212 -0.57 20.94 -7.47
N VAL D 213 -0.73 19.69 -7.88
CA VAL D 213 -1.53 19.34 -9.04
C VAL D 213 -3.01 19.59 -8.73
N LEU D 214 -3.84 19.81 -9.74
CA LEU D 214 -5.28 20.09 -9.54
C LEU D 214 -5.51 21.08 -8.38
N PRO D 215 -4.94 22.29 -8.49
CA PRO D 215 -5.02 23.31 -7.42
C PRO D 215 -6.42 23.70 -6.94
N ALA D 216 -7.43 23.56 -7.81
CA ALA D 216 -8.81 23.90 -7.44
C ALA D 216 -9.36 22.99 -6.32
N TYR D 217 -8.86 21.76 -6.22
CA TYR D 217 -9.29 20.81 -5.18
C TYR D 217 -8.33 20.85 -3.97
N ASP D 218 -8.80 20.36 -2.82
CA ASP D 218 -7.99 20.35 -1.60
C ASP D 218 -6.92 19.25 -1.65
N ALA D 219 -5.83 19.48 -0.91
CA ALA D 219 -4.67 18.59 -0.87
C ALA D 219 -4.99 17.13 -0.56
N GLU D 220 -5.82 16.90 0.45
CA GLU D 220 -6.18 15.54 0.86
C GLU D 220 -6.88 14.79 -0.28
N LEU D 221 -7.74 15.49 -0.99
CA LEU D 221 -8.51 14.92 -2.08
C LEU D 221 -7.69 14.56 -3.32
N VAL D 222 -6.69 15.37 -3.66
CA VAL D 222 -5.85 15.08 -4.84
C VAL D 222 -4.65 14.16 -4.53
N ARG D 223 -4.30 13.95 -3.25
CA ARG D 223 -3.12 13.10 -2.94
C ARG D 223 -3.11 11.76 -3.73
N PRO D 224 -4.25 11.03 -3.76
CA PRO D 224 -4.25 9.76 -4.50
C PRO D 224 -3.94 9.91 -5.98
N VAL D 225 -4.30 11.07 -6.55
CA VAL D 225 -4.01 11.40 -7.93
C VAL D 225 -2.52 11.67 -8.05
N ALA D 226 -1.97 12.41 -7.07
CA ALA D 226 -0.52 12.70 -7.07
C ALA D 226 0.30 11.42 -6.95
N ASP D 227 -0.14 10.49 -6.12
CA ASP D 227 0.54 9.22 -5.94
C ASP D 227 0.49 8.40 -7.21
N SER D 228 -0.65 8.46 -7.90
CA SER D 228 -0.87 7.72 -9.12
C SER D 228 0.02 8.23 -10.26
N LEU D 229 0.13 9.56 -10.39
CA LEU D 229 0.98 10.16 -11.43
C LEU D 229 2.42 9.66 -11.30
N ALA D 230 2.91 9.60 -10.07
CA ALA D 230 4.25 9.09 -9.81
C ALA D 230 4.33 7.63 -10.26
N ARG D 231 3.36 6.84 -9.84
CA ARG D 231 3.28 5.41 -10.21
C ARG D 231 3.30 5.23 -11.74
N LEU D 232 2.44 5.99 -12.43
CA LEU D 232 2.34 5.91 -13.90
C LEU D 232 3.60 6.37 -14.66
N GLY D 233 4.41 7.21 -14.02
CA GLY D 233 5.64 7.74 -14.62
C GLY D 233 5.54 9.13 -15.21
N VAL D 234 4.49 9.87 -14.87
CA VAL D 234 4.33 11.23 -15.39
C VAL D 234 5.29 12.09 -14.59
N ARG D 235 6.12 12.87 -15.29
CA ARG D 235 7.11 13.73 -14.63
C ARG D 235 6.49 15.09 -14.30
N LEU D 236 6.46 15.42 -13.02
CA LEU D 236 5.85 16.65 -12.53
C LEU D 236 6.85 17.78 -12.31
N TRP D 237 6.45 18.98 -12.74
CA TRP D 237 7.23 20.20 -12.59
C TRP D 237 6.31 21.25 -11.99
N LEU D 238 6.07 21.13 -10.69
CA LEU D 238 5.19 22.03 -9.95
C LEU D 238 5.97 23.25 -9.45
N GLY D 239 5.28 24.38 -9.30
CA GLY D 239 5.91 25.62 -8.86
C GLY D 239 6.78 26.22 -9.97
N HIS D 240 6.51 25.79 -11.20
CA HIS D 240 7.26 26.24 -12.37
C HIS D 240 6.32 26.95 -13.35
N LYS D 241 6.83 28.01 -13.99
CA LYS D 241 6.07 28.81 -14.95
C LYS D 241 6.72 28.67 -16.31
N VAL D 242 5.92 28.36 -17.33
CA VAL D 242 6.45 28.21 -18.68
C VAL D 242 6.66 29.59 -19.26
N LEU D 243 7.84 29.82 -19.83
CA LEU D 243 8.19 31.11 -20.43
C LEU D 243 8.03 31.08 -21.95
N GLY D 244 8.23 29.91 -22.56
CA GLY D 244 8.11 29.74 -24.01
C GLY D 244 8.94 28.61 -24.55
N LEU D 245 9.07 28.56 -25.87
CA LEU D 245 9.86 27.54 -26.53
C LEU D 245 11.21 28.11 -26.89
N ASP D 246 12.17 27.22 -27.09
CA ASP D 246 13.50 27.62 -27.54
C ASP D 246 13.48 27.28 -29.04
N LYS D 247 14.58 27.56 -29.74
CA LYS D 247 14.64 27.28 -31.18
C LYS D 247 14.64 25.78 -31.51
N HIS D 248 15.19 24.96 -30.60
CA HIS D 248 15.30 23.51 -30.84
C HIS D 248 13.98 22.73 -30.60
N GLY D 249 12.90 23.43 -30.23
CA GLY D 249 11.59 22.78 -30.00
C GLY D 249 11.20 22.55 -28.55
N ALA D 250 12.20 22.44 -27.67
CA ALA D 250 11.98 22.21 -26.22
C ALA D 250 11.22 23.34 -25.51
N VAL D 251 10.66 23.01 -24.35
CA VAL D 251 9.90 23.97 -23.53
C VAL D 251 10.79 24.57 -22.45
N ARG D 252 10.92 25.91 -22.46
CA ARG D 252 11.73 26.61 -21.48
C ARG D 252 10.86 26.84 -20.24
N VAL D 253 11.35 26.40 -19.09
CA VAL D 253 10.63 26.50 -17.82
C VAL D 253 11.43 27.29 -16.78
N GLN D 254 10.73 28.11 -16.00
CA GLN D 254 11.36 28.92 -14.94
C GLN D 254 10.86 28.50 -13.57
N ALA D 255 11.80 28.07 -12.72
CA ALA D 255 11.47 27.63 -11.37
C ALA D 255 11.22 28.80 -10.41
N ALA D 256 10.73 28.46 -9.22
CA ALA D 256 10.45 29.45 -8.17
C ALA D 256 11.75 30.08 -7.64
N ASP D 257 12.83 29.30 -7.65
CA ASP D 257 14.16 29.76 -7.19
C ASP D 257 14.69 30.86 -8.11
N GLY D 258 14.39 30.75 -9.41
CA GLY D 258 14.83 31.70 -10.42
C GLY D 258 15.37 30.96 -11.64
N ALA D 259 16.16 29.92 -11.39
CA ALA D 259 16.78 29.09 -12.44
C ALA D 259 15.77 28.53 -13.42
N GLU D 260 16.24 28.25 -14.64
CA GLU D 260 15.39 27.73 -15.70
C GLU D 260 15.98 26.56 -16.44
N GLN D 261 15.11 25.60 -16.80
CA GLN D 261 15.52 24.40 -17.53
C GLN D 261 14.60 24.16 -18.71
N THR D 262 15.06 23.31 -19.65
CA THR D 262 14.32 22.99 -20.85
C THR D 262 13.93 21.50 -20.88
N LEU D 263 12.75 21.22 -21.46
CA LEU D 263 12.23 19.86 -21.57
C LEU D 263 11.97 19.50 -23.03
N PRO D 264 12.78 18.57 -23.59
CA PRO D 264 12.57 18.16 -24.98
C PRO D 264 11.14 17.67 -25.22
N ALA D 265 10.55 18.06 -26.34
CA ALA D 265 9.18 17.67 -26.67
C ALA D 265 8.89 17.80 -28.14
N ASP D 266 8.25 16.78 -28.71
CA ASP D 266 7.85 16.82 -30.12
C ASP D 266 6.32 16.98 -30.25
N ARG D 267 5.69 17.43 -29.16
CA ARG D 267 4.24 17.69 -29.08
C ARG D 267 4.06 18.43 -27.76
N VAL D 268 3.37 19.57 -27.78
CA VAL D 268 3.14 20.33 -26.54
C VAL D 268 1.65 20.65 -26.39
N LEU D 269 1.05 20.23 -25.29
CA LEU D 269 -0.37 20.51 -24.99
C LEU D 269 -0.51 21.68 -24.06
N VAL D 270 -1.17 22.73 -24.53
CA VAL D 270 -1.42 23.92 -23.71
C VAL D 270 -2.87 23.88 -23.24
N ALA D 271 -3.02 23.63 -21.94
CA ALA D 271 -4.30 23.56 -21.26
C ALA D 271 -4.21 24.43 -20.03
N VAL D 272 -3.94 25.72 -20.26
CA VAL D 272 -3.81 26.70 -19.19
C VAL D 272 -5.13 27.35 -18.81
N GLY D 273 -6.20 26.98 -19.51
CA GLY D 273 -7.51 27.53 -19.20
C GLY D 273 -8.52 27.48 -20.32
N ARG D 274 -9.70 28.03 -20.02
CA ARG D 274 -10.83 28.13 -20.93
C ARG D 274 -11.40 29.55 -20.80
N ARG D 275 -11.72 30.19 -21.92
CA ARG D 275 -12.27 31.56 -21.89
C ARG D 275 -13.59 31.65 -22.64
N PRO D 276 -14.56 32.41 -22.09
CA PRO D 276 -15.88 32.57 -22.71
C PRO D 276 -15.90 33.29 -24.06
N ARG D 277 -16.50 32.67 -25.08
CA ARG D 277 -16.58 33.30 -26.40
C ARG D 277 -17.57 34.48 -26.34
N VAL D 278 -17.03 35.69 -26.24
CA VAL D 278 -17.82 36.91 -26.17
C VAL D 278 -17.41 37.99 -27.20
N ASP D 279 -16.41 37.70 -28.04
CA ASP D 279 -15.91 38.67 -29.03
C ASP D 279 -16.15 38.19 -30.46
N GLY D 280 -16.19 39.14 -31.39
CA GLY D 280 -16.33 38.85 -32.82
C GLY D 280 -17.71 38.66 -33.43
N PHE D 281 -18.78 39.07 -32.74
CA PHE D 281 -20.12 38.92 -33.30
C PHE D 281 -21.15 39.93 -32.77
N GLY D 282 -20.71 41.19 -32.74
CA GLY D 282 -21.52 42.35 -32.33
C GLY D 282 -22.15 42.28 -30.96
N LEU D 283 -21.46 41.64 -30.04
CA LEU D 283 -22.00 41.45 -28.70
C LEU D 283 -21.83 42.73 -27.87
N GLU D 284 -20.73 43.46 -28.07
CA GLU D 284 -20.50 44.71 -27.32
C GLU D 284 -21.51 45.83 -27.62
N THR D 285 -22.35 45.65 -28.64
CA THR D 285 -23.38 46.63 -28.96
C THR D 285 -24.44 46.69 -27.86
N LEU D 286 -24.66 45.55 -27.19
CA LEU D 286 -25.65 45.44 -26.11
C LEU D 286 -25.21 46.07 -24.79
N MET D 287 -23.90 46.23 -24.58
CA MET D 287 -23.34 46.85 -23.37
C MET D 287 -23.71 46.04 -22.11
N LEU D 288 -23.53 44.74 -22.17
CA LEU D 288 -23.87 43.85 -21.06
C LEU D 288 -22.87 43.92 -19.91
N ASP D 289 -23.38 43.89 -18.67
CA ASP D 289 -22.51 43.87 -17.48
C ASP D 289 -21.64 42.63 -17.58
N ARG D 290 -20.47 42.70 -16.95
CA ARG D 290 -19.51 41.61 -17.04
C ARG D 290 -19.04 41.09 -15.69
N ASN D 291 -18.61 39.83 -15.70
CA ASN D 291 -18.07 39.14 -14.55
C ASN D 291 -16.73 38.62 -15.10
N GLY D 292 -15.73 39.50 -15.10
CA GLY D 292 -14.42 39.17 -15.65
C GLY D 292 -14.61 39.06 -17.16
N ARG D 293 -14.09 37.99 -17.76
CA ARG D 293 -14.24 37.76 -19.20
C ARG D 293 -15.64 37.23 -19.58
N ALA D 294 -16.43 36.81 -18.57
CA ALA D 294 -17.77 36.27 -18.81
C ALA D 294 -18.90 37.30 -18.65
N LEU D 295 -20.07 36.95 -19.16
CA LEU D 295 -21.27 37.79 -19.07
C LEU D 295 -21.88 37.65 -17.69
N ARG D 296 -22.29 38.75 -17.08
CA ARG D 296 -22.90 38.69 -15.75
C ARG D 296 -24.37 38.27 -15.83
N ILE D 297 -24.76 37.38 -14.91
CA ILE D 297 -26.14 36.88 -14.82
C ILE D 297 -26.57 36.75 -13.37
N ASP D 298 -27.89 36.66 -13.17
CA ASP D 298 -28.47 36.48 -11.84
C ASP D 298 -28.82 34.98 -11.63
N ASP D 299 -29.55 34.65 -10.58
CA ASP D 299 -29.94 33.26 -10.33
C ASP D 299 -30.78 32.64 -11.45
N THR D 300 -31.42 33.47 -12.28
CA THR D 300 -32.27 32.99 -13.38
C THR D 300 -31.68 33.15 -14.80
N CYS D 301 -30.36 33.30 -14.90
CA CYS D 301 -29.66 33.44 -16.19
C CYS D 301 -29.98 34.70 -17.02
N ARG D 302 -30.55 35.72 -16.37
CA ARG D 302 -30.87 36.97 -17.05
C ARG D 302 -29.65 37.90 -17.04
N THR D 303 -29.35 38.51 -18.18
CA THR D 303 -28.26 39.46 -18.29
C THR D 303 -28.77 40.81 -17.76
N SER D 304 -27.98 41.86 -17.93
CA SER D 304 -28.38 43.21 -17.49
C SER D 304 -29.51 43.79 -18.36
N MET D 305 -29.52 43.42 -19.64
CA MET D 305 -30.53 43.88 -20.60
C MET D 305 -31.72 42.93 -20.59
N ARG D 306 -32.93 43.50 -20.58
CA ARG D 306 -34.19 42.75 -20.53
C ARG D 306 -34.37 41.78 -21.72
N ASN D 307 -34.86 40.58 -21.43
CA ASN D 307 -35.09 39.51 -22.42
C ASN D 307 -33.83 39.00 -23.15
N VAL D 308 -32.67 39.28 -22.57
CA VAL D 308 -31.39 38.82 -23.11
C VAL D 308 -30.85 37.89 -22.03
N TRP D 309 -30.76 36.61 -22.36
CA TRP D 309 -30.33 35.57 -21.43
C TRP D 309 -28.97 35.03 -21.82
N ALA D 310 -28.28 34.42 -20.85
CA ALA D 310 -26.95 33.85 -21.07
C ALA D 310 -26.76 32.62 -20.18
N ILE D 311 -26.31 31.52 -20.80
CA ILE D 311 -26.09 30.25 -20.12
C ILE D 311 -24.77 29.60 -20.53
N GLY D 312 -24.38 28.56 -19.80
CA GLY D 312 -23.16 27.80 -20.12
C GLY D 312 -21.87 28.51 -19.82
N ASP D 313 -20.79 28.08 -20.48
CA ASP D 313 -19.42 28.63 -20.27
C ASP D 313 -19.29 30.14 -20.52
N VAL D 314 -20.15 30.70 -21.39
CA VAL D 314 -20.11 32.14 -21.70
C VAL D 314 -20.50 32.97 -20.46
N ALA D 315 -21.20 32.32 -19.53
CA ALA D 315 -21.64 32.95 -18.28
C ALA D 315 -20.70 32.63 -17.09
N GLY D 316 -19.49 32.16 -17.39
CA GLY D 316 -18.51 31.88 -16.34
C GLY D 316 -18.54 30.51 -15.72
N GLU D 317 -17.84 30.39 -14.59
CA GLU D 317 -17.70 29.13 -13.86
C GLU D 317 -18.97 28.74 -13.05
N PRO D 318 -19.19 27.44 -12.80
CA PRO D 318 -18.32 26.34 -13.25
C PRO D 318 -18.59 25.99 -14.73
N MET D 319 -17.53 25.81 -15.51
CA MET D 319 -17.69 25.49 -16.93
C MET D 319 -17.89 23.99 -17.13
N LEU D 320 -19.13 23.55 -16.94
CA LEU D 320 -19.55 22.15 -17.05
C LEU D 320 -20.80 22.04 -17.93
N ALA D 321 -20.89 20.95 -18.71
CA ALA D 321 -22.00 20.73 -19.63
C ALA D 321 -23.34 20.63 -18.92
N HIS D 322 -23.38 19.81 -17.88
CA HIS D 322 -24.60 19.60 -17.08
C HIS D 322 -25.09 20.88 -16.44
N ARG D 323 -24.18 21.78 -16.09
CA ARG D 323 -24.57 23.06 -15.54
C ARG D 323 -25.27 23.83 -16.66
N ALA D 324 -24.68 23.77 -17.85
CA ALA D 324 -25.22 24.47 -19.02
C ALA D 324 -26.58 23.92 -19.41
N MET D 325 -26.76 22.61 -19.30
CA MET D 325 -28.05 21.97 -19.61
C MET D 325 -29.12 22.39 -18.62
N ALA D 326 -28.78 22.37 -17.33
CA ALA D 326 -29.73 22.79 -16.29
C ALA D 326 -30.19 24.25 -16.48
N GLN D 327 -29.23 25.14 -16.76
CA GLN D 327 -29.52 26.55 -17.02
C GLN D 327 -30.41 26.70 -18.24
N GLY D 328 -30.11 25.93 -19.29
CA GLY D 328 -30.89 25.95 -20.52
C GLY D 328 -32.36 25.64 -20.27
N GLU D 329 -32.61 24.54 -19.57
CA GLU D 329 -33.97 24.13 -19.24
C GLU D 329 -34.68 25.20 -18.40
N MET D 330 -33.95 25.78 -17.45
CA MET D 330 -34.52 26.81 -16.58
C MET D 330 -35.03 28.01 -17.39
N VAL D 331 -34.25 28.46 -18.36
CA VAL D 331 -34.60 29.59 -19.20
C VAL D 331 -35.86 29.27 -20.04
N ALA D 332 -35.90 28.08 -20.63
CA ALA D 332 -37.05 27.64 -21.43
C ALA D 332 -38.33 27.66 -20.59
N GLU D 333 -38.22 27.15 -19.37
CA GLU D 333 -39.34 27.08 -18.45
C GLU D 333 -39.81 28.49 -18.08
N LEU D 334 -38.85 29.39 -17.79
CA LEU D 334 -39.18 30.77 -17.42
C LEU D 334 -39.84 31.52 -18.55
N ILE D 335 -39.34 31.33 -19.78
CA ILE D 335 -39.93 31.96 -20.95
C ILE D 335 -41.36 31.42 -21.12
N ALA D 336 -41.55 30.14 -20.81
CA ALA D 336 -42.89 29.52 -20.85
C ALA D 336 -43.79 30.01 -19.69
N GLY D 337 -43.23 30.79 -18.77
CA GLY D 337 -44.00 31.37 -17.65
C GLY D 337 -44.20 30.45 -16.47
N ARG D 338 -43.24 29.58 -16.21
CA ARG D 338 -43.28 28.61 -15.12
C ARG D 338 -42.42 29.24 -14.04
N ARG D 339 -43.08 29.87 -13.08
CA ARG D 339 -42.42 30.61 -12.00
C ARG D 339 -41.61 29.79 -10.97
N ARG D 340 -40.94 30.54 -10.10
CA ARG D 340 -40.12 30.06 -8.96
C ARG D 340 -39.12 28.91 -9.18
N GLN D 341 -38.64 28.74 -10.41
CA GLN D 341 -37.66 27.70 -10.70
C GLN D 341 -36.25 28.33 -10.70
N PHE D 342 -35.42 27.95 -9.72
CA PHE D 342 -34.05 28.47 -9.58
C PHE D 342 -33.01 27.37 -9.40
N MET D 343 -31.76 27.69 -9.73
CA MET D 343 -30.63 26.74 -9.64
C MET D 343 -30.21 26.41 -8.21
N PRO D 344 -29.71 25.17 -7.98
CA PRO D 344 -29.23 24.76 -6.67
C PRO D 344 -27.70 24.77 -6.59
N ALA D 345 -27.16 24.94 -5.38
CA ALA D 345 -25.69 24.93 -5.16
C ALA D 345 -25.11 23.53 -5.39
N ALA D 346 -25.99 22.54 -5.59
CA ALA D 346 -25.58 21.18 -5.85
C ALA D 346 -25.27 20.97 -7.32
N ILE D 347 -24.03 21.30 -7.70
CA ILE D 347 -23.55 21.09 -9.05
C ILE D 347 -22.44 20.05 -8.91
N PRO D 348 -22.72 18.80 -9.26
CA PRO D 348 -21.70 17.78 -9.15
C PRO D 348 -20.71 17.86 -10.27
N ALA D 349 -19.58 17.18 -10.11
CA ALA D 349 -18.54 17.18 -11.13
C ALA D 349 -17.69 15.96 -10.94
N VAL D 350 -17.14 15.47 -12.05
CA VAL D 350 -16.26 14.34 -12.06
C VAL D 350 -15.02 14.71 -12.86
N CYS D 351 -13.85 14.57 -12.24
CA CYS D 351 -12.57 14.79 -12.89
C CYS D 351 -12.12 13.37 -13.23
N PHE D 352 -12.11 13.03 -14.53
CA PHE D 352 -11.77 11.66 -14.97
C PHE D 352 -10.28 11.24 -15.03
N THR D 353 -9.53 11.65 -14.02
CA THR D 353 -8.13 11.26 -13.87
C THR D 353 -8.12 9.80 -13.38
N ASP D 354 -6.96 9.25 -13.09
CA ASP D 354 -6.87 7.89 -12.56
C ASP D 354 -5.94 7.97 -11.35
N PRO D 355 -6.47 7.93 -10.12
CA PRO D 355 -7.89 7.80 -9.80
C PRO D 355 -8.75 9.02 -10.15
N GLU D 356 -10.06 8.81 -10.15
CA GLU D 356 -11.04 9.84 -10.48
C GLU D 356 -11.42 10.65 -9.25
N ILE D 357 -11.82 11.90 -9.47
CA ILE D 357 -12.29 12.76 -8.37
C ILE D 357 -13.76 13.15 -8.62
N VAL D 358 -14.61 12.85 -7.65
CA VAL D 358 -16.04 13.17 -7.75
C VAL D 358 -16.38 14.14 -6.61
N THR D 359 -17.08 15.21 -6.97
CA THR D 359 -17.45 16.28 -6.04
C THR D 359 -18.88 16.80 -6.21
N ALA D 360 -19.44 17.31 -5.13
CA ALA D 360 -20.78 17.90 -5.13
C ALA D 360 -20.92 18.69 -3.85
N GLY D 361 -21.38 19.92 -3.96
CA GLY D 361 -21.55 20.76 -2.76
C GLY D 361 -20.25 21.27 -2.19
N TRP D 362 -20.21 21.45 -0.86
CA TRP D 362 -19.03 22.01 -0.18
C TRP D 362 -18.01 21.03 0.36
N SER D 363 -16.75 21.43 0.29
CA SER D 363 -15.65 20.68 0.87
C SER D 363 -15.59 21.20 2.30
N PRO D 364 -14.76 20.60 3.16
CA PRO D 364 -14.65 21.15 4.50
C PRO D 364 -14.20 22.62 4.49
N ASP D 365 -13.30 22.96 3.56
CA ASP D 365 -12.80 24.35 3.45
C ASP D 365 -13.88 25.35 2.96
N ASP D 366 -14.74 24.94 2.03
CA ASP D 366 -15.81 25.83 1.52
C ASP D 366 -16.81 26.13 2.63
N ALA D 367 -17.12 25.11 3.44
CA ALA D 367 -18.07 25.27 4.54
C ALA D 367 -17.54 26.27 5.56
N HIS D 368 -16.23 26.23 5.82
CA HIS D 368 -15.63 27.17 6.77
C HIS D 368 -15.70 28.61 6.21
N ALA D 369 -15.29 28.77 4.95
CA ALA D 369 -15.33 30.07 4.27
C ALA D 369 -16.76 30.64 4.24
N ALA D 370 -17.76 29.75 4.19
CA ALA D 370 -19.17 30.15 4.18
C ALA D 370 -19.69 30.46 5.62
N GLY D 371 -18.82 30.31 6.61
CA GLY D 371 -19.16 30.59 8.01
C GLY D 371 -20.09 29.58 8.65
N VAL D 372 -20.21 28.40 8.05
CA VAL D 372 -21.09 27.35 8.56
C VAL D 372 -20.24 26.30 9.25
N ASP D 373 -20.52 26.09 10.54
CA ASP D 373 -19.78 25.11 11.33
C ASP D 373 -20.23 23.75 10.79
N CYS D 374 -19.27 22.91 10.37
CA CYS D 374 -19.61 21.63 9.78
C CYS D 374 -18.77 20.42 10.21
N LEU D 375 -19.46 19.30 10.42
CA LEU D 375 -18.85 18.01 10.74
C LEU D 375 -18.40 17.39 9.43
N SER D 376 -17.35 16.60 9.51
CA SER D 376 -16.83 15.95 8.32
C SER D 376 -16.13 14.65 8.65
N ALA D 377 -16.17 13.70 7.71
CA ALA D 377 -15.52 12.42 7.92
C ALA D 377 -15.22 11.71 6.61
N SER D 378 -14.14 10.94 6.64
CA SER D 378 -13.69 10.16 5.49
C SER D 378 -13.58 8.68 5.82
N PHE D 379 -13.89 7.85 4.83
CA PHE D 379 -13.76 6.41 4.97
C PHE D 379 -12.89 5.98 3.80
N PRO D 380 -11.74 5.34 4.11
CA PRO D 380 -10.81 4.94 3.06
C PRO D 380 -11.21 3.67 2.32
N PHE D 381 -10.90 3.62 1.02
CA PHE D 381 -11.16 2.41 0.23
C PHE D 381 -10.18 1.28 0.59
N ALA D 382 -9.17 1.60 1.39
CA ALA D 382 -8.20 0.59 1.83
C ALA D 382 -8.89 -0.51 2.63
N ALA D 383 -10.00 -0.13 3.29
CA ALA D 383 -10.81 -1.04 4.10
C ALA D 383 -12.13 -1.47 3.42
N ASN D 384 -12.26 -1.19 2.12
CA ASN D 384 -13.48 -1.53 1.39
C ASN D 384 -13.22 -2.76 0.55
N GLY D 385 -14.01 -3.81 0.80
CA GLY D 385 -13.88 -5.10 0.11
C GLY D 385 -13.96 -5.02 -1.40
N ARG D 386 -14.94 -4.27 -1.89
CA ARG D 386 -15.13 -4.11 -3.33
C ARG D 386 -13.89 -3.47 -3.96
N ALA D 387 -13.38 -2.45 -3.30
CA ALA D 387 -12.18 -1.78 -3.81
C ALA D 387 -11.01 -2.77 -3.90
N MET D 388 -10.89 -3.67 -2.92
CA MET D 388 -9.80 -4.66 -2.95
C MET D 388 -9.94 -5.67 -4.08
N THR D 389 -11.19 -6.03 -4.40
CA THR D 389 -11.45 -6.97 -5.47
C THR D 389 -11.12 -6.34 -6.83
N LEU D 390 -11.14 -5.01 -6.88
CA LEU D 390 -10.84 -4.26 -8.11
C LEU D 390 -9.40 -3.68 -8.17
N GLN D 391 -8.52 -4.04 -7.21
CA GLN D 391 -7.15 -3.47 -7.17
C GLN D 391 -7.23 -1.94 -7.25
N ALA D 392 -8.08 -1.36 -6.41
CA ALA D 392 -8.32 0.09 -6.35
C ALA D 392 -8.53 0.49 -4.90
N THR D 393 -7.52 0.19 -4.09
CA THR D 393 -7.59 0.45 -2.65
C THR D 393 -7.27 1.87 -2.23
N ASP D 394 -6.69 2.66 -3.13
CA ASP D 394 -6.30 4.02 -2.77
C ASP D 394 -7.52 4.95 -2.86
N GLY D 395 -7.51 6.00 -2.07
CA GLY D 395 -8.61 6.94 -2.08
C GLY D 395 -9.60 6.81 -0.94
N PHE D 396 -10.71 7.54 -1.05
CA PHE D 396 -11.73 7.58 0.00
C PHE D 396 -13.00 8.32 -0.40
N VAL D 397 -13.98 8.25 0.49
CA VAL D 397 -15.23 8.94 0.36
C VAL D 397 -15.33 9.82 1.61
N ARG D 398 -15.59 11.10 1.40
CA ARG D 398 -15.72 12.06 2.47
C ARG D 398 -17.11 12.72 2.40
N VAL D 399 -17.67 13.02 3.58
CA VAL D 399 -18.97 13.68 3.69
C VAL D 399 -18.82 14.90 4.61
N VAL D 400 -19.55 15.96 4.27
CA VAL D 400 -19.54 17.21 5.03
C VAL D 400 -20.97 17.52 5.38
N ALA D 401 -21.21 17.89 6.63
CA ALA D 401 -22.58 18.15 7.07
C ALA D 401 -22.61 19.25 8.13
N ARG D 402 -23.75 19.95 8.22
CA ARG D 402 -23.90 21.01 9.21
C ARG D 402 -23.93 20.39 10.59
N ARG D 403 -23.15 20.92 11.50
CA ARG D 403 -23.14 20.42 12.87
C ARG D 403 -24.52 20.64 13.56
N ASP D 404 -25.18 21.77 13.27
CA ASP D 404 -26.47 22.12 13.93
C ASP D 404 -27.67 21.21 13.63
N ASN D 405 -27.77 20.66 12.42
CA ASN D 405 -28.90 19.79 12.09
C ASN D 405 -28.51 18.56 11.27
N HIS D 406 -27.21 18.34 11.07
CA HIS D 406 -26.67 17.22 10.28
C HIS D 406 -27.12 17.15 8.82
N LEU D 407 -27.51 18.30 8.25
CA LEU D 407 -27.89 18.35 6.85
C LEU D 407 -26.61 18.23 6.07
N ILE D 408 -26.56 17.28 5.12
CA ILE D 408 -25.37 17.09 4.28
C ILE D 408 -25.27 18.26 3.30
N VAL D 409 -24.10 18.89 3.27
CA VAL D 409 -23.83 20.04 2.40
C VAL D 409 -22.72 19.76 1.39
N GLY D 410 -22.12 18.57 1.45
CA GLY D 410 -21.09 18.23 0.53
C GLY D 410 -20.60 16.79 0.55
N TRP D 411 -20.22 16.33 -0.64
CA TRP D 411 -19.66 15.01 -0.84
C TRP D 411 -18.42 15.14 -1.73
N GLN D 412 -17.39 14.37 -1.40
CA GLN D 412 -16.17 14.30 -2.23
C GLN D 412 -15.70 12.87 -2.25
N ALA D 413 -15.09 12.46 -3.35
CA ALA D 413 -14.59 11.09 -3.46
C ALA D 413 -13.45 11.00 -4.45
N VAL D 414 -12.50 10.12 -4.13
CA VAL D 414 -11.34 9.89 -4.97
C VAL D 414 -10.98 8.39 -4.92
N GLY D 415 -10.88 7.77 -6.08
CA GLY D 415 -10.54 6.35 -6.20
C GLY D 415 -10.82 5.89 -7.62
N ARG D 416 -10.41 4.68 -7.99
CA ARG D 416 -10.69 4.19 -9.35
C ARG D 416 -12.17 3.79 -9.42
N GLY D 417 -12.82 4.17 -10.50
CA GLY D 417 -14.22 3.82 -10.76
C GLY D 417 -15.25 4.35 -9.79
N VAL D 418 -15.08 5.59 -9.33
CA VAL D 418 -16.04 6.23 -8.41
C VAL D 418 -17.00 7.21 -9.12
N SER D 419 -16.82 7.42 -10.42
CA SER D 419 -17.64 8.38 -11.17
C SER D 419 -19.17 8.21 -11.00
N GLU D 420 -19.64 6.97 -11.04
CA GLU D 420 -21.06 6.74 -10.93
C GLU D 420 -21.64 7.04 -9.54
N LEU D 421 -20.77 7.29 -8.57
CA LEU D 421 -21.23 7.70 -7.23
C LEU D 421 -21.80 9.14 -7.31
N ALA D 422 -21.51 9.84 -8.41
CA ALA D 422 -22.02 11.21 -8.64
C ALA D 422 -23.54 11.33 -8.54
N ALA D 423 -24.25 10.31 -9.04
CA ALA D 423 -25.72 10.32 -8.96
C ALA D 423 -26.18 10.29 -7.51
N ALA D 424 -25.53 9.47 -6.69
CA ALA D 424 -25.89 9.38 -5.28
C ALA D 424 -25.66 10.72 -4.62
N PHE D 425 -24.52 11.34 -4.94
CA PHE D 425 -24.16 12.63 -4.34
C PHE D 425 -25.13 13.76 -4.67
N SER D 426 -25.36 14.02 -5.94
CA SER D 426 -26.26 15.12 -6.31
C SER D 426 -27.71 14.86 -5.91
N GLN D 427 -28.17 13.61 -6.02
CA GLN D 427 -29.55 13.28 -5.60
C GLN D 427 -29.74 13.50 -4.09
N SER D 428 -28.79 13.08 -3.26
CA SER D 428 -28.90 13.27 -1.80
C SER D 428 -28.99 14.74 -1.41
N LEU D 429 -28.25 15.61 -2.10
CA LEU D 429 -28.29 17.06 -1.81
C LEU D 429 -29.63 17.67 -2.26
N GLU D 430 -30.14 17.23 -3.39
CA GLU D 430 -31.46 17.70 -3.87
C GLU D 430 -32.57 17.29 -2.88
N MET D 431 -32.49 16.07 -2.35
N MET D 431 -32.48 16.07 -2.35
CA MET D 431 -33.50 15.56 -1.39
CA MET D 431 -33.49 15.55 -1.41
C MET D 431 -33.36 16.04 0.05
C MET D 431 -33.35 16.03 0.05
N GLY D 432 -32.29 16.78 0.36
CA GLY D 432 -32.07 17.28 1.73
C GLY D 432 -31.62 16.18 2.70
N ALA D 433 -30.89 15.19 2.19
CA ALA D 433 -30.41 14.10 3.05
C ALA D 433 -29.54 14.60 4.21
N ARG D 434 -29.69 13.90 5.34
CA ARG D 434 -28.95 14.11 6.56
C ARG D 434 -27.99 12.91 6.78
N LEU D 435 -27.11 13.01 7.76
CA LEU D 435 -26.18 11.90 8.05
C LEU D 435 -26.97 10.67 8.47
N GLU D 436 -28.07 10.89 9.19
CA GLU D 436 -28.94 9.80 9.64
C GLU D 436 -29.58 9.05 8.47
N ASP D 437 -29.95 9.76 7.42
CA ASP D 437 -30.54 9.13 6.22
C ASP D 437 -29.59 8.19 5.51
N ILE D 438 -28.34 8.62 5.38
CA ILE D 438 -27.33 7.81 4.68
C ILE D 438 -26.89 6.65 5.54
N GLY D 439 -26.64 6.93 6.82
CA GLY D 439 -26.22 5.91 7.76
C GLY D 439 -27.23 4.81 7.96
N GLY D 440 -28.51 5.16 7.78
CA GLY D 440 -29.63 4.21 7.92
C GLY D 440 -30.09 3.50 6.65
N THR D 441 -29.44 3.78 5.53
CA THR D 441 -29.78 3.14 4.26
C THR D 441 -28.93 1.88 4.09
N ILE D 442 -29.57 0.78 3.71
CA ILE D 442 -28.84 -0.44 3.45
C ILE D 442 -28.22 -0.24 2.07
N HIS D 443 -26.93 -0.53 1.97
CA HIS D 443 -26.20 -0.45 0.73
C HIS D 443 -25.79 -1.87 0.32
N ALA D 444 -25.96 -2.20 -0.96
CA ALA D 444 -25.60 -3.51 -1.49
C ALA D 444 -24.10 -3.78 -1.27
N HIS D 445 -23.80 -5.05 -1.01
CA HIS D 445 -22.43 -5.52 -0.76
C HIS D 445 -22.06 -6.59 -1.81
N PRO D 446 -20.85 -6.56 -2.39
CA PRO D 446 -19.82 -5.57 -2.12
C PRO D 446 -19.85 -4.43 -3.13
N THR D 447 -19.85 -3.20 -2.63
CA THR D 447 -19.79 -2.00 -3.49
C THR D 447 -18.96 -0.91 -2.84
N LEU D 448 -18.49 0.00 -3.69
CA LEU D 448 -17.72 1.14 -3.26
C LEU D 448 -18.70 2.08 -2.52
N GLY D 449 -19.96 2.05 -2.97
CA GLY D 449 -21.03 2.85 -2.39
C GLY D 449 -21.17 2.66 -0.89
N GLU D 450 -20.81 1.47 -0.40
CA GLU D 450 -20.85 1.18 1.04
C GLU D 450 -20.03 2.20 1.85
N ALA D 451 -19.00 2.79 1.23
CA ALA D 451 -18.15 3.79 1.85
C ALA D 451 -18.93 5.05 2.25
N LEU D 452 -20.02 5.33 1.53
CA LEU D 452 -20.88 6.49 1.85
C LEU D 452 -21.57 6.28 3.18
N GLN D 453 -22.09 5.06 3.38
CA GLN D 453 -22.77 4.74 4.63
C GLN D 453 -21.76 4.88 5.77
N GLU D 454 -20.61 4.23 5.60
CA GLU D 454 -19.56 4.24 6.62
C GLU D 454 -19.08 5.64 6.99
N ALA D 455 -18.89 6.49 5.98
CA ALA D 455 -18.44 7.86 6.23
C ALA D 455 -19.50 8.63 7.00
N ALA D 456 -20.76 8.48 6.58
CA ALA D 456 -21.87 9.17 7.27
C ALA D 456 -21.96 8.70 8.71
N LEU D 457 -21.78 7.40 8.94
CA LEU D 457 -21.83 6.87 10.31
C LEU D 457 -20.61 7.30 11.13
N ARG D 458 -19.47 7.51 10.47
CA ARG D 458 -18.27 7.94 11.17
C ARG D 458 -18.42 9.41 11.64
N ALA D 459 -19.00 10.25 10.78
CA ALA D 459 -19.22 11.67 11.11
C ALA D 459 -20.24 11.81 12.24
N LEU D 460 -21.21 10.92 12.23
CA LEU D 460 -22.27 10.87 13.21
C LEU D 460 -21.68 10.33 14.52
N GLY D 461 -20.67 9.48 14.40
CA GLY D 461 -19.98 8.90 15.55
C GLY D 461 -19.08 9.88 16.30
N HIS D 462 -18.58 10.91 15.59
CA HIS D 462 -17.71 11.92 16.21
C HIS D 462 -18.52 12.88 17.10
N ALA D 463 -19.63 13.39 16.57
CA ALA D 463 -20.50 14.30 17.33
C ALA D 463 -21.27 13.52 18.38
CL CL E . 29.93 -13.12 29.11
PA FAD F . 16.65 22.56 5.41
O1A FAD F . 16.35 21.09 5.31
O2A FAD F . 17.61 23.16 4.41
O5B FAD F . 15.25 23.34 5.29
C5B FAD F . 15.20 24.76 5.30
C4B FAD F . 13.93 25.23 4.63
O4B FAD F . 13.69 26.60 4.92
C3B FAD F . 13.97 25.10 3.11
O3B FAD F . 12.84 24.34 2.69
C2B FAD F . 13.89 26.54 2.58
O2B FAD F . 13.14 26.67 1.37
C1B FAD F . 13.22 27.25 3.74
N9A FAD F . 13.50 28.71 3.85
C8A FAD F . 14.71 29.30 3.95
N7A FAD F . 14.57 30.65 4.06
C5A FAD F . 13.26 30.91 4.05
C6A FAD F . 12.42 32.14 4.13
N6A FAD F . 13.00 33.36 4.26
N1A FAD F . 11.07 31.98 4.09
C2A FAD F . 10.48 30.77 3.97
N3A FAD F . 11.20 29.61 3.89
C4A FAD F . 12.56 29.64 3.92
N1 FAD F . 21.46 14.51 6.62
C2 FAD F . 21.28 13.32 7.24
O2 FAD F . 20.96 13.34 8.44
N3 FAD F . 21.44 12.13 6.58
C4 FAD F . 21.80 12.09 5.29
O4 FAD F . 21.95 11.01 4.70
C4X FAD F . 22.01 13.35 4.55
N5 FAD F . 22.36 13.39 3.25
C5X FAD F . 22.55 14.56 2.60
C6 FAD F . 22.90 14.56 1.25
C7 FAD F . 23.10 15.75 0.56
C7M FAD F . 23.48 15.74 -0.90
C8 FAD F . 22.91 17.04 1.28
C8M FAD F . 23.10 18.36 0.58
C9 FAD F . 22.55 17.05 2.62
C9A FAD F . 22.36 15.85 3.31
N10 FAD F . 21.98 15.84 4.69
C10 FAD F . 21.81 14.59 5.33
C1' FAD F . 21.80 17.03 5.50
C2' FAD F . 20.34 17.40 5.69
O2' FAD F . 19.68 17.56 4.44
C3' FAD F . 20.30 18.69 6.48
O3' FAD F . 21.08 18.56 7.67
C4' FAD F . 18.88 19.03 6.84
O4' FAD F . 18.10 19.15 5.65
C5' FAD F . 18.84 20.33 7.64
O5' FAD F . 17.49 20.62 7.92
P FAD F . 17.05 22.11 8.26
O1P FAD F . 15.60 22.05 8.67
O2P FAD F . 18.09 22.69 9.21
O3P FAD F . 17.18 22.95 6.89
PA FAD G . 32.82 18.77 4.29
O1A FAD G . 32.28 17.50 4.90
O2A FAD G . 31.90 19.92 4.01
O5B FAD G . 33.56 18.34 2.92
C5B FAD G . 34.11 19.30 2.03
C4B FAD G . 35.47 18.85 1.52
O4B FAD G . 35.88 19.62 0.38
C3B FAD G . 36.56 19.02 2.58
O3B FAD G . 37.17 17.75 2.86
C2B FAD G . 37.53 20.02 1.99
O2B FAD G . 38.90 19.73 2.32
C1B FAD G . 37.28 19.94 0.49
N9A FAD G . 37.63 21.18 -0.28
C8A FAD G . 37.32 22.46 0.00
N7A FAD G . 37.82 23.31 -0.93
C5A FAD G . 38.48 22.57 -1.84
C6A FAD G . 39.25 22.81 -3.09
N6A FAD G . 39.43 24.06 -3.59
N1A FAD G . 39.77 21.74 -3.74
C2A FAD G . 39.61 20.48 -3.29
N3A FAD G . 38.92 20.20 -2.16
C4A FAD G . 38.35 21.17 -1.41
N1 FAD G . 36.09 29.59 3.38
C2 FAD G . 35.98 30.94 3.25
O2 FAD G . 35.00 31.52 3.79
N3 FAD G . 36.88 31.68 2.58
C4 FAD G . 37.96 31.12 1.98
O4 FAD G . 38.77 31.83 1.36
C4X FAD G . 38.13 29.65 2.08
N5 FAD G . 39.20 29.02 1.50
C5X FAD G . 39.34 27.68 1.60
C6 FAD G . 40.45 27.09 0.98
C7 FAD G . 40.66 25.71 1.05
C7M FAD G . 41.86 25.09 0.38
C8 FAD G . 39.68 24.86 1.79
C8M FAD G . 39.89 23.36 1.88
C9 FAD G . 38.57 25.44 2.41
C9A FAD G . 38.35 26.83 2.35
N10 FAD G . 37.22 27.48 2.96
C10 FAD G . 37.11 28.88 2.84
C1' FAD G . 36.20 26.74 3.73
C2' FAD G . 35.17 26.07 2.81
O2' FAD G . 34.36 27.07 2.19
C3' FAD G . 34.23 25.11 3.56
O3' FAD G . 33.50 25.86 4.55
C4' FAD G . 34.94 23.94 4.24
O4' FAD G . 35.79 23.26 3.31
C5' FAD G . 33.94 22.95 4.85
O5' FAD G . 34.63 21.74 5.18
P FAD G . 34.01 20.61 6.14
O1P FAD G . 35.02 20.41 7.25
O2P FAD G . 32.57 20.96 6.47
O3P FAD G . 34.05 19.29 5.22
PA NAD H . 52.28 11.66 -5.78
O1A NAD H . 51.50 11.32 -4.53
O2A NAD H . 53.75 11.98 -5.67
O5B NAD H . 51.56 12.94 -6.46
C5B NAD H . 50.73 12.87 -7.62
C4B NAD H . 51.43 13.53 -8.80
O4B NAD H . 51.24 12.75 -9.99
C3B NAD H . 50.93 14.95 -9.10
O3B NAD H . 52.03 15.84 -9.29
C2B NAD H . 50.08 14.81 -10.35
O2B NAD H . 50.30 15.89 -11.28
C1B NAD H . 50.47 13.47 -10.97
N9A NAD H . 49.29 12.65 -11.39
C8A NAD H . 49.08 12.21 -12.66
N7A NAD H . 47.93 11.48 -12.72
C5A NAD H . 47.40 11.42 -11.48
C6A NAD H . 46.20 10.81 -10.86
N6A NAD H . 45.32 10.09 -11.59
N1A NAD H . 46.01 11.00 -9.53
C2A NAD H . 46.88 11.72 -8.77
N3A NAD H . 47.99 12.30 -9.28
C4A NAD H . 48.31 12.19 -10.61
O3 NAD H . 52.12 10.45 -6.84
PN NAD H . 52.38 8.90 -6.49
O1N NAD H . 53.24 8.32 -7.57
O2N NAD H . 52.80 8.77 -5.04
O5D NAD H . 50.91 8.24 -6.63
C5D NAD H . 49.79 8.68 -5.86
C4D NAD H . 48.47 8.28 -6.52
O4D NAD H . 48.26 9.08 -7.69
C3D NAD H . 48.42 6.82 -6.93
O3D NAD H . 47.35 6.15 -6.25
C2D NAD H . 48.22 6.81 -8.43
O2D NAD H . 47.10 6.01 -8.83
C1D NAD H . 48.03 8.26 -8.86
N1N NAD H . 48.93 8.61 -9.97
C2N NAD H . 48.55 8.28 -11.23
C3N NAD H . 49.37 8.59 -12.33
C7N NAD H . 48.93 8.21 -13.71
O7N NAD H . 48.41 7.13 -13.90
N7N NAD H . 49.14 9.07 -14.72
C4N NAD H . 50.58 9.24 -12.12
C5N NAD H . 50.95 9.56 -10.83
C6N NAD H . 50.10 9.24 -9.76
N1 FMN I . 38.70 29.37 -1.93
C2 FMN I . 38.98 28.03 -1.99
O2 FMN I . 40.06 27.67 -2.49
N3 FMN I . 38.12 27.10 -1.52
C4 FMN I . 36.94 27.42 -0.98
O4 FMN I . 36.17 26.51 -0.56
C4A FMN I . 36.57 28.85 -0.89
N5 FMN I . 35.39 29.25 -0.34
C5A FMN I . 35.06 30.55 -0.25
C6 FMN I . 33.82 30.88 0.31
C7 FMN I . 33.42 32.20 0.43
C7M FMN I . 32.09 32.55 1.05
C8 FMN I . 34.32 33.29 -0.06
C8M FMN I . 33.89 34.74 0.06
C9 FMN I . 35.55 32.98 -0.64
C9A FMN I . 35.98 31.63 -0.77
N10 FMN I . 37.24 31.26 -1.36
C10 FMN I . 37.54 29.85 -1.41
C1' FMN I . 38.21 32.28 -1.86
C2' FMN I . 38.93 31.96 -3.18
O2' FMN I . 40.26 31.48 -2.90
C3' FMN I . 39.01 33.16 -4.14
O3' FMN I . 39.35 32.64 -5.43
C4' FMN I . 40.04 34.23 -3.75
O4' FMN I . 39.93 34.58 -2.36
C5' FMN I . 39.87 35.50 -4.59
O5' FMN I . 38.70 36.24 -4.21
P FMN I . 38.33 37.63 -4.97
O1P FMN I . 37.20 38.21 -4.13
O2P FMN I . 37.91 37.20 -6.36
O3P FMN I . 39.59 38.45 -4.93
PA FAD J . 23.98 -29.11 17.27
O1A FAD J . 24.41 -27.89 16.51
O2A FAD J . 23.07 -30.10 16.60
O5B FAD J . 25.35 -29.88 17.69
C5B FAD J . 25.32 -31.23 18.13
C4B FAD J . 26.60 -31.91 17.69
O4B FAD J . 26.85 -33.01 18.56
C3B FAD J . 26.52 -32.49 16.28
O3B FAD J . 27.61 -31.96 15.51
C2B FAD J . 26.68 -33.98 16.44
O2B FAD J . 27.52 -34.54 15.44
C1B FAD J . 27.28 -34.14 17.82
N9A FAD J . 26.86 -35.36 18.55
C8A FAD J . 25.60 -35.70 18.89
N7A FAD J . 25.60 -36.87 19.59
C5A FAD J . 26.87 -37.27 19.71
C6A FAD J . 27.60 -38.41 20.32
N6A FAD J . 26.92 -39.38 20.97
N1A FAD J . 28.94 -38.44 20.22
C2A FAD J . 29.63 -37.48 19.58
N3A FAD J . 29.05 -36.42 19.00
C4A FAD J . 27.70 -36.27 19.03
N1 FAD J . 19.36 -21.26 14.72
C2 FAD J . 19.54 -19.91 14.78
O2 FAD J . 19.78 -19.38 15.88
N3 FAD J . 19.48 -19.12 13.70
C4 FAD J . 19.24 -19.61 12.47
O4 FAD J . 19.20 -18.84 11.50
C4X FAD J . 19.03 -21.07 12.30
N5 FAD J . 18.79 -21.65 11.11
C5X FAD J . 18.62 -22.98 10.98
C6 FAD J . 18.36 -23.51 9.71
C7 FAD J . 18.17 -24.88 9.53
C7M FAD J . 17.90 -25.43 8.16
C8 FAD J . 18.23 -25.78 10.72
C8M FAD J . 18.04 -27.28 10.59
C9 FAD J . 18.48 -25.26 11.98
C9A FAD J . 18.68 -23.88 12.17
N10 FAD J . 18.93 -23.29 13.45
C10 FAD J . 19.11 -21.89 13.54
C1' FAD J . 19.00 -24.08 14.69
C2' FAD J . 20.44 -24.27 15.14
O2' FAD J . 21.15 -24.94 14.10
C3' FAD J . 20.46 -25.10 16.42
O3' FAD J . 19.67 -24.43 17.43
C4' FAD J . 21.88 -25.30 16.91
O4' FAD J . 22.61 -26.10 15.96
C5' FAD J . 21.88 -26.00 18.25
O5' FAD J . 23.24 -26.24 18.60
P FAD J . 23.60 -27.45 19.58
O1P FAD J . 25.06 -27.33 19.88
O2P FAD J . 22.61 -27.49 20.70
O3P FAD J . 23.30 -28.74 18.67
PB ADP K . 8.04 -26.19 13.43
O1B ADP K . 8.92 -26.90 12.44
O2B ADP K . 8.22 -26.65 14.85
O3B ADP K . 8.01 -24.69 13.27
PA ADP K . 5.81 -26.36 11.62
O1A ADP K . 6.86 -26.15 10.55
O2A ADP K . 4.75 -25.31 11.84
O3A ADP K . 6.54 -26.67 13.04
O5' ADP K . 5.06 -27.74 11.28
C5' ADP K . 3.84 -28.15 11.90
C4' ADP K . 3.40 -29.47 11.30
O4' ADP K . 4.30 -30.52 11.69
C3' ADP K . 2.03 -29.93 11.76
O3' ADP K . 1.33 -30.44 10.63
C2' ADP K . 2.30 -31.05 12.75
O2' ADP K . 1.23 -32.00 12.82
C1' ADP K . 3.57 -31.65 12.19
N9 ADP K . 4.36 -32.40 13.20
C8 ADP K . 5.08 -31.87 14.20
N7 ADP K . 5.68 -32.87 14.93
C5 ADP K . 5.34 -34.04 14.37
C6 ADP K . 5.62 -35.47 14.64
N6 ADP K . 6.42 -35.84 15.67
N1 ADP K . 5.07 -36.40 13.82
C2 ADP K . 4.27 -36.05 12.78
N3 ADP K . 3.98 -34.76 12.49
C4 ADP K . 4.47 -33.73 13.23
CL CL L . -41.31 6.94 -24.06
PA FAD M . -22.11 -16.76 7.13
O1A FAD M . -21.37 -15.71 6.34
O2A FAD M . -22.23 -18.12 6.53
O5B FAD M . -21.41 -16.89 8.57
C5B FAD M . -21.66 -18.01 9.43
C4B FAD M . -20.43 -18.31 10.28
O4B FAD M . -20.81 -19.04 11.44
C3B FAD M . -19.40 -19.19 9.56
O3B FAD M . -18.13 -18.54 9.61
C2B FAD M . -19.34 -20.49 10.32
O2B FAD M . -18.02 -21.01 10.41
C1B FAD M . -19.87 -20.09 11.69
N9A FAD M . -20.56 -21.14 12.47
C8A FAD M . -21.58 -21.91 12.06
N7A FAD M . -21.97 -22.74 13.06
C5A FAD M . -21.20 -22.50 14.13
C6A FAD M . -21.09 -23.03 15.50
N6A FAD M . -21.90 -24.01 15.94
N1A FAD M . -20.13 -22.50 16.32
C2A FAD M . -19.31 -21.51 15.89
N3A FAD M . -19.36 -21.00 14.65
C4A FAD M . -20.27 -21.44 13.74
N1 FAD M . -24.11 -11.77 -0.84
C2 FAD M . -24.06 -10.49 -1.28
O2 FAD M . -24.70 -9.60 -0.66
N3 FAD M . -23.37 -10.12 -2.37
C4 FAD M . -22.66 -11.01 -3.09
O4 FAD M . -22.02 -10.65 -4.09
C4X FAD M . -22.65 -12.44 -2.67
N5 FAD M . -21.96 -13.38 -3.34
C5X FAD M . -21.96 -14.68 -2.94
C6 FAD M . -21.23 -15.60 -3.68
C7 FAD M . -21.20 -16.95 -3.31
C7M FAD M . -20.40 -17.92 -4.13
C8 FAD M . -21.96 -17.39 -2.11
C8M FAD M . -21.95 -18.83 -1.66
C9 FAD M . -22.69 -16.47 -1.37
C9A FAD M . -22.73 -15.11 -1.73
N10 FAD M . -23.46 -14.13 -1.00
C10 FAD M . -23.44 -12.78 -1.47
C1' FAD M . -24.27 -14.44 0.20
C2' FAD M . -23.52 -14.08 1.48
O2' FAD M . -22.23 -14.73 1.48
C3' FAD M . -24.32 -14.52 2.69
O3' FAD M . -25.66 -14.00 2.60
C4' FAD M . -23.67 -14.02 3.98
O4' FAD M . -22.37 -14.59 4.10
C5' FAD M . -24.51 -14.41 5.19
O5' FAD M . -23.82 -14.02 6.38
P FAD M . -24.14 -14.77 7.76
O1P FAD M . -23.32 -14.11 8.84
O2P FAD M . -25.63 -14.87 7.93
O3P FAD M . -23.62 -16.28 7.49
PB ADP N . -33.76 -20.25 -5.20
O1B ADP N . -34.88 -20.77 -6.09
O2B ADP N . -34.15 -19.06 -4.35
O3B ADP N . -33.03 -21.35 -4.46
PA ADP N . -31.16 -20.06 -6.42
O1A ADP N . -30.49 -19.03 -7.29
O2A ADP N . -30.58 -20.35 -5.07
O3A ADP N . -32.71 -19.61 -6.25
O5' ADP N . -31.30 -21.45 -7.24
C5' ADP N . -30.46 -21.78 -8.34
C4' ADP N . -31.22 -22.41 -9.51
O4' ADP N . -31.02 -23.84 -9.54
C3' ADP N . -32.73 -22.21 -9.54
O3' ADP N . -33.09 -21.31 -10.59
C2' ADP N . -33.33 -23.59 -9.75
O2' ADP N . -34.38 -23.58 -10.72
C1' ADP N . -32.15 -24.41 -10.21
N9 ADP N . -32.24 -25.88 -9.93
C8 ADP N . -32.60 -26.48 -8.78
N7 ADP N . -32.56 -27.83 -8.91
C5 ADP N . -32.19 -28.12 -10.17
C6 ADP N . -31.96 -29.35 -10.98
N6 ADP N . -32.12 -30.58 -10.45
N1 ADP N . -31.58 -29.20 -12.28
C2 ADP N . -31.41 -27.97 -12.84
N3 ADP N . -31.61 -26.82 -12.15
C4 ADP N . -31.98 -26.83 -10.85
C1 MLT O . -18.21 2.32 -14.92
O1 MLT O . -17.67 1.52 -15.72
O2 MLT O . -19.38 2.74 -15.10
C2 MLT O . -17.47 2.81 -13.69
O3 MLT O . -17.74 4.20 -13.51
C3 MLT O . -15.95 2.54 -13.72
C4 MLT O . -15.09 3.66 -14.30
O4 MLT O . -14.05 3.32 -14.91
O5 MLT O . -15.40 4.87 -14.14
PA FAD P . -20.17 25.01 -26.12
O1A FAD P . -20.32 23.55 -25.82
O2A FAD P . -18.78 25.52 -26.44
O5B FAD P . -21.14 25.41 -27.33
C5B FAD P . -21.09 26.70 -27.94
C4B FAD P . -21.45 26.55 -29.42
O4B FAD P . -21.88 27.81 -29.95
C3B FAD P . -20.27 26.10 -30.27
O3B FAD P . -20.63 24.90 -30.95
C2B FAD P . -20.00 27.23 -31.24
O2B FAD P . -19.68 26.73 -32.56
C1B FAD P . -21.29 28.02 -31.25
N9A FAD P . -21.15 29.48 -31.46
C8A FAD P . -20.41 30.36 -30.74
N7A FAD P . -20.56 31.62 -31.22
C5A FAD P . -21.40 31.57 -32.26
C6A FAD P . -21.99 32.53 -33.21
N6A FAD P . -21.67 33.84 -33.14
N1A FAD P . -22.85 32.06 -34.15
C2A FAD P . -23.16 30.75 -34.24
N3A FAD P . -22.66 29.82 -33.39
C4A FAD P . -21.80 30.15 -32.41
N1 FAD P . -17.75 19.21 -19.02
C2 FAD P . -18.34 18.26 -18.27
O2 FAD P . -19.40 18.56 -17.68
N3 FAD P . -17.81 17.02 -18.14
C4 FAD P . -16.67 16.66 -18.76
O4 FAD P . -16.19 15.51 -18.63
C4X FAD P . -15.97 17.65 -19.60
N5 FAD P . -14.82 17.37 -20.25
C5X FAD P . -14.21 18.31 -21.01
C6 FAD P . -13.02 17.97 -21.67
C7 FAD P . -12.37 18.92 -22.46
C7M FAD P . -11.09 18.54 -23.17
C8 FAD P . -12.96 20.28 -22.62
C8M FAD P . -12.32 21.36 -23.44
C9 FAD P . -14.13 20.61 -21.95
C9A FAD P . -14.80 19.67 -21.16
N10 FAD P . -16.00 19.98 -20.47
C10 FAD P . -16.60 18.98 -19.70
C1' FAD P . -16.66 21.28 -20.52
C2' FAD P . -17.82 21.28 -21.50
O2' FAD P . -17.37 20.80 -22.77
C3' FAD P . -18.37 22.68 -21.62
O3' FAD P . -18.58 23.22 -20.31
C4' FAD P . -19.69 22.69 -22.37
O4' FAD P . -19.47 22.24 -23.71
C5' FAD P . -20.29 24.10 -22.40
O5' FAD P . -21.39 24.11 -23.29
P FAD P . -21.92 25.50 -23.87
O1P FAD P . -23.21 25.22 -24.60
O2P FAD P . -21.91 26.53 -22.78
O3P FAD P . -20.75 25.92 -24.91
PB ADP Q . -8.46 27.73 -13.70
O1B ADP Q . -9.31 27.98 -14.92
O2B ADP Q . -7.59 28.88 -13.29
O3B ADP Q . -9.19 27.06 -12.54
PA ADP Q . -7.78 25.32 -15.05
O1A ADP Q . -8.42 25.78 -16.35
O2A ADP Q . -8.52 24.33 -14.18
O3A ADP Q . -7.39 26.61 -14.17
O5' ADP Q . -6.33 24.70 -15.39
C5' ADP Q . -5.24 25.53 -15.82
C4' ADP Q . -4.02 25.34 -14.93
O4' ADP Q . -2.85 25.79 -15.63
C3' ADP Q . -4.08 26.12 -13.63
O3' ADP Q . -3.93 25.23 -12.52
C2' ADP Q . -2.95 27.13 -13.68
O2' ADP Q . -2.25 27.24 -12.44
C1' ADP Q . -2.03 26.62 -14.79
N9 ADP Q . -1.36 27.71 -15.55
C8 ADP Q . -1.89 28.86 -16.01
N7 ADP Q . -0.95 29.61 -16.65
C5 ADP Q . 0.21 28.93 -16.62
C6 ADP Q . 1.59 29.15 -17.11
N6 ADP Q . 1.93 30.28 -17.79
N1 ADP Q . 2.51 28.18 -16.87
C2 ADP Q . 2.19 27.05 -16.19
N3 ADP Q . 0.96 26.79 -15.72
C4 ADP Q . -0.07 27.68 -15.90
#